data_3PV5
#
_entry.id   3PV5
#
_cell.length_a   137.110
_cell.length_b   137.110
_cell.length_c   326.911
_cell.angle_alpha   90.000
_cell.angle_beta   90.000
_cell.angle_gamma   120.000
#
_symmetry.space_group_name_H-M   'H 3'
#
loop_
_entity.id
_entity.type
_entity.pdbx_description
1 polymer DegQ
2 water water
#
_entity_poly.entity_id   1
_entity_poly.type   'polypeptide(L)'
_entity_poly.pdbx_seq_one_letter_code
;MRGSHHHHHHGSAEPPNMPSMAPVLKNIMPAIVNVAVQGYLPNDVTPPGSAGNDEENQPNNRPPQSRMPEKGRKFESIGS
GVIIDPNNGVIITNDHVIRNASLITVTLQDGRRLKARLIGGDSETDLAVLKIDAKNLKSLVIGDSDKLEVGDFVVAIGNP
FGLNSFGNSQSATFGIVSALKRSDLNIEGVENFIQTDAAIGGGNSGGALVNAKGELIGINTAILSPYGGNVGIGFAIPIN
MVKDVAQQIIKFGSIHRGLMGIFVQHLTPELAQAMGYPEDFQGALVSQVNPNSPAELAGLKAGDIITQINDTKITQATQV
KTTISLLRVGSTVKIIVERDNKPLTLSAVVTDIKSHEQKLQSNNPFLYGLALRAFEQESPPHGNVIGVQVVGASENSAGW
RAGIRPGDIIISANKKPVTDVKSLQTIAQEKKKELLVQVLRGPGSMYLLVI
;
_entity_poly.pdbx_strand_id   A,B,C,D
#
# COMPACT_ATOMS: atom_id res chain seq x y z
N MET A 18 -67.42 -4.00 -27.95
CA MET A 18 -66.69 -4.27 -26.68
C MET A 18 -65.23 -3.70 -26.75
N PRO A 19 -64.95 -2.61 -25.99
CA PRO A 19 -63.62 -1.99 -26.06
C PRO A 19 -62.52 -2.83 -25.39
N SER A 20 -61.28 -2.64 -25.86
CA SER A 20 -60.16 -3.54 -25.55
C SER A 20 -58.94 -2.92 -26.19
N MET A 21 -57.80 -3.07 -25.55
CA MET A 21 -56.54 -2.63 -26.11
C MET A 21 -55.95 -3.74 -26.99
N ALA A 22 -56.62 -4.89 -27.06
CA ALA A 22 -56.07 -6.07 -27.72
C ALA A 22 -55.73 -5.84 -29.19
N PRO A 23 -56.58 -5.13 -29.94
CA PRO A 23 -56.23 -5.02 -31.32
C PRO A 23 -54.97 -4.20 -31.52
N VAL A 24 -54.84 -3.05 -30.89
CA VAL A 24 -53.65 -2.27 -31.13
C VAL A 24 -52.38 -2.99 -30.63
N LEU A 25 -52.47 -3.69 -29.51
CA LEU A 25 -51.27 -4.33 -28.96
C LEU A 25 -50.78 -5.52 -29.81
N LYS A 26 -51.72 -6.23 -30.42
CA LYS A 26 -51.34 -7.40 -31.17
C LYS A 26 -50.43 -7.00 -32.35
N ASN A 27 -50.79 -5.90 -32.99
CA ASN A 27 -49.97 -5.30 -34.04
C ASN A 27 -48.61 -4.76 -33.63
N ILE A 28 -48.48 -4.22 -32.42
CA ILE A 28 -47.21 -3.60 -32.08
C ILE A 28 -46.29 -4.46 -31.23
N MET A 29 -46.82 -5.51 -30.65
CA MET A 29 -46.05 -6.41 -29.84
C MET A 29 -44.73 -6.95 -30.50
N PRO A 30 -44.74 -7.29 -31.80
CA PRO A 30 -43.51 -7.82 -32.37
C PRO A 30 -42.36 -6.80 -32.28
N ALA A 31 -42.73 -5.51 -32.15
CA ALA A 31 -41.76 -4.44 -32.10
C ALA A 31 -40.98 -4.45 -30.84
N ILE A 32 -41.49 -5.15 -29.81
CA ILE A 32 -40.83 -5.21 -28.51
C ILE A 32 -40.09 -6.47 -28.37
N VAL A 33 -38.92 -6.39 -27.77
CA VAL A 33 -38.01 -7.47 -27.75
C VAL A 33 -37.39 -7.63 -26.41
N ASN A 34 -36.71 -8.75 -26.26
CA ASN A 34 -36.01 -9.07 -25.08
C ASN A 34 -34.55 -8.82 -25.28
N VAL A 35 -33.86 -8.31 -24.26
CA VAL A 35 -32.45 -7.98 -24.35
C VAL A 35 -31.72 -8.65 -23.24
N ALA A 36 -30.84 -9.59 -23.59
CA ALA A 36 -30.10 -10.39 -22.59
C ALA A 36 -28.58 -10.09 -22.69
N VAL A 37 -27.91 -9.96 -21.56
CA VAL A 37 -26.57 -9.44 -21.51
C VAL A 37 -25.78 -10.33 -20.62
N GLN A 38 -24.54 -10.61 -21.03
CA GLN A 38 -23.56 -11.32 -20.18
C GLN A 38 -22.33 -10.44 -20.10
N GLY A 39 -21.68 -10.43 -18.97
CA GLY A 39 -20.51 -9.60 -18.81
C GLY A 39 -19.78 -9.86 -17.53
N TYR A 40 -18.80 -8.99 -17.25
CA TYR A 40 -18.08 -8.96 -15.98
C TYR A 40 -18.13 -7.52 -15.41
N LEU A 41 -18.19 -7.41 -14.09
CA LEU A 41 -18.53 -6.13 -13.43
C LEU A 41 -17.33 -5.19 -13.23
N ARG A 73 -16.20 -10.05 -11.77
CA ARG A 73 -17.24 -11.08 -11.58
C ARG A 73 -18.26 -11.11 -12.73
N LYS A 74 -18.57 -12.30 -13.26
CA LYS A 74 -19.55 -12.40 -14.34
C LYS A 74 -20.96 -12.16 -13.83
N PHE A 75 -21.79 -11.58 -14.71
CA PHE A 75 -23.16 -11.21 -14.36
C PHE A 75 -24.07 -11.45 -15.56
N GLU A 76 -25.34 -11.62 -15.25
CA GLU A 76 -26.42 -11.66 -16.24
C GLU A 76 -27.32 -10.46 -15.96
N SER A 77 -28.21 -10.17 -16.89
CA SER A 77 -29.05 -9.02 -16.78
C SER A 77 -29.93 -9.07 -18.00
N ILE A 78 -31.22 -8.79 -17.82
CA ILE A 78 -32.13 -8.83 -18.91
C ILE A 78 -33.07 -7.65 -18.79
N GLY A 79 -33.41 -7.08 -19.93
CA GLY A 79 -34.38 -6.04 -20.03
C GLY A 79 -35.04 -6.15 -21.38
N SER A 80 -35.63 -5.07 -21.84
CA SER A 80 -36.41 -5.07 -23.02
C SER A 80 -35.79 -4.05 -23.95
N GLY A 81 -36.34 -3.98 -25.16
CA GLY A 81 -35.85 -3.09 -26.23
C GLY A 81 -36.98 -2.84 -27.19
N VAL A 82 -36.91 -1.80 -27.98
CA VAL A 82 -37.94 -1.51 -28.97
C VAL A 82 -37.30 -1.31 -30.36
N ILE A 83 -37.94 -1.83 -31.37
CA ILE A 83 -37.40 -1.74 -32.68
C ILE A 83 -37.97 -0.50 -33.23
N ILE A 84 -37.09 0.45 -33.52
CA ILE A 84 -37.55 1.70 -34.11
C ILE A 84 -37.27 1.87 -35.59
N ASP A 85 -36.38 1.05 -36.17
CA ASP A 85 -36.18 1.00 -37.65
C ASP A 85 -36.07 -0.44 -38.16
N PRO A 86 -37.17 -0.98 -38.73
CA PRO A 86 -37.19 -2.41 -39.05
C PRO A 86 -36.31 -2.72 -40.24
N ASN A 87 -36.13 -1.73 -41.11
CA ASN A 87 -35.31 -1.91 -42.31
C ASN A 87 -33.85 -2.06 -42.00
N ASN A 88 -33.35 -1.43 -40.92
CA ASN A 88 -31.92 -1.56 -40.55
C ASN A 88 -31.61 -2.24 -39.22
N GLY A 89 -32.64 -2.74 -38.54
CA GLY A 89 -32.42 -3.51 -37.33
C GLY A 89 -32.05 -2.67 -36.11
N VAL A 90 -32.55 -1.45 -36.06
CA VAL A 90 -32.13 -0.52 -35.03
C VAL A 90 -33.09 -0.62 -33.86
N ILE A 91 -32.55 -1.10 -32.74
CA ILE A 91 -33.26 -1.25 -31.51
C ILE A 91 -32.84 -0.21 -30.42
N ILE A 92 -33.82 0.31 -29.66
CA ILE A 92 -33.52 1.15 -28.47
C ILE A 92 -33.75 0.39 -27.16
N THR A 93 -32.78 0.44 -26.26
CA THR A 93 -33.01 0.04 -24.89
C THR A 93 -32.40 1.17 -23.97
N ASN A 94 -32.34 0.93 -22.65
CA ASN A 94 -31.62 1.81 -21.72
C ASN A 94 -30.13 1.46 -21.64
N ASP A 95 -29.30 2.49 -21.41
CA ASP A 95 -27.91 2.32 -21.24
C ASP A 95 -27.62 1.42 -20.13
N HIS A 96 -28.40 1.54 -19.05
CA HIS A 96 -28.08 0.70 -17.89
C HIS A 96 -28.40 -0.78 -18.16
N VAL A 97 -29.22 -1.10 -19.17
CA VAL A 97 -29.50 -2.50 -19.45
C VAL A 97 -28.23 -3.20 -20.03
N ILE A 98 -27.50 -2.48 -20.86
CA ILE A 98 -26.38 -3.03 -21.62
C ILE A 98 -24.98 -2.63 -21.16
N ARG A 99 -24.83 -1.79 -20.14
CA ARG A 99 -23.52 -1.44 -19.63
C ARG A 99 -22.77 -2.67 -19.24
N ASN A 100 -21.44 -2.61 -19.35
CA ASN A 100 -20.54 -3.71 -18.98
C ASN A 100 -20.78 -5.00 -19.78
N ALA A 101 -21.50 -4.94 -20.91
CA ALA A 101 -21.78 -6.17 -21.67
C ALA A 101 -20.57 -6.65 -22.45
N SER A 102 -20.27 -7.92 -22.35
CA SER A 102 -19.43 -8.52 -23.40
C SER A 102 -20.29 -9.18 -24.50
N LEU A 103 -21.48 -9.66 -24.12
CA LEU A 103 -22.47 -10.29 -25.03
C LEU A 103 -23.86 -9.71 -24.87
N ILE A 104 -24.51 -9.40 -26.00
CA ILE A 104 -25.88 -8.95 -26.05
C ILE A 104 -26.65 -9.72 -27.09
N THR A 105 -27.67 -10.43 -26.65
CA THR A 105 -28.61 -11.21 -27.47
C THR A 105 -30.07 -10.74 -27.37
N VAL A 106 -30.65 -10.39 -28.52
CA VAL A 106 -32.05 -10.02 -28.72
C VAL A 106 -32.87 -11.26 -29.12
N THR A 107 -33.97 -11.47 -28.39
CA THR A 107 -34.97 -12.50 -28.69
C THR A 107 -36.19 -11.75 -29.20
N LEU A 108 -36.66 -12.10 -30.40
CA LEU A 108 -37.89 -11.57 -30.98
C LEU A 108 -39.07 -12.42 -30.59
N GLN A 109 -40.28 -11.85 -30.68
CA GLN A 109 -41.55 -12.55 -30.44
C GLN A 109 -41.66 -13.80 -31.30
N ASP A 110 -41.17 -13.70 -32.57
CA ASP A 110 -41.14 -14.81 -33.51
C ASP A 110 -40.22 -15.97 -33.16
N GLY A 111 -39.34 -15.81 -32.21
CA GLY A 111 -38.51 -16.93 -31.74
C GLY A 111 -37.01 -16.75 -31.97
N ARG A 112 -36.60 -15.96 -32.94
CA ARG A 112 -35.17 -15.86 -33.25
C ARG A 112 -34.40 -15.29 -32.04
N ARG A 113 -33.28 -15.94 -31.68
CA ARG A 113 -32.35 -15.37 -30.75
C ARG A 113 -31.12 -14.84 -31.54
N LEU A 114 -30.94 -13.51 -31.58
CA LEU A 114 -30.02 -12.80 -32.48
C LEU A 114 -28.90 -12.09 -31.73
N LYS A 115 -27.67 -12.23 -32.21
CA LYS A 115 -26.50 -11.52 -31.67
C LYS A 115 -26.67 -10.05 -31.94
N ALA A 116 -26.53 -9.18 -30.95
CA ALA A 116 -26.72 -7.76 -31.27
C ALA A 116 -25.42 -6.97 -31.12
N ARG A 117 -25.32 -5.91 -31.89
CA ARG A 117 -24.18 -4.97 -31.78
C ARG A 117 -24.62 -3.68 -31.07
N LEU A 118 -23.77 -3.17 -30.20
CA LEU A 118 -23.86 -1.78 -29.66
C LEU A 118 -23.34 -0.78 -30.63
N ILE A 119 -24.20 0.05 -31.14
CA ILE A 119 -23.80 1.16 -31.94
C ILE A 119 -23.30 2.37 -31.09
N GLY A 120 -23.90 2.53 -29.93
CA GLY A 120 -23.50 3.49 -28.95
C GLY A 120 -24.58 3.76 -27.89
N GLY A 121 -24.13 4.12 -26.71
CA GLY A 121 -24.99 4.55 -25.63
C GLY A 121 -24.64 5.89 -24.95
N ASP A 122 -25.58 6.36 -24.15
CA ASP A 122 -25.51 7.68 -23.54
C ASP A 122 -26.02 7.57 -22.15
N SER A 123 -25.12 7.45 -21.17
CA SER A 123 -25.52 7.20 -19.83
C SER A 123 -26.34 8.34 -19.18
N GLU A 124 -26.23 9.56 -19.67
CA GLU A 124 -26.89 10.65 -19.00
C GLU A 124 -28.38 10.59 -19.27
N THR A 125 -28.76 10.38 -20.54
CA THR A 125 -30.14 10.19 -20.88
C THR A 125 -30.58 8.74 -20.67
N ASP A 126 -29.71 7.90 -20.19
CA ASP A 126 -29.97 6.44 -20.03
C ASP A 126 -30.51 5.67 -21.26
N LEU A 127 -29.96 5.96 -22.41
CA LEU A 127 -30.36 5.34 -23.65
C LEU A 127 -29.17 4.63 -24.33
N ALA A 128 -29.47 3.61 -25.14
CA ALA A 128 -28.45 2.86 -25.89
C ALA A 128 -29.10 2.30 -27.13
N VAL A 129 -28.36 2.38 -28.25
CA VAL A 129 -28.86 1.99 -29.56
C VAL A 129 -28.16 0.73 -30.00
N LEU A 130 -28.94 -0.21 -30.54
CA LEU A 130 -28.41 -1.54 -30.90
C LEU A 130 -28.75 -1.88 -32.34
N LYS A 131 -27.89 -2.70 -32.94
CA LYS A 131 -28.15 -3.23 -34.30
C LYS A 131 -28.20 -4.72 -34.25
N ILE A 132 -29.17 -5.27 -34.95
CA ILE A 132 -29.24 -6.72 -35.26
C ILE A 132 -29.35 -6.82 -36.75
N ASP A 133 -28.75 -7.86 -37.36
CA ASP A 133 -28.84 -7.98 -38.84
C ASP A 133 -29.87 -9.10 -39.10
N ALA A 134 -31.03 -8.74 -39.60
CA ALA A 134 -32.14 -9.70 -39.76
C ALA A 134 -33.25 -9.05 -40.53
N LYS A 135 -34.05 -9.88 -41.20
CA LYS A 135 -35.11 -9.32 -42.05
C LYS A 135 -36.44 -9.70 -41.46
N ASN A 136 -37.49 -9.32 -42.17
CA ASN A 136 -38.81 -9.56 -41.62
C ASN A 136 -38.97 -9.06 -40.16
N LEU A 137 -38.71 -7.79 -39.99
CA LEU A 137 -38.82 -7.18 -38.70
C LEU A 137 -39.97 -6.20 -38.72
N LYS A 138 -40.56 -6.05 -37.55
CA LYS A 138 -41.62 -5.09 -37.33
C LYS A 138 -41.26 -3.97 -36.33
N SER A 139 -41.81 -2.78 -36.59
CA SER A 139 -41.79 -1.65 -35.67
C SER A 139 -43.21 -1.11 -35.42
N LEU A 140 -43.33 0.17 -35.08
CA LEU A 140 -44.64 0.79 -34.81
C LEU A 140 -44.62 2.24 -35.15
N VAL A 141 -45.79 2.87 -35.19
CA VAL A 141 -45.70 4.29 -35.45
C VAL A 141 -45.10 5.06 -34.24
N ILE A 142 -44.09 5.87 -34.53
CA ILE A 142 -43.44 6.71 -33.53
C ILE A 142 -44.37 7.90 -33.33
N GLY A 143 -44.50 8.40 -32.11
CA GLY A 143 -45.46 9.50 -31.86
C GLY A 143 -44.73 10.71 -31.35
N ASP A 144 -45.49 11.71 -30.97
CA ASP A 144 -44.93 12.95 -30.46
C ASP A 144 -45.23 13.06 -28.99
N SER A 145 -44.18 12.98 -28.19
CA SER A 145 -44.33 12.98 -26.80
C SER A 145 -44.52 14.37 -26.21
N ASP A 146 -44.35 15.42 -27.03
CA ASP A 146 -44.67 16.82 -26.55
C ASP A 146 -46.18 16.96 -26.39
N LYS A 147 -46.95 16.07 -27.03
CA LYS A 147 -48.40 16.14 -27.12
C LYS A 147 -49.15 15.41 -26.01
N LEU A 148 -48.41 14.77 -25.10
CA LEU A 148 -49.00 14.02 -24.00
C LEU A 148 -49.62 14.87 -22.92
N GLU A 149 -50.75 14.40 -22.37
CA GLU A 149 -51.35 15.01 -21.21
C GLU A 149 -51.67 14.03 -20.09
N VAL A 150 -51.53 14.55 -18.87
CA VAL A 150 -51.97 13.89 -17.65
C VAL A 150 -53.38 13.49 -17.88
N GLY A 151 -53.65 12.20 -17.72
CA GLY A 151 -54.98 11.66 -18.01
C GLY A 151 -55.13 10.81 -19.25
N ASP A 152 -54.18 10.86 -20.16
CA ASP A 152 -54.23 10.00 -21.36
C ASP A 152 -53.94 8.57 -20.94
N PHE A 153 -54.65 7.66 -21.56
CA PHE A 153 -54.41 6.25 -21.32
C PHE A 153 -53.20 5.78 -22.07
N VAL A 154 -52.40 4.95 -21.39
CA VAL A 154 -51.19 4.38 -21.91
C VAL A 154 -51.06 2.88 -21.63
N VAL A 155 -50.16 2.20 -22.35
CA VAL A 155 -49.81 0.82 -22.02
C VAL A 155 -48.34 0.78 -22.03
N ALA A 156 -47.75 0.21 -20.97
CA ALA A 156 -46.35 -0.09 -20.87
C ALA A 156 -46.12 -1.56 -21.19
N ILE A 157 -45.25 -1.84 -22.17
CA ILE A 157 -44.99 -3.21 -22.66
C ILE A 157 -43.56 -3.49 -22.41
N GLY A 158 -43.35 -4.52 -21.60
CA GLY A 158 -42.03 -4.88 -21.18
C GLY A 158 -42.04 -5.70 -19.90
N ASN A 159 -41.29 -6.79 -19.86
CA ASN A 159 -41.27 -7.64 -18.67
C ASN A 159 -40.64 -6.94 -17.48
N PRO A 160 -41.21 -7.10 -16.28
CA PRO A 160 -40.52 -6.68 -15.05
C PRO A 160 -39.21 -7.44 -14.82
N PHE A 161 -38.40 -7.04 -13.86
CA PHE A 161 -37.10 -7.73 -13.60
C PHE A 161 -37.27 -9.26 -13.31
N GLY A 162 -38.33 -9.61 -12.60
CA GLY A 162 -38.59 -11.05 -12.35
C GLY A 162 -38.85 -11.93 -13.58
N LEU A 163 -39.70 -11.43 -14.50
CA LEU A 163 -40.65 -12.25 -15.29
C LEU A 163 -40.24 -12.76 -16.70
N ASN A 164 -41.11 -13.66 -17.20
CA ASN A 164 -41.01 -14.41 -18.49
C ASN A 164 -39.72 -14.27 -19.26
N SER A 165 -38.64 -14.70 -18.63
CA SER A 165 -37.37 -14.74 -19.31
C SER A 165 -37.50 -15.61 -20.59
N PHE A 166 -38.34 -16.65 -20.53
CA PHE A 166 -38.28 -17.76 -21.50
C PHE A 166 -39.32 -17.82 -22.63
N GLY A 167 -40.29 -16.92 -22.66
CA GLY A 167 -41.46 -17.12 -23.55
C GLY A 167 -41.55 -16.34 -24.86
N ASN A 168 -40.59 -15.48 -25.18
CA ASN A 168 -40.73 -14.49 -26.30
C ASN A 168 -41.98 -13.62 -26.12
N SER A 169 -42.44 -13.44 -24.87
CA SER A 169 -43.72 -12.74 -24.61
C SER A 169 -43.44 -11.57 -23.65
N GLN A 170 -43.96 -10.41 -24.02
CA GLN A 170 -43.65 -9.23 -23.24
C GLN A 170 -44.89 -8.82 -22.46
N SER A 171 -44.78 -8.70 -21.14
CA SER A 171 -45.95 -8.30 -20.34
C SER A 171 -46.44 -6.91 -20.69
N ALA A 172 -47.77 -6.77 -20.75
CA ALA A 172 -48.40 -5.47 -20.92
C ALA A 172 -49.14 -4.99 -19.63
N THR A 173 -49.08 -3.69 -19.34
CA THR A 173 -49.80 -3.10 -18.23
C THR A 173 -50.41 -1.76 -18.57
N PHE A 174 -51.59 -1.48 -18.02
CA PHE A 174 -52.46 -0.36 -18.49
C PHE A 174 -52.69 0.73 -17.41
N GLY A 175 -52.74 1.98 -17.87
CA GLY A 175 -53.02 3.10 -16.97
C GLY A 175 -53.14 4.45 -17.63
N ILE A 176 -52.86 5.49 -16.84
CA ILE A 176 -52.83 6.84 -17.41
C ILE A 176 -51.50 7.47 -17.17
N VAL A 177 -51.18 8.49 -17.95
CA VAL A 177 -50.06 9.41 -17.59
C VAL A 177 -50.41 10.12 -16.27
N SER A 178 -49.60 10.05 -15.22
CA SER A 178 -49.90 10.69 -13.92
C SER A 178 -49.29 12.08 -13.78
N ALA A 179 -48.10 12.27 -14.35
CA ALA A 179 -47.41 13.58 -14.33
C ALA A 179 -46.39 13.69 -15.48
N LEU A 180 -46.29 14.87 -16.07
CA LEU A 180 -45.36 15.12 -17.13
C LEU A 180 -43.98 15.42 -16.63
N LYS A 181 -43.00 15.16 -17.48
CA LYS A 181 -41.58 15.30 -17.15
C LYS A 181 -41.34 16.75 -16.69
N ARG A 182 -40.41 16.92 -15.75
CA ARG A 182 -40.21 18.23 -15.14
C ARG A 182 -38.78 18.56 -14.65
N SER A 183 -37.74 18.01 -15.29
CA SER A 183 -36.37 18.25 -14.81
C SER A 183 -35.88 19.65 -15.18
N VAL A 190 -36.77 11.37 -10.15
CA VAL A 190 -38.16 11.13 -10.58
C VAL A 190 -38.70 12.30 -11.47
N GLU A 191 -38.22 13.49 -11.14
CA GLU A 191 -38.54 14.69 -11.91
C GLU A 191 -38.15 14.56 -13.42
N ASN A 192 -37.10 13.78 -13.70
CA ASN A 192 -36.57 13.61 -15.08
C ASN A 192 -37.42 12.79 -16.11
N PHE A 193 -38.53 12.15 -15.72
CA PHE A 193 -39.27 11.33 -16.74
C PHE A 193 -40.78 11.51 -16.87
N ILE A 194 -41.39 11.01 -17.94
CA ILE A 194 -42.86 10.89 -17.99
C ILE A 194 -43.24 9.89 -16.86
N GLN A 195 -44.31 10.17 -16.15
CA GLN A 195 -44.67 9.33 -15.07
C GLN A 195 -46.09 8.88 -15.30
N THR A 196 -46.36 7.65 -14.90
CA THR A 196 -47.52 6.88 -15.23
C THR A 196 -47.97 6.12 -13.98
N ASP A 197 -49.21 5.57 -13.95
CA ASP A 197 -49.55 4.46 -13.01
C ASP A 197 -49.68 3.06 -13.69
N ALA A 198 -48.95 2.88 -14.78
CA ALA A 198 -48.85 1.61 -15.52
C ALA A 198 -47.55 0.93 -15.15
N ALA A 199 -47.52 0.27 -14.03
CA ALA A 199 -46.29 -0.48 -13.76
C ALA A 199 -46.52 -1.79 -13.13
N ILE A 200 -45.67 -2.74 -13.43
CA ILE A 200 -45.78 -4.03 -12.82
C ILE A 200 -44.42 -4.48 -12.36
N GLY A 201 -44.37 -5.15 -11.20
CA GLY A 201 -43.15 -5.77 -10.72
C GLY A 201 -42.01 -4.77 -10.49
N GLY A 202 -42.36 -3.53 -10.18
CA GLY A 202 -41.34 -2.50 -9.99
C GLY A 202 -40.90 -1.88 -11.28
N GLY A 203 -41.57 -2.25 -12.37
CA GLY A 203 -41.46 -1.53 -13.63
C GLY A 203 -40.58 -2.20 -14.68
N ASN A 204 -40.68 -1.74 -15.90
CA ASN A 204 -39.81 -2.21 -16.97
C ASN A 204 -38.76 -1.16 -17.49
N SER A 205 -37.60 -1.69 -17.86
CA SER A 205 -36.52 -0.97 -18.54
C SER A 205 -36.34 -1.39 -20.01
N GLY A 206 -36.49 -0.46 -20.94
CA GLY A 206 -36.02 -0.66 -22.29
C GLY A 206 -37.18 -0.83 -23.19
N GLY A 207 -38.33 -1.18 -22.57
CA GLY A 207 -39.58 -1.39 -23.26
C GLY A 207 -40.27 -0.16 -23.73
N ALA A 208 -41.41 -0.37 -24.35
CA ALA A 208 -42.20 0.64 -24.94
C ALA A 208 -43.31 1.18 -24.03
N LEU A 209 -43.50 2.51 -24.08
CA LEU A 209 -44.69 3.13 -23.61
C LEU A 209 -45.44 3.59 -24.84
N VAL A 210 -46.68 3.19 -24.94
CA VAL A 210 -47.47 3.57 -26.08
C VAL A 210 -48.75 4.22 -25.65
N ASN A 211 -49.35 5.02 -26.52
CA ASN A 211 -50.63 5.64 -26.24
C ASN A 211 -51.74 4.77 -26.73
N ALA A 212 -52.96 5.24 -26.54
CA ALA A 212 -54.18 4.51 -26.86
C ALA A 212 -54.23 4.13 -28.30
N LYS A 213 -53.55 4.85 -29.17
CA LYS A 213 -53.56 4.49 -30.59
C LYS A 213 -52.49 3.46 -30.92
N GLY A 214 -51.56 3.20 -30.01
CA GLY A 214 -50.51 2.31 -30.33
C GLY A 214 -49.24 2.95 -30.75
N GLU A 215 -49.14 4.28 -30.66
CA GLU A 215 -47.92 4.95 -31.05
C GLU A 215 -46.91 4.95 -29.92
N LEU A 216 -45.64 4.83 -30.26
CA LEU A 216 -44.59 4.90 -29.24
C LEU A 216 -44.43 6.38 -28.73
N ILE A 217 -44.72 6.60 -27.46
CA ILE A 217 -44.59 7.92 -26.82
C ILE A 217 -43.42 7.98 -25.82
N GLY A 218 -42.82 6.85 -25.49
CA GLY A 218 -41.61 6.86 -24.68
C GLY A 218 -41.01 5.47 -24.51
N ILE A 219 -39.93 5.40 -23.77
CA ILE A 219 -39.18 4.22 -23.56
C ILE A 219 -39.03 4.02 -22.09
N ASN A 220 -39.37 2.83 -21.57
CA ASN A 220 -39.65 2.69 -20.16
C ASN A 220 -38.39 2.69 -19.38
N THR A 221 -38.44 3.08 -18.11
CA THR A 221 -37.23 2.84 -17.33
C THR A 221 -37.54 2.52 -15.89
N ALA A 222 -36.73 1.72 -15.21
CA ALA A 222 -37.08 1.27 -13.82
C ALA A 222 -36.16 1.70 -12.68
N ILE A 223 -36.42 2.84 -12.03
CA ILE A 223 -35.55 3.28 -10.87
C ILE A 223 -36.05 2.68 -9.53
N LEU A 224 -35.15 2.43 -8.57
CA LEU A 224 -35.48 1.66 -7.34
C LEU A 224 -36.06 2.53 -6.20
N ASN A 230 -41.79 3.97 -4.73
CA ASN A 230 -42.54 4.37 -5.95
C ASN A 230 -43.54 3.28 -6.41
N VAL A 231 -44.03 2.47 -5.47
CA VAL A 231 -44.92 1.38 -5.82
C VAL A 231 -46.07 1.81 -6.74
N GLY A 232 -46.32 1.05 -7.80
CA GLY A 232 -47.39 1.35 -8.77
C GLY A 232 -47.11 2.51 -9.72
N ILE A 233 -45.92 3.09 -9.63
CA ILE A 233 -45.55 4.19 -10.53
C ILE A 233 -44.60 3.75 -11.67
N GLY A 234 -44.95 4.06 -12.88
CA GLY A 234 -44.08 3.72 -14.04
C GLY A 234 -43.46 4.94 -14.62
N PHE A 235 -42.22 4.79 -15.12
CA PHE A 235 -41.47 5.92 -15.70
C PHE A 235 -41.12 5.72 -17.15
N ALA A 236 -41.09 6.80 -17.93
CA ALA A 236 -40.71 6.69 -19.33
C ALA A 236 -39.87 7.87 -19.83
N ILE A 237 -38.90 7.54 -20.68
CA ILE A 237 -38.06 8.55 -21.29
C ILE A 237 -38.81 8.93 -22.54
N PRO A 238 -39.16 10.20 -22.70
CA PRO A 238 -40.07 10.61 -23.80
C PRO A 238 -39.49 10.42 -25.19
N ILE A 239 -40.33 10.10 -26.15
CA ILE A 239 -39.82 9.57 -27.40
C ILE A 239 -39.14 10.67 -28.24
N ASN A 240 -39.66 11.90 -28.20
CA ASN A 240 -39.00 13.04 -28.88
C ASN A 240 -37.52 13.12 -28.49
N MET A 241 -37.18 12.99 -27.24
CA MET A 241 -35.80 13.06 -26.87
C MET A 241 -35.08 11.82 -27.43
N VAL A 242 -35.76 10.68 -27.44
CA VAL A 242 -35.10 9.42 -27.77
C VAL A 242 -34.69 9.48 -29.24
N LYS A 243 -35.58 9.93 -30.07
CA LYS A 243 -35.35 10.10 -31.48
C LYS A 243 -34.01 10.80 -31.70
N ASP A 244 -33.83 11.97 -31.08
CA ASP A 244 -32.66 12.78 -31.33
C ASP A 244 -31.40 12.12 -30.82
N VAL A 245 -31.44 11.41 -29.70
CA VAL A 245 -30.19 10.75 -29.28
C VAL A 245 -29.88 9.52 -30.12
N ALA A 246 -30.91 8.95 -30.74
CA ALA A 246 -30.75 7.84 -31.60
C ALA A 246 -30.05 8.30 -32.90
N GLN A 247 -30.58 9.30 -33.57
CA GLN A 247 -29.97 9.83 -34.80
C GLN A 247 -28.51 10.17 -34.52
N GLN A 248 -28.30 11.00 -33.54
CA GLN A 248 -26.95 11.36 -33.24
C GLN A 248 -26.01 10.21 -32.82
N ILE A 249 -26.49 9.23 -32.05
CA ILE A 249 -25.61 8.03 -31.82
C ILE A 249 -25.38 7.24 -33.13
N ILE A 250 -26.33 7.29 -34.04
CA ILE A 250 -26.25 6.52 -35.25
C ILE A 250 -25.19 7.14 -36.19
N LYS A 251 -25.30 8.46 -36.39
CA LYS A 251 -24.33 9.24 -37.16
C LYS A 251 -22.91 9.26 -36.56
N PHE A 252 -22.77 9.46 -35.25
CA PHE A 252 -21.43 9.70 -34.65
C PHE A 252 -20.93 8.70 -33.65
N GLY A 253 -21.79 7.79 -33.19
CA GLY A 253 -21.36 6.83 -32.17
C GLY A 253 -21.51 7.25 -30.72
N SER A 254 -21.76 8.52 -30.48
CA SER A 254 -22.02 9.00 -29.12
C SER A 254 -22.36 10.48 -29.16
N ILE A 255 -22.96 11.00 -28.09
CA ILE A 255 -23.28 12.42 -28.00
C ILE A 255 -22.02 13.14 -27.53
N HIS A 256 -21.57 14.15 -28.27
CA HIS A 256 -20.49 15.02 -27.76
C HIS A 256 -21.12 16.38 -27.35
N ARG A 257 -21.45 16.47 -26.07
CA ARG A 257 -22.07 17.68 -25.54
C ARG A 257 -21.11 18.85 -25.52
N GLY A 258 -21.61 19.98 -25.95
CA GLY A 258 -20.94 21.27 -25.80
C GLY A 258 -21.62 22.23 -24.82
N LEU A 259 -21.21 23.50 -24.90
CA LEU A 259 -21.54 24.47 -23.86
C LEU A 259 -22.27 25.58 -24.52
N MET A 260 -23.32 26.01 -23.83
CA MET A 260 -24.10 27.12 -24.22
C MET A 260 -24.13 28.21 -23.13
N GLY A 261 -24.40 27.76 -21.91
CA GLY A 261 -24.24 28.54 -20.71
C GLY A 261 -25.51 29.22 -20.28
N ILE A 262 -26.64 28.62 -20.65
CA ILE A 262 -28.00 29.12 -20.36
C ILE A 262 -28.64 28.29 -19.24
N PHE A 263 -28.82 28.86 -18.05
CA PHE A 263 -29.68 28.24 -17.03
C PHE A 263 -31.10 28.77 -17.16
N VAL A 264 -32.07 27.86 -17.15
CA VAL A 264 -33.46 28.19 -17.45
C VAL A 264 -34.39 27.75 -16.30
N GLN A 265 -35.56 28.38 -16.13
CA GLN A 265 -36.53 28.00 -15.07
C GLN A 265 -37.97 27.93 -15.55
N HIS A 266 -38.78 27.12 -14.92
CA HIS A 266 -40.17 27.06 -15.32
C HIS A 266 -40.83 28.42 -15.19
N LEU A 267 -41.43 28.95 -16.29
CA LEU A 267 -42.22 30.17 -16.23
C LEU A 267 -43.65 29.89 -15.73
N THR A 268 -43.90 30.09 -14.44
CA THR A 268 -45.25 29.88 -13.89
C THR A 268 -46.16 31.04 -14.29
N PRO A 269 -47.48 30.84 -14.20
CA PRO A 269 -48.38 31.92 -14.46
C PRO A 269 -48.03 33.07 -13.56
N GLU A 270 -47.80 32.79 -12.29
CA GLU A 270 -47.40 33.82 -11.32
C GLU A 270 -46.26 34.69 -11.84
N LEU A 271 -45.18 34.05 -12.28
CA LEU A 271 -44.01 34.73 -12.76
C LEU A 271 -44.28 35.48 -14.09
N ALA A 272 -44.96 34.83 -15.03
CA ALA A 272 -45.36 35.51 -16.25
C ALA A 272 -46.03 36.88 -15.95
N GLN A 273 -47.03 36.86 -15.08
CA GLN A 273 -47.77 38.08 -14.76
C GLN A 273 -46.86 39.09 -14.08
N ALA A 274 -46.06 38.65 -13.10
CA ALA A 274 -45.17 39.58 -12.41
C ALA A 274 -44.13 40.17 -13.37
N MET A 275 -43.89 39.50 -14.48
CA MET A 275 -42.96 40.03 -15.46
C MET A 275 -43.59 40.77 -16.66
N GLY A 276 -44.92 40.85 -16.65
CA GLY A 276 -45.67 41.75 -17.52
C GLY A 276 -46.21 41.11 -18.78
N TYR A 277 -46.64 39.84 -18.66
CA TYR A 277 -47.16 39.00 -19.71
C TYR A 277 -48.43 38.34 -19.12
N PRO A 278 -49.38 37.91 -19.95
CA PRO A 278 -50.58 37.19 -19.53
C PRO A 278 -50.33 35.85 -18.79
N GLU A 279 -51.31 35.47 -17.99
CA GLU A 279 -51.22 34.27 -17.15
C GLU A 279 -50.91 33.02 -17.95
N ASP A 280 -51.40 32.95 -19.15
CA ASP A 280 -51.26 31.76 -19.96
C ASP A 280 -50.03 31.82 -20.87
N PHE A 281 -49.21 32.86 -20.75
CA PHE A 281 -48.04 32.98 -21.63
C PHE A 281 -47.05 31.87 -21.35
N GLN A 282 -46.49 31.31 -22.43
CA GLN A 282 -45.54 30.21 -22.36
C GLN A 282 -44.17 30.52 -22.93
N GLY A 283 -43.18 29.85 -22.37
CA GLY A 283 -41.80 30.15 -22.66
C GLY A 283 -40.94 29.66 -21.52
N ALA A 284 -39.63 29.82 -21.70
CA ALA A 284 -38.68 29.36 -20.71
C ALA A 284 -37.93 30.57 -20.16
N LEU A 285 -37.91 30.70 -18.82
CA LEU A 285 -37.34 31.87 -18.17
C LEU A 285 -35.86 31.63 -18.02
N VAL A 286 -35.07 32.57 -18.51
CA VAL A 286 -33.66 32.51 -18.31
C VAL A 286 -33.36 33.09 -16.91
N SER A 287 -32.76 32.26 -16.07
CA SER A 287 -32.44 32.64 -14.69
C SER A 287 -31.02 33.13 -14.53
N GLN A 288 -30.14 32.74 -15.46
CA GLN A 288 -28.76 33.19 -15.40
C GLN A 288 -28.06 32.99 -16.73
N VAL A 289 -27.19 33.91 -17.09
CA VAL A 289 -26.34 33.81 -18.26
C VAL A 289 -24.90 34.00 -17.78
N ASN A 290 -24.06 32.98 -17.94
CA ASN A 290 -22.71 33.13 -17.42
C ASN A 290 -21.92 34.14 -18.28
N PRO A 291 -20.98 34.84 -17.68
CA PRO A 291 -19.94 35.61 -18.40
C PRO A 291 -19.05 34.78 -19.29
N ASN A 292 -18.74 35.36 -20.44
CA ASN A 292 -17.93 34.72 -21.48
C ASN A 292 -18.49 33.38 -21.98
N SER A 293 -19.80 33.22 -21.92
CA SER A 293 -20.46 32.05 -22.42
C SER A 293 -21.00 32.36 -23.80
N PRO A 294 -21.25 31.33 -24.61
CA PRO A 294 -21.89 31.51 -25.87
C PRO A 294 -23.22 32.24 -25.75
N ALA A 295 -24.03 31.94 -24.75
CA ALA A 295 -25.28 32.69 -24.58
C ALA A 295 -25.03 34.19 -24.35
N GLU A 296 -23.93 34.52 -23.68
CA GLU A 296 -23.64 35.93 -23.46
C GLU A 296 -23.18 36.60 -24.75
N LEU A 297 -22.26 35.98 -25.47
CA LEU A 297 -21.86 36.50 -26.79
C LEU A 297 -23.12 36.76 -27.62
N ALA A 298 -24.08 35.85 -27.58
CA ALA A 298 -25.29 36.00 -28.40
C ALA A 298 -26.28 37.11 -27.92
N GLY A 299 -26.10 37.65 -26.70
CA GLY A 299 -26.94 38.76 -26.23
C GLY A 299 -28.05 38.38 -25.25
N LEU A 300 -28.07 37.12 -24.84
CA LEU A 300 -29.05 36.65 -23.90
C LEU A 300 -28.82 37.30 -22.53
N LYS A 301 -29.91 37.74 -21.92
CA LYS A 301 -29.91 38.24 -20.55
C LYS A 301 -30.88 37.49 -19.63
N ALA A 302 -30.47 37.38 -18.39
CA ALA A 302 -31.37 37.01 -17.28
C ALA A 302 -32.65 37.81 -17.44
N GLY A 303 -33.77 37.11 -17.47
CA GLY A 303 -35.10 37.67 -17.49
C GLY A 303 -35.71 37.53 -18.85
N ASP A 304 -34.90 37.18 -19.84
CA ASP A 304 -35.42 36.89 -21.16
C ASP A 304 -36.34 35.68 -21.06
N ILE A 305 -37.35 35.62 -21.91
CA ILE A 305 -38.17 34.41 -21.96
C ILE A 305 -38.03 33.75 -23.29
N ILE A 306 -37.36 32.60 -23.31
CA ILE A 306 -37.11 31.90 -24.56
C ILE A 306 -38.39 31.30 -25.10
N THR A 307 -38.71 31.55 -26.38
CA THR A 307 -39.97 31.06 -26.99
C THR A 307 -39.82 30.13 -28.17
N GLN A 308 -38.65 30.15 -28.78
CA GLN A 308 -38.38 29.30 -29.87
C GLN A 308 -36.89 29.07 -29.85
N ILE A 309 -36.50 27.82 -30.02
CA ILE A 309 -35.13 27.49 -30.38
C ILE A 309 -35.17 26.72 -31.72
N ASN A 310 -34.25 27.10 -32.60
CA ASN A 310 -34.28 26.66 -33.99
C ASN A 310 -35.72 26.48 -34.47
N ASP A 311 -36.12 25.26 -34.75
CA ASP A 311 -37.45 25.03 -35.32
C ASP A 311 -38.50 24.70 -34.26
N THR A 312 -38.08 24.60 -32.98
CA THR A 312 -39.01 24.21 -31.93
C THR A 312 -39.51 25.40 -31.12
N LYS A 313 -40.83 25.44 -30.96
CA LYS A 313 -41.45 26.40 -30.14
C LYS A 313 -41.23 25.88 -28.71
N ILE A 314 -40.77 26.75 -27.83
CA ILE A 314 -40.63 26.45 -26.43
C ILE A 314 -41.84 26.96 -25.63
N THR A 315 -42.54 26.05 -24.99
CA THR A 315 -43.60 26.38 -24.05
C THR A 315 -43.29 25.95 -22.59
N GLN A 316 -42.13 25.32 -22.38
CA GLN A 316 -41.78 24.63 -21.16
C GLN A 316 -40.29 24.64 -20.95
N ALA A 317 -39.85 24.98 -19.75
CA ALA A 317 -38.42 25.10 -19.51
C ALA A 317 -37.68 23.77 -19.77
N THR A 318 -38.29 22.66 -19.36
CA THR A 318 -37.70 21.35 -19.56
C THR A 318 -37.35 21.05 -21.01
N GLN A 319 -38.15 21.57 -21.94
CA GLN A 319 -37.82 21.47 -23.35
C GLN A 319 -36.43 22.03 -23.66
N VAL A 320 -36.13 23.21 -23.14
CA VAL A 320 -34.94 23.91 -23.56
C VAL A 320 -33.74 23.10 -23.28
N LYS A 321 -33.68 22.60 -22.05
CA LYS A 321 -32.49 21.89 -21.58
C LYS A 321 -32.23 20.65 -22.36
N THR A 322 -33.27 19.95 -22.83
CA THR A 322 -33.05 18.75 -23.64
C THR A 322 -32.50 19.25 -24.97
N THR A 323 -33.29 19.92 -25.82
CA THR A 323 -32.76 20.40 -27.10
C THR A 323 -31.24 20.75 -27.09
N ILE A 324 -30.88 21.85 -26.47
CA ILE A 324 -29.49 22.35 -26.31
C ILE A 324 -28.45 21.27 -26.00
N SER A 325 -28.74 20.47 -24.98
CA SER A 325 -27.92 19.30 -24.63
C SER A 325 -27.47 18.57 -25.85
N LEU A 326 -28.43 18.04 -26.58
CA LEU A 326 -28.11 17.11 -27.66
C LEU A 326 -27.59 17.82 -28.89
N LEU A 327 -27.24 19.09 -28.74
CA LEU A 327 -26.80 19.88 -29.88
C LEU A 327 -25.27 19.91 -29.81
N ARG A 328 -24.63 19.90 -31.00
CA ARG A 328 -23.19 19.58 -31.13
C ARG A 328 -22.29 20.78 -31.29
N VAL A 329 -21.09 20.69 -30.73
CA VAL A 329 -20.19 21.84 -30.78
C VAL A 329 -20.03 22.20 -32.25
N GLY A 330 -20.06 23.49 -32.58
CA GLY A 330 -20.12 23.96 -33.96
C GLY A 330 -21.49 24.50 -34.37
N SER A 331 -22.57 23.93 -33.85
CA SER A 331 -23.94 24.30 -34.30
C SER A 331 -24.30 25.76 -34.02
N THR A 332 -24.70 26.51 -35.06
CA THR A 332 -25.30 27.82 -34.82
C THR A 332 -26.69 27.49 -34.32
N VAL A 333 -27.20 28.23 -33.34
CA VAL A 333 -28.56 27.96 -32.86
C VAL A 333 -29.35 29.27 -32.81
N LYS A 334 -30.56 29.21 -33.37
CA LYS A 334 -31.45 30.38 -33.37
C LYS A 334 -32.15 30.34 -32.05
N ILE A 335 -32.12 31.45 -31.33
CA ILE A 335 -32.91 31.56 -30.10
C ILE A 335 -33.84 32.75 -30.17
N ILE A 336 -35.13 32.51 -30.15
CA ILE A 336 -36.06 33.62 -30.08
C ILE A 336 -36.53 33.84 -28.65
N VAL A 337 -36.51 35.12 -28.27
CA VAL A 337 -36.60 35.55 -26.93
C VAL A 337 -37.63 36.64 -26.82
N GLU A 338 -38.29 36.72 -25.67
CA GLU A 338 -39.04 37.92 -25.38
C GLU A 338 -38.38 38.69 -24.22
N ARG A 339 -38.25 40.01 -24.36
CA ARG A 339 -37.57 40.83 -23.35
C ARG A 339 -38.39 42.08 -23.11
N ASP A 340 -38.94 42.20 -21.90
CA ASP A 340 -39.88 43.33 -21.58
C ASP A 340 -40.83 43.54 -22.76
N ASN A 341 -41.37 42.44 -23.25
CA ASN A 341 -42.44 42.47 -24.23
C ASN A 341 -42.05 42.80 -25.69
N LYS A 342 -40.76 42.95 -25.93
CA LYS A 342 -40.23 43.02 -27.31
C LYS A 342 -39.62 41.67 -27.71
N PRO A 343 -39.95 41.13 -28.90
CA PRO A 343 -39.18 39.97 -29.42
C PRO A 343 -37.79 40.31 -29.99
N LEU A 344 -36.78 39.49 -29.67
CA LEU A 344 -35.44 39.58 -30.26
C LEU A 344 -35.04 38.16 -30.68
N THR A 345 -34.34 38.08 -31.81
CA THR A 345 -33.80 36.83 -32.35
C THR A 345 -32.28 36.89 -32.17
N LEU A 346 -31.76 36.02 -31.31
CA LEU A 346 -30.32 35.97 -31.07
C LEU A 346 -29.79 34.76 -31.84
N SER A 347 -28.50 34.76 -32.12
CA SER A 347 -27.83 33.61 -32.75
C SER A 347 -26.55 33.29 -31.94
N ALA A 348 -26.33 32.00 -31.76
CA ALA A 348 -25.29 31.59 -30.88
C ALA A 348 -24.65 30.27 -31.31
N VAL A 349 -23.37 30.12 -30.99
CA VAL A 349 -22.60 28.99 -31.43
C VAL A 349 -22.19 28.12 -30.27
N VAL A 350 -22.55 26.85 -30.33
CA VAL A 350 -22.13 25.90 -29.31
C VAL A 350 -20.63 25.71 -29.32
N THR A 351 -19.97 25.75 -28.16
CA THR A 351 -18.55 25.58 -28.11
C THR A 351 -18.16 24.40 -27.26
N ASP A 352 -16.90 23.98 -27.42
CA ASP A 352 -16.37 22.84 -26.71
C ASP A 352 -15.98 23.24 -25.32
N ILE A 353 -16.42 22.45 -24.36
CA ILE A 353 -16.34 22.77 -22.95
C ILE A 353 -14.92 22.91 -22.50
N LYS A 354 -14.03 22.11 -23.09
CA LYS A 354 -12.62 22.15 -22.69
C LYS A 354 -11.95 23.35 -23.30
N SER A 355 -12.33 23.71 -24.52
CA SER A 355 -11.86 24.97 -25.12
C SER A 355 -12.27 26.17 -24.29
N HIS A 356 -13.49 26.17 -23.78
CA HIS A 356 -14.02 27.31 -23.05
C HIS A 356 -13.27 27.46 -21.76
N GLU A 357 -12.97 26.34 -21.13
CA GLU A 357 -12.24 26.40 -19.89
C GLU A 357 -10.83 26.91 -20.15
N GLN A 358 -10.24 26.51 -21.27
CA GLN A 358 -8.97 27.04 -21.73
C GLN A 358 -8.99 28.55 -21.87
N LYS A 359 -10.01 29.08 -22.53
CA LYS A 359 -10.09 30.51 -22.76
C LYS A 359 -10.04 31.16 -21.41
N LEU A 360 -10.89 30.72 -20.49
CA LEU A 360 -11.01 31.28 -19.15
C LEU A 360 -9.67 31.28 -18.44
N GLN A 361 -8.94 30.18 -18.55
CA GLN A 361 -7.67 30.01 -17.84
C GLN A 361 -6.60 30.90 -18.42
N SER A 362 -6.32 30.78 -19.71
CA SER A 362 -5.25 31.57 -20.35
C SER A 362 -5.57 33.09 -20.32
N ASN A 363 -6.82 33.43 -20.04
CA ASN A 363 -7.22 34.81 -19.89
C ASN A 363 -6.92 35.36 -18.48
N ASN A 364 -6.93 34.49 -17.47
CA ASN A 364 -6.78 34.87 -16.05
C ASN A 364 -5.88 33.81 -15.40
N PRO A 365 -4.64 33.68 -15.89
CA PRO A 365 -3.84 32.42 -15.68
C PRO A 365 -3.42 32.12 -14.26
N PHE A 366 -3.33 33.15 -13.44
CA PHE A 366 -2.90 32.90 -12.10
C PHE A 366 -4.07 32.80 -11.15
N LEU A 367 -5.23 33.40 -11.43
CA LEU A 367 -6.32 33.52 -10.41
C LEU A 367 -7.58 32.77 -10.74
N TYR A 368 -7.62 32.24 -11.94
CA TYR A 368 -8.63 31.36 -12.38
C TYR A 368 -8.95 30.25 -11.37
N GLY A 369 -10.24 30.07 -11.14
CA GLY A 369 -10.74 29.04 -10.26
C GLY A 369 -10.75 29.44 -8.79
N LEU A 370 -10.38 30.70 -8.51
CA LEU A 370 -10.35 31.17 -7.12
C LEU A 370 -11.58 32.07 -6.78
N ALA A 371 -12.14 31.98 -5.57
CA ALA A 371 -13.17 32.94 -5.12
C ALA A 371 -12.51 33.83 -4.13
N LEU A 372 -12.63 35.12 -4.34
CA LEU A 372 -11.81 36.12 -3.65
C LEU A 372 -12.70 37.20 -3.04
N ARG A 373 -12.39 37.72 -1.86
CA ARG A 373 -13.05 38.93 -1.34
C ARG A 373 -12.06 39.79 -0.63
N ALA A 374 -12.41 41.08 -0.53
CA ALA A 374 -11.59 42.02 0.24
C ALA A 374 -11.65 41.59 1.72
N PHE A 375 -10.55 41.83 2.45
CA PHE A 375 -10.41 41.39 3.85
C PHE A 375 -9.62 42.44 4.63
N GLU A 376 -10.20 42.91 5.74
CA GLU A 376 -9.48 43.67 6.75
C GLU A 376 -9.93 43.29 8.14
N GLN A 377 -8.98 43.02 9.02
CA GLN A 377 -9.34 42.49 10.32
C GLN A 377 -8.15 42.44 11.26
N GLU A 378 -8.31 42.92 12.48
CA GLU A 378 -7.25 42.74 13.47
C GLU A 378 -7.22 41.29 13.86
N SER A 379 -6.05 40.66 13.70
CA SER A 379 -5.94 39.20 13.63
C SER A 379 -4.69 38.75 14.27
N PRO A 380 -4.65 38.84 15.62
CA PRO A 380 -3.56 38.25 16.40
C PRO A 380 -3.14 36.86 15.86
N PRO A 381 -1.84 36.62 15.74
CA PRO A 381 -0.76 37.51 16.15
C PRO A 381 -0.25 38.48 15.07
N HIS A 382 -0.98 38.66 13.98
CA HIS A 382 -0.46 39.38 12.84
C HIS A 382 -0.65 40.89 12.90
N GLY A 383 -1.43 41.38 13.87
CA GLY A 383 -1.80 42.78 13.91
C GLY A 383 -2.88 43.04 12.88
N ASN A 384 -2.92 44.25 12.36
CA ASN A 384 -3.92 44.54 11.40
C ASN A 384 -3.60 43.95 10.04
N VAL A 385 -4.46 43.05 9.58
CA VAL A 385 -4.27 42.27 8.34
C VAL A 385 -5.16 42.83 7.25
N ILE A 386 -4.56 43.23 6.15
CA ILE A 386 -5.28 43.74 4.99
C ILE A 386 -4.88 42.93 3.76
N GLY A 387 -5.85 42.47 3.00
CA GLY A 387 -5.54 41.56 1.92
C GLY A 387 -6.75 41.05 1.23
N VAL A 388 -6.59 40.01 0.39
CA VAL A 388 -7.78 39.32 -0.14
C VAL A 388 -7.85 37.87 0.27
N GLN A 389 -9.00 37.52 0.84
CA GLN A 389 -9.17 36.26 1.47
C GLN A 389 -9.58 35.35 0.36
N VAL A 390 -8.97 34.18 0.29
CA VAL A 390 -9.40 33.16 -0.66
C VAL A 390 -10.53 32.41 0.00
N VAL A 391 -11.69 32.55 -0.59
CA VAL A 391 -12.93 32.02 0.01
C VAL A 391 -13.17 30.66 -0.58
N GLY A 392 -12.73 30.46 -1.80
CA GLY A 392 -12.73 29.15 -2.38
C GLY A 392 -11.74 29.00 -3.50
N ALA A 393 -11.44 27.76 -3.80
CA ALA A 393 -10.42 27.46 -4.79
C ALA A 393 -10.67 26.07 -5.41
N SER A 394 -10.82 26.01 -6.72
CA SER A 394 -10.87 24.73 -7.37
C SER A 394 -9.53 24.03 -7.38
N GLU A 395 -9.57 22.77 -6.93
CA GLU A 395 -8.41 21.84 -6.97
C GLU A 395 -7.66 21.86 -8.31
N ASN A 396 -8.43 22.11 -9.38
CA ASN A 396 -7.95 22.31 -10.76
C ASN A 396 -7.56 23.78 -11.16
N SER A 397 -6.76 24.43 -10.32
CA SER A 397 -6.34 25.81 -10.55
C SER A 397 -4.86 25.92 -10.27
N ALA A 398 -4.21 26.80 -11.03
CA ALA A 398 -2.81 27.10 -10.82
C ALA A 398 -2.58 27.48 -9.37
N GLY A 399 -3.61 28.07 -8.75
CA GLY A 399 -3.53 28.45 -7.36
C GLY A 399 -3.51 27.28 -6.40
N TRP A 400 -4.35 26.29 -6.65
CA TRP A 400 -4.35 25.14 -5.78
C TRP A 400 -2.99 24.45 -5.94
N ARG A 401 -2.63 24.13 -7.18
CA ARG A 401 -1.33 23.51 -7.45
C ARG A 401 -0.15 24.21 -6.76
N ALA A 402 -0.19 25.53 -6.63
CA ALA A 402 0.92 26.21 -5.95
C ALA A 402 0.85 26.11 -4.42
N GLY A 403 -0.27 25.63 -3.90
CA GLY A 403 -0.50 25.56 -2.42
C GLY A 403 -1.61 26.45 -1.77
N ILE A 404 -2.20 27.36 -2.54
CA ILE A 404 -3.22 28.26 -2.02
C ILE A 404 -4.44 27.49 -1.58
N ARG A 405 -4.92 27.72 -0.36
CA ARG A 405 -6.15 27.11 0.13
C ARG A 405 -7.20 28.11 0.60
N PRO A 406 -8.47 27.72 0.52
CA PRO A 406 -9.52 28.51 1.17
C PRO A 406 -9.14 28.95 2.56
N GLY A 407 -9.32 30.22 2.90
CA GLY A 407 -9.03 30.66 4.25
C GLY A 407 -7.73 31.40 4.27
N ASP A 408 -6.98 31.25 3.19
CA ASP A 408 -5.76 32.02 3.00
C ASP A 408 -6.07 33.47 2.73
N ILE A 409 -5.29 34.34 3.36
CA ILE A 409 -5.28 35.73 3.05
C ILE A 409 -4.09 36.09 2.15
N ILE A 410 -4.35 36.55 0.94
CA ILE A 410 -3.26 37.04 0.11
C ILE A 410 -2.96 38.47 0.50
N ILE A 411 -1.76 38.73 1.06
CA ILE A 411 -1.39 40.08 1.54
C ILE A 411 -0.34 40.74 0.64
N SER A 412 0.34 39.98 -0.21
CA SER A 412 1.03 40.65 -1.26
C SER A 412 1.15 39.80 -2.52
N ALA A 413 1.35 40.47 -3.64
CA ALA A 413 1.57 39.83 -4.92
C ALA A 413 2.76 40.52 -5.63
N ASN A 414 3.75 39.71 -6.08
CA ASN A 414 5.02 40.21 -6.64
C ASN A 414 5.62 41.29 -5.73
N LYS A 415 5.66 41.00 -4.45
CA LYS A 415 6.22 41.85 -3.41
C LYS A 415 5.43 43.12 -3.11
N LYS A 416 4.34 43.35 -3.84
CA LYS A 416 3.50 44.52 -3.66
C LYS A 416 2.21 44.22 -2.87
N PRO A 417 1.84 45.13 -1.96
CA PRO A 417 0.66 45.01 -1.13
C PRO A 417 -0.62 44.98 -1.90
N VAL A 418 -1.53 44.15 -1.39
CA VAL A 418 -2.79 43.88 -2.00
C VAL A 418 -3.84 44.35 -1.02
N THR A 419 -4.73 45.24 -1.43
CA THR A 419 -5.79 45.78 -0.58
C THR A 419 -7.13 45.19 -0.94
N ASP A 420 -7.43 45.12 -2.22
CA ASP A 420 -8.70 44.54 -2.60
C ASP A 420 -8.52 43.67 -3.82
N VAL A 421 -9.61 43.08 -4.23
CA VAL A 421 -9.65 42.14 -5.30
C VAL A 421 -9.07 42.77 -6.54
N LYS A 422 -9.68 43.87 -6.97
CA LYS A 422 -9.19 44.67 -8.11
C LYS A 422 -7.68 44.83 -8.04
N SER A 423 -7.20 45.16 -6.86
CA SER A 423 -5.77 45.48 -6.74
C SER A 423 -4.98 44.24 -7.03
N LEU A 424 -5.53 43.07 -6.65
CA LEU A 424 -4.90 41.77 -6.93
C LEU A 424 -4.97 41.42 -8.43
N GLN A 425 -6.15 41.60 -9.01
CA GLN A 425 -6.30 41.33 -10.43
C GLN A 425 -5.29 42.14 -11.30
N THR A 426 -5.15 43.43 -10.99
CA THR A 426 -4.17 44.25 -11.76
C THR A 426 -2.75 43.67 -11.80
N ILE A 427 -2.19 43.40 -10.61
CA ILE A 427 -0.86 42.78 -10.55
C ILE A 427 -0.85 41.44 -11.24
N ALA A 428 -1.95 40.72 -11.18
CA ALA A 428 -2.00 39.43 -11.90
C ALA A 428 -1.95 39.62 -13.41
N GLN A 429 -2.29 40.79 -13.90
CA GLN A 429 -2.21 41.01 -15.35
C GLN A 429 -0.78 41.21 -15.83
N GLU A 430 0.18 41.42 -14.93
CA GLU A 430 1.58 41.66 -15.32
C GLU A 430 2.15 40.52 -16.15
N LYS A 431 2.77 40.91 -17.27
CA LYS A 431 3.22 39.95 -18.30
C LYS A 431 4.48 39.24 -17.81
N LYS A 432 4.27 38.27 -16.94
CA LYS A 432 5.40 37.59 -16.32
C LYS A 432 5.12 36.10 -16.34
N LYS A 433 6.11 35.31 -15.95
CA LYS A 433 6.00 33.85 -16.06
C LYS A 433 5.28 33.25 -14.85
N GLU A 434 5.10 34.06 -13.81
CA GLU A 434 4.78 33.57 -12.51
C GLU A 434 4.32 34.69 -11.59
N LEU A 435 3.48 34.32 -10.63
CA LEU A 435 3.00 35.23 -9.64
C LEU A 435 3.52 34.79 -8.27
N LEU A 436 4.36 35.63 -7.67
CA LEU A 436 4.75 35.45 -6.28
C LEU A 436 3.68 36.02 -5.31
N VAL A 437 3.24 35.19 -4.39
CA VAL A 437 2.08 35.50 -3.54
C VAL A 437 2.50 35.22 -2.11
N GLN A 438 2.26 36.16 -1.21
CA GLN A 438 2.52 35.95 0.22
C GLN A 438 1.17 35.78 0.87
N VAL A 439 0.98 34.68 1.60
CA VAL A 439 -0.28 34.40 2.26
C VAL A 439 -0.12 34.21 3.76
N LEU A 440 -1.07 34.76 4.54
CA LEU A 440 -1.23 34.41 5.95
C LEU A 440 -2.20 33.22 6.01
N ARG A 441 -1.84 32.20 6.79
CA ARG A 441 -2.72 31.04 7.01
C ARG A 441 -2.77 30.81 8.49
N GLY A 442 -3.95 31.02 9.06
CA GLY A 442 -4.04 31.11 10.52
C GLY A 442 -2.94 31.94 11.15
N PRO A 443 -2.10 31.31 11.97
CA PRO A 443 -1.09 32.08 12.71
C PRO A 443 0.26 32.18 12.01
N GLY A 444 0.43 31.45 10.89
CA GLY A 444 1.69 31.42 10.12
C GLY A 444 1.57 31.99 8.69
N SER A 445 2.64 31.85 7.90
CA SER A 445 2.70 32.50 6.58
C SER A 445 3.58 31.77 5.63
N MET A 446 3.17 31.77 4.36
CA MET A 446 3.94 31.18 3.28
C MET A 446 4.03 32.10 2.08
N TYR A 447 5.17 32.09 1.40
CA TYR A 447 5.24 32.59 0.05
C TYR A 447 5.03 31.41 -0.87
N LEU A 448 4.32 31.63 -1.95
CA LEU A 448 3.95 30.59 -2.92
C LEU A 448 4.21 31.12 -4.31
N LEU A 449 4.43 30.20 -5.24
CA LEU A 449 4.63 30.60 -6.62
C LEU A 449 3.60 29.97 -7.48
N VAL A 450 2.88 30.84 -8.18
CA VAL A 450 1.80 30.41 -9.03
C VAL A 450 2.32 30.44 -10.43
N ILE A 451 2.28 29.28 -11.06
CA ILE A 451 2.74 29.18 -12.44
C ILE A 451 1.62 28.70 -13.34
N PRO B 19 30.54 -3.15 -7.96
CA PRO B 19 30.42 -4.59 -7.76
C PRO B 19 28.96 -5.11 -7.85
N SER B 20 28.84 -6.44 -7.68
CA SER B 20 27.57 -7.22 -7.71
C SER B 20 27.76 -8.54 -6.95
N MET B 21 26.68 -9.26 -6.73
CA MET B 21 26.75 -10.52 -6.03
C MET B 21 26.30 -11.63 -6.97
N ALA B 22 25.82 -11.26 -8.17
CA ALA B 22 25.42 -12.21 -9.19
C ALA B 22 26.44 -13.30 -9.54
N PRO B 23 27.76 -12.97 -9.54
CA PRO B 23 28.64 -14.03 -10.04
C PRO B 23 28.64 -15.21 -9.08
N VAL B 24 28.91 -14.99 -7.80
CA VAL B 24 28.90 -16.11 -6.88
C VAL B 24 27.53 -16.75 -6.78
N LEU B 25 26.45 -15.99 -6.86
CA LEU B 25 25.15 -16.65 -6.68
C LEU B 25 24.87 -17.57 -7.87
N LYS B 26 25.31 -17.15 -9.04
CA LYS B 26 25.11 -17.92 -10.26
C LYS B 26 25.53 -19.37 -10.15
N ASN B 27 26.64 -19.63 -9.49
CA ASN B 27 27.18 -20.97 -9.37
C ASN B 27 26.57 -21.77 -8.25
N ILE B 28 26.25 -21.12 -7.13
CA ILE B 28 25.66 -21.87 -6.00
C ILE B 28 24.15 -22.07 -6.04
N MET B 29 23.43 -21.31 -6.84
CA MET B 29 21.96 -21.49 -6.94
C MET B 29 21.46 -22.92 -7.28
N PRO B 30 22.09 -23.61 -8.23
CA PRO B 30 21.63 -24.98 -8.42
C PRO B 30 21.69 -25.87 -7.16
N ALA B 31 22.47 -25.51 -6.13
CA ALA B 31 22.49 -26.28 -4.84
C ALA B 31 21.20 -26.28 -4.03
N ILE B 32 20.26 -25.38 -4.36
CA ILE B 32 19.15 -25.13 -3.47
C ILE B 32 17.93 -25.65 -4.14
N VAL B 33 17.04 -26.32 -3.39
CA VAL B 33 15.99 -27.09 -3.99
C VAL B 33 14.65 -26.81 -3.32
N ASN B 34 13.57 -27.15 -4.00
CA ASN B 34 12.25 -27.03 -3.43
C ASN B 34 11.99 -28.41 -2.79
N VAL B 35 11.36 -28.42 -1.64
CA VAL B 35 11.05 -29.62 -0.96
C VAL B 35 9.56 -29.63 -0.71
N ALA B 36 8.86 -30.49 -1.47
CA ALA B 36 7.40 -30.57 -1.32
C ALA B 36 7.01 -31.86 -0.60
N VAL B 37 6.09 -31.76 0.34
CA VAL B 37 5.67 -32.86 1.19
C VAL B 37 4.17 -33.01 1.24
N GLN B 38 3.71 -34.25 1.24
CA GLN B 38 2.31 -34.55 1.32
C GLN B 38 2.17 -35.66 2.39
N GLY B 39 1.09 -35.63 3.19
CA GLY B 39 0.78 -36.70 4.14
C GLY B 39 -0.48 -36.51 4.96
N TYR B 40 -0.51 -37.16 6.15
CA TYR B 40 -1.68 -37.14 7.08
C TYR B 40 -1.31 -36.79 8.52
N LEU B 41 -2.30 -36.22 9.23
CA LEU B 41 -2.10 -35.70 10.58
C LEU B 41 -2.90 -36.48 11.63
N PRO B 42 -2.26 -36.75 12.81
CA PRO B 42 -2.99 -37.15 14.05
C PRO B 42 -3.34 -35.92 14.92
N LYS B 74 -4.99 -34.94 6.62
CA LYS B 74 -4.45 -34.78 5.24
C LYS B 74 -3.92 -33.35 4.97
N PHE B 75 -2.68 -33.25 4.50
CA PHE B 75 -2.01 -31.93 4.46
C PHE B 75 -0.91 -31.83 3.44
N GLU B 76 -0.54 -30.59 3.15
CA GLU B 76 0.62 -30.29 2.32
C GLU B 76 1.51 -29.23 3.00
N SER B 77 2.78 -29.20 2.59
CA SER B 77 3.85 -28.57 3.38
C SER B 77 5.01 -28.37 2.44
N ILE B 78 5.52 -27.16 2.31
CA ILE B 78 6.65 -26.94 1.42
C ILE B 78 7.73 -26.05 2.02
N GLY B 79 8.96 -26.26 1.53
CA GLY B 79 10.12 -25.69 2.11
C GLY B 79 11.15 -25.81 1.07
N SER B 80 12.40 -25.59 1.45
CA SER B 80 13.54 -25.77 0.59
C SER B 80 14.58 -26.66 1.27
N GLY B 81 15.62 -26.97 0.51
CA GLY B 81 16.71 -27.81 1.00
C GLY B 81 17.99 -27.44 0.32
N VAL B 82 19.11 -27.93 0.84
CA VAL B 82 20.40 -27.60 0.24
C VAL B 82 21.10 -28.91 -0.02
N ILE B 83 21.71 -29.01 -1.20
CA ILE B 83 22.42 -30.18 -1.56
C ILE B 83 23.78 -29.98 -0.97
N ILE B 84 24.09 -30.75 0.06
CA ILE B 84 25.45 -30.73 0.64
C ILE B 84 26.40 -31.80 0.13
N ASP B 85 25.93 -32.80 -0.62
CA ASP B 85 26.82 -33.78 -1.29
C ASP B 85 26.30 -34.21 -2.69
N PRO B 86 26.89 -33.67 -3.74
CA PRO B 86 26.33 -33.83 -5.06
C PRO B 86 26.48 -35.27 -5.64
N ASN B 87 27.53 -35.97 -5.20
CA ASN B 87 27.78 -37.33 -5.67
C ASN B 87 26.75 -38.32 -5.21
N ASN B 88 26.20 -38.14 -4.00
CA ASN B 88 25.23 -39.12 -3.44
C ASN B 88 23.87 -38.53 -3.21
N GLY B 89 23.71 -37.27 -3.52
CA GLY B 89 22.39 -36.68 -3.49
C GLY B 89 21.87 -36.49 -2.11
N VAL B 90 22.73 -35.96 -1.23
CA VAL B 90 22.36 -35.68 0.15
C VAL B 90 21.90 -34.25 0.27
N ILE B 91 20.67 -34.11 0.67
CA ILE B 91 20.09 -32.84 0.93
C ILE B 91 19.77 -32.58 2.42
N ILE B 92 20.07 -31.33 2.85
CA ILE B 92 19.62 -30.87 4.16
C ILE B 92 18.39 -30.00 4.07
N THR B 93 17.54 -30.11 5.08
CA THR B 93 16.33 -29.28 5.26
C THR B 93 15.92 -29.28 6.73
N ASN B 94 14.78 -28.69 7.08
CA ASN B 94 14.37 -28.63 8.46
C ASN B 94 13.50 -29.81 8.73
N ASP B 95 13.62 -30.35 9.94
CA ASP B 95 12.74 -31.43 10.34
C ASP B 95 11.27 -31.07 10.21
N HIS B 96 10.92 -29.82 10.51
CA HIS B 96 9.51 -29.45 10.50
C HIS B 96 8.94 -29.40 9.11
N VAL B 97 9.81 -29.23 8.12
CA VAL B 97 9.35 -29.29 6.75
C VAL B 97 8.85 -30.68 6.37
N ILE B 98 9.52 -31.73 6.85
CA ILE B 98 9.27 -33.08 6.38
C ILE B 98 8.49 -33.99 7.35
N ARG B 99 8.17 -33.52 8.55
CA ARG B 99 7.51 -34.41 9.52
C ARG B 99 6.19 -34.95 9.00
N ASN B 100 5.94 -36.25 9.25
CA ASN B 100 4.63 -36.85 8.88
C ASN B 100 4.43 -36.96 7.38
N ALA B 101 5.55 -36.93 6.64
CA ALA B 101 5.55 -37.09 5.20
C ALA B 101 5.19 -38.50 4.87
N SER B 102 4.19 -38.62 4.03
CA SER B 102 3.97 -39.85 3.25
C SER B 102 4.74 -39.81 1.95
N LEU B 103 4.92 -38.61 1.38
CA LEU B 103 5.72 -38.48 0.14
C LEU B 103 6.46 -37.15 0.14
N ILE B 104 7.70 -37.21 -0.36
CA ILE B 104 8.58 -36.08 -0.44
C ILE B 104 9.24 -35.95 -1.80
N THR B 105 9.08 -34.77 -2.38
CA THR B 105 9.45 -34.50 -3.76
C THR B 105 10.32 -33.25 -3.83
N VAL B 106 11.45 -33.39 -4.49
CA VAL B 106 12.43 -32.37 -4.63
C VAL B 106 12.49 -31.88 -6.07
N THR B 107 12.37 -30.57 -6.26
CA THR B 107 12.53 -29.97 -7.57
C THR B 107 13.78 -29.16 -7.62
N LEU B 108 14.68 -29.50 -8.51
CA LEU B 108 15.87 -28.71 -8.76
C LEU B 108 15.60 -27.44 -9.57
N GLN B 109 16.63 -26.62 -9.72
CA GLN B 109 16.59 -25.35 -10.43
C GLN B 109 16.08 -25.57 -11.85
N ASP B 110 16.70 -26.55 -12.51
CA ASP B 110 16.35 -26.97 -13.88
C ASP B 110 14.99 -27.69 -14.09
N GLY B 111 14.16 -27.77 -13.05
CA GLY B 111 12.76 -28.23 -13.19
C GLY B 111 12.50 -29.71 -12.96
N ARG B 112 13.54 -30.53 -13.01
CA ARG B 112 13.44 -31.97 -12.64
C ARG B 112 12.81 -32.23 -11.25
N ARG B 113 11.77 -33.06 -11.18
CA ARG B 113 11.22 -33.46 -9.91
C ARG B 113 11.73 -34.90 -9.57
N LEU B 114 12.29 -35.09 -8.36
CA LEU B 114 12.82 -36.37 -7.91
C LEU B 114 12.15 -36.80 -6.61
N LYS B 115 11.83 -38.07 -6.48
CA LYS B 115 11.34 -38.63 -5.21
C LYS B 115 12.47 -38.70 -4.18
N ALA B 116 12.28 -38.16 -2.97
CA ALA B 116 13.39 -38.20 -1.99
C ALA B 116 13.12 -39.26 -0.94
N ARG B 117 14.18 -39.88 -0.42
CA ARG B 117 13.98 -40.62 0.85
C ARG B 117 14.52 -39.86 2.09
N LEU B 118 13.75 -39.95 3.18
CA LEU B 118 14.21 -39.53 4.54
C LEU B 118 15.31 -40.44 5.07
N ILE B 119 16.54 -39.96 5.14
CA ILE B 119 17.59 -40.68 5.84
C ILE B 119 17.22 -40.62 7.33
N GLY B 120 16.97 -39.42 7.85
CA GLY B 120 16.54 -39.28 9.25
C GLY B 120 16.31 -37.83 9.68
N GLY B 121 15.48 -37.64 10.69
CA GLY B 121 15.16 -36.32 11.24
C GLY B 121 15.66 -36.10 12.65
N ASP B 122 15.81 -34.84 13.04
CA ASP B 122 16.07 -34.49 14.45
C ASP B 122 15.35 -33.25 14.93
N SER B 123 14.24 -33.42 15.62
CA SER B 123 13.37 -32.30 15.91
C SER B 123 14.03 -31.23 16.81
N GLU B 124 14.99 -31.62 17.65
CA GLU B 124 15.48 -30.69 18.59
C GLU B 124 16.28 -29.63 17.86
N THR B 125 17.09 -30.06 16.90
CA THR B 125 17.88 -29.12 16.10
C THR B 125 17.13 -28.64 14.86
N ASP B 126 15.89 -29.07 14.68
CA ASP B 126 15.08 -28.79 13.48
C ASP B 126 15.77 -29.07 12.16
N LEU B 127 16.46 -30.21 12.09
CA LEU B 127 17.23 -30.64 10.92
C LEU B 127 16.81 -32.05 10.41
N ALA B 128 16.99 -32.27 9.11
CA ALA B 128 16.62 -33.56 8.48
C ALA B 128 17.43 -33.79 7.22
N VAL B 129 17.83 -35.04 7.00
CA VAL B 129 18.68 -35.38 5.86
C VAL B 129 17.87 -36.19 4.86
N LEU B 130 17.98 -35.84 3.59
CA LEU B 130 17.21 -36.51 2.57
C LEU B 130 18.18 -37.06 1.56
N LYS B 131 17.77 -38.08 0.83
CA LYS B 131 18.57 -38.57 -0.30
C LYS B 131 17.76 -38.58 -1.60
N ILE B 132 18.43 -38.14 -2.66
CA ILE B 132 17.91 -38.29 -4.03
C ILE B 132 18.93 -39.05 -4.85
N ASP B 133 18.44 -40.03 -5.62
CA ASP B 133 19.32 -40.99 -6.31
C ASP B 133 19.48 -40.33 -7.63
N ALA B 134 20.46 -39.47 -7.74
CA ALA B 134 20.33 -38.53 -8.80
C ALA B 134 21.64 -37.96 -9.28
N LYS B 135 21.66 -37.53 -10.54
CA LYS B 135 22.90 -37.04 -11.16
C LYS B 135 22.82 -35.70 -11.87
N ASN B 136 23.99 -35.15 -12.14
CA ASN B 136 24.09 -33.80 -12.61
C ASN B 136 23.62 -32.86 -11.50
N LEU B 137 23.97 -33.23 -10.26
CA LEU B 137 23.65 -32.47 -9.06
C LEU B 137 24.86 -31.56 -8.77
N LYS B 138 24.54 -30.33 -8.29
CA LYS B 138 25.54 -29.36 -7.88
C LYS B 138 25.45 -29.01 -6.41
N SER B 139 26.59 -28.70 -5.78
CA SER B 139 26.64 -28.25 -4.38
C SER B 139 27.47 -26.96 -4.21
N LEU B 140 28.09 -26.75 -3.05
CA LEU B 140 28.87 -25.54 -2.82
C LEU B 140 29.86 -25.69 -1.67
N VAL B 141 30.87 -24.83 -1.59
CA VAL B 141 31.81 -25.01 -0.50
C VAL B 141 31.13 -24.76 0.86
N ILE B 142 31.15 -25.78 1.71
CA ILE B 142 30.66 -25.68 3.08
C ILE B 142 31.69 -24.84 3.81
N GLY B 143 31.23 -23.90 4.65
CA GLY B 143 32.12 -22.95 5.33
C GLY B 143 32.10 -23.16 6.83
N ASP B 144 32.82 -22.30 7.55
CA ASP B 144 32.91 -22.40 9.03
C ASP B 144 32.01 -21.40 9.80
N SER B 145 30.93 -21.86 10.37
CA SER B 145 30.03 -20.92 11.03
C SER B 145 30.64 -20.22 12.28
N ASP B 146 31.68 -20.80 12.90
CA ASP B 146 32.34 -20.18 14.05
C ASP B 146 33.08 -18.87 13.70
N LYS B 147 33.30 -18.59 12.43
CA LYS B 147 34.04 -17.39 12.08
C LYS B 147 33.16 -16.19 11.64
N LEU B 148 31.84 -16.35 11.71
CA LEU B 148 30.89 -15.31 11.36
C LEU B 148 30.94 -14.22 12.41
N GLU B 149 30.98 -12.97 11.96
CA GLU B 149 30.84 -11.81 12.81
C GLU B 149 29.62 -10.98 12.44
N VAL B 150 29.20 -10.19 13.41
CA VAL B 150 28.08 -9.29 13.22
C VAL B 150 28.62 -8.25 12.26
N GLY B 151 27.91 -8.05 11.15
CA GLY B 151 28.35 -7.11 10.17
C GLY B 151 28.79 -7.74 8.88
N ASP B 152 29.07 -9.04 8.91
CA ASP B 152 29.34 -9.75 7.67
C ASP B 152 28.08 -9.76 6.84
N PHE B 153 28.32 -9.59 5.54
CA PHE B 153 27.33 -9.72 4.52
C PHE B 153 27.00 -11.18 4.23
N VAL B 154 25.70 -11.45 4.04
CA VAL B 154 25.19 -12.75 3.74
C VAL B 154 24.08 -12.64 2.70
N VAL B 155 23.82 -13.70 1.93
CA VAL B 155 22.59 -13.83 1.12
C VAL B 155 21.82 -15.05 1.62
N ALA B 156 20.52 -14.94 1.85
CA ALA B 156 19.66 -16.12 2.11
C ALA B 156 18.92 -16.48 0.85
N ILE B 157 18.98 -17.78 0.49
CA ILE B 157 18.39 -18.32 -0.71
C ILE B 157 17.30 -19.33 -0.43
N GLY B 158 16.10 -19.03 -0.91
CA GLY B 158 15.00 -19.91 -0.71
C GLY B 158 13.69 -19.19 -0.60
N ASN B 159 12.62 -19.78 -1.14
CA ASN B 159 11.35 -19.13 -1.15
C ASN B 159 10.69 -19.06 0.25
N PRO B 160 10.02 -17.93 0.52
CA PRO B 160 9.12 -17.81 1.64
C PRO B 160 7.76 -18.42 1.33
N PHE B 161 6.93 -18.59 2.36
CA PHE B 161 5.57 -19.16 2.25
C PHE B 161 4.85 -18.77 0.93
N GLY B 162 4.70 -17.46 0.69
CA GLY B 162 4.19 -16.95 -0.63
C GLY B 162 4.57 -17.65 -1.97
N LEU B 163 5.86 -17.68 -2.32
CA LEU B 163 6.29 -17.89 -3.70
C LEU B 163 7.03 -19.21 -4.01
N SER B 169 11.35 -21.73 -8.35
CA SER B 169 12.61 -20.98 -8.51
C SER B 169 12.97 -20.13 -7.27
N GLN B 170 14.22 -20.17 -6.79
CA GLN B 170 14.48 -19.85 -5.36
C GLN B 170 14.89 -18.40 -5.16
N SER B 171 14.08 -17.64 -4.42
CA SER B 171 14.38 -16.21 -4.19
C SER B 171 15.65 -16.00 -3.36
N ALA B 172 16.47 -14.97 -3.69
CA ALA B 172 17.59 -14.59 -2.81
C ALA B 172 17.32 -13.24 -2.13
N THR B 173 17.79 -13.05 -0.89
CA THR B 173 17.80 -11.74 -0.21
C THR B 173 19.17 -11.44 0.33
N PHE B 174 19.44 -10.14 0.47
CA PHE B 174 20.73 -9.64 0.95
C PHE B 174 20.61 -8.89 2.27
N GLY B 175 21.66 -9.00 3.07
CA GLY B 175 21.71 -8.35 4.37
C GLY B 175 23.01 -8.62 5.12
N ILE B 176 22.98 -8.36 6.42
CA ILE B 176 24.14 -8.62 7.28
C ILE B 176 23.72 -9.59 8.34
N VAL B 177 24.69 -10.27 8.92
CA VAL B 177 24.54 -10.91 10.18
C VAL B 177 24.35 -9.84 11.26
N SER B 178 23.30 -10.03 12.02
CA SER B 178 22.73 -9.05 12.90
C SER B 178 22.92 -9.34 14.39
N ALA B 179 22.87 -10.62 14.75
CA ALA B 179 23.32 -11.07 16.08
C ALA B 179 23.72 -12.56 16.01
N LEU B 180 24.59 -13.00 16.91
CA LEU B 180 25.10 -14.36 16.91
C LEU B 180 24.30 -15.20 17.87
N LYS B 181 24.33 -16.51 17.67
CA LYS B 181 23.43 -17.45 18.37
C LYS B 181 23.41 -17.27 19.90
N ASN B 192 18.76 -18.92 19.99
CA ASN B 192 19.17 -20.25 19.45
C ASN B 192 19.53 -20.32 17.95
N PHE B 193 19.57 -19.17 17.24
CA PHE B 193 19.96 -19.14 15.83
C PHE B 193 20.95 -17.99 15.44
N ILE B 194 21.67 -18.12 14.33
CA ILE B 194 22.26 -16.93 13.75
C ILE B 194 21.08 -16.02 13.34
N GLN B 195 21.24 -14.73 13.51
CA GLN B 195 20.18 -13.80 13.27
C GLN B 195 20.68 -12.83 12.23
N THR B 196 19.79 -12.42 11.33
CA THR B 196 20.10 -11.64 10.16
C THR B 196 19.03 -10.62 9.87
N ASP B 197 19.35 -9.63 9.03
CA ASP B 197 18.32 -8.77 8.45
C ASP B 197 18.02 -9.08 6.96
N ALA B 198 18.24 -10.31 6.54
CA ALA B 198 18.00 -10.71 5.17
C ALA B 198 16.83 -11.62 5.25
N ALA B 199 15.65 -11.07 5.31
CA ALA B 199 14.47 -11.92 5.35
C ALA B 199 13.44 -11.39 4.39
N ILE B 200 12.69 -12.25 3.74
CA ILE B 200 11.57 -11.83 2.91
C ILE B 200 10.35 -12.67 3.16
N GLY B 201 9.17 -12.06 3.15
CA GLY B 201 7.95 -12.81 3.24
C GLY B 201 7.82 -13.59 4.54
N GLY B 202 8.57 -13.18 5.57
CA GLY B 202 8.52 -13.87 6.87
C GLY B 202 9.56 -14.95 7.11
N GLY B 203 10.48 -15.14 6.16
CA GLY B 203 11.53 -16.13 6.26
C GLY B 203 11.34 -17.35 5.38
N ASN B 204 12.48 -18.01 5.09
CA ASN B 204 12.53 -19.33 4.50
C ASN B 204 12.89 -20.44 5.44
N SER B 205 12.37 -21.62 5.15
CA SER B 205 12.71 -22.86 5.86
C SER B 205 13.43 -23.87 4.97
N GLY B 206 14.68 -24.15 5.31
CA GLY B 206 15.40 -25.28 4.78
C GLY B 206 16.45 -24.95 3.78
N GLY B 207 16.52 -23.67 3.42
CA GLY B 207 17.42 -23.18 2.38
C GLY B 207 18.70 -22.66 2.95
N ALA B 208 19.48 -21.98 2.12
CA ALA B 208 20.86 -21.70 2.40
C ALA B 208 21.06 -20.27 2.92
N LEU B 209 21.95 -20.11 3.90
CA LEU B 209 22.53 -18.83 4.27
C LEU B 209 23.98 -18.94 3.82
N VAL B 210 24.41 -18.02 2.99
CA VAL B 210 25.75 -18.01 2.48
C VAL B 210 26.43 -16.68 2.78
N ASN B 211 27.75 -16.66 2.88
CA ASN B 211 28.54 -15.45 3.11
C ASN B 211 28.86 -14.84 1.77
N ALA B 212 29.66 -13.79 1.75
CA ALA B 212 29.97 -13.08 0.49
C ALA B 212 30.77 -13.97 -0.44
N LYS B 213 31.68 -14.78 0.11
CA LYS B 213 32.44 -15.66 -0.77
C LYS B 213 31.46 -16.67 -1.35
N GLY B 214 30.27 -16.79 -0.77
CA GLY B 214 29.28 -17.69 -1.33
C GLY B 214 29.38 -19.09 -0.76
N GLU B 215 29.94 -19.18 0.43
CA GLU B 215 30.08 -20.45 1.10
C GLU B 215 28.92 -20.62 2.07
N LEU B 216 28.46 -21.85 2.24
CA LEU B 216 27.33 -22.17 3.11
C LEU B 216 27.73 -22.00 4.54
N ILE B 217 27.05 -21.11 5.26
CA ILE B 217 27.33 -20.89 6.67
C ILE B 217 26.12 -21.11 7.56
N GLY B 218 24.97 -21.42 7.00
CA GLY B 218 23.87 -21.80 7.83
C GLY B 218 22.69 -22.26 6.96
N ILE B 219 21.72 -22.90 7.59
CA ILE B 219 20.53 -23.38 6.96
C ILE B 219 19.41 -22.58 7.58
N ASN B 220 18.55 -22.00 6.75
CA ASN B 220 17.52 -21.08 7.17
C ASN B 220 16.43 -21.75 7.88
N THR B 221 15.75 -21.02 8.73
CA THR B 221 14.58 -21.59 9.33
C THR B 221 13.56 -20.50 9.60
N ALA B 222 12.28 -20.84 9.73
CA ALA B 222 11.28 -19.79 9.99
C ALA B 222 10.26 -20.02 11.10
N ILE B 223 10.61 -19.68 12.36
CA ILE B 223 9.62 -19.35 13.49
C ILE B 223 8.76 -18.07 13.24
N LEU B 224 7.69 -17.93 14.02
CA LEU B 224 6.71 -16.83 13.88
C LEU B 224 7.08 -15.73 14.87
N GLY B 229 9.79 -7.14 17.66
CA GLY B 229 9.05 -8.21 16.97
C GLY B 229 9.97 -9.01 16.06
N ASN B 230 9.35 -9.83 15.21
CA ASN B 230 10.02 -10.68 14.22
C ASN B 230 10.34 -10.06 12.84
N VAL B 231 9.57 -9.06 12.44
CA VAL B 231 9.50 -8.64 11.05
C VAL B 231 10.87 -8.17 10.56
N GLY B 232 11.28 -8.60 9.38
CA GLY B 232 12.55 -8.22 8.75
C GLY B 232 13.74 -8.97 9.33
N ILE B 233 13.49 -9.94 10.22
CA ILE B 233 14.59 -10.67 10.82
C ILE B 233 14.70 -12.09 10.25
N GLY B 234 15.88 -12.47 9.78
CA GLY B 234 16.12 -13.85 9.31
C GLY B 234 16.94 -14.64 10.30
N PHE B 235 16.73 -15.94 10.25
CA PHE B 235 17.32 -16.90 11.18
C PHE B 235 17.94 -18.11 10.47
N ALA B 236 19.06 -18.61 10.98
CA ALA B 236 19.76 -19.73 10.38
C ALA B 236 20.38 -20.57 11.48
N ILE B 237 20.37 -21.89 11.25
CA ILE B 237 20.98 -22.89 12.17
C ILE B 237 22.33 -22.93 11.58
N PRO B 238 23.38 -22.64 12.37
CA PRO B 238 24.76 -22.57 11.92
C PRO B 238 25.24 -23.90 11.33
N ILE B 239 26.13 -23.84 10.34
CA ILE B 239 26.40 -24.97 9.51
C ILE B 239 27.29 -25.98 10.21
N ASN B 240 28.14 -25.50 11.14
CA ASN B 240 29.02 -26.43 11.87
C ASN B 240 28.14 -27.44 12.62
N MET B 241 27.15 -26.96 13.31
CA MET B 241 26.24 -27.83 13.98
C MET B 241 25.56 -28.72 12.95
N VAL B 242 25.30 -28.18 11.77
CA VAL B 242 24.59 -28.94 10.75
C VAL B 242 25.42 -30.08 10.20
N LYS B 243 26.70 -29.83 9.92
CA LYS B 243 27.63 -30.88 9.45
C LYS B 243 27.52 -32.14 10.32
N ASP B 244 27.62 -31.92 11.62
CA ASP B 244 27.70 -33.00 12.56
C ASP B 244 26.39 -33.67 12.86
N VAL B 245 25.25 -33.02 12.74
CA VAL B 245 24.07 -33.84 12.86
C VAL B 245 23.84 -34.65 11.58
N ALA B 246 24.35 -34.18 10.45
CA ALA B 246 24.09 -34.82 9.20
C ALA B 246 24.94 -36.10 9.11
N GLN B 247 26.25 -35.94 9.36
CA GLN B 247 27.15 -37.08 9.61
C GLN B 247 26.54 -38.11 10.58
N GLN B 248 26.17 -37.68 11.77
CA GLN B 248 25.55 -38.59 12.73
C GLN B 248 24.31 -39.27 12.16
N ILE B 249 23.43 -38.54 11.47
CA ILE B 249 22.19 -39.12 10.93
C ILE B 249 22.49 -40.06 9.76
N ILE B 250 23.50 -39.72 8.98
CA ILE B 250 23.85 -40.56 7.88
C ILE B 250 24.35 -41.90 8.42
N LYS B 251 25.25 -41.84 9.41
CA LYS B 251 25.90 -43.04 9.94
C LYS B 251 24.92 -43.94 10.69
N PHE B 252 24.14 -43.35 11.60
CA PHE B 252 23.26 -44.08 12.52
C PHE B 252 21.77 -43.96 12.26
N GLY B 253 21.35 -43.01 11.43
CA GLY B 253 19.90 -42.80 11.21
C GLY B 253 19.20 -41.96 12.26
N SER B 254 19.93 -41.55 13.29
CA SER B 254 19.40 -40.54 14.25
C SER B 254 20.47 -40.14 15.24
N ILE B 255 20.12 -39.21 16.12
CA ILE B 255 21.01 -38.77 17.17
C ILE B 255 20.52 -39.46 18.41
N HIS B 256 21.42 -40.12 19.13
CA HIS B 256 21.03 -40.73 20.42
C HIS B 256 21.76 -39.97 21.51
N ARG B 257 21.15 -38.90 21.96
CA ARG B 257 21.76 -38.06 22.97
C ARG B 257 21.94 -38.77 24.31
N GLY B 258 23.06 -38.47 24.94
CA GLY B 258 23.31 -38.97 26.27
C GLY B 258 23.47 -37.86 27.28
N LEU B 259 24.18 -38.17 28.35
CA LEU B 259 24.18 -37.35 29.52
C LEU B 259 25.58 -37.03 29.87
N MET B 260 25.77 -35.78 30.24
CA MET B 260 27.03 -35.30 30.80
C MET B 260 26.85 -34.64 32.17
N GLY B 261 25.86 -33.77 32.27
CA GLY B 261 25.52 -33.12 33.52
C GLY B 261 26.18 -31.76 33.67
N ILE B 262 26.58 -31.13 32.57
CA ILE B 262 27.36 -29.91 32.59
C ILE B 262 26.46 -28.75 32.25
N PHE B 263 26.19 -27.84 33.20
CA PHE B 263 25.49 -26.61 32.89
C PHE B 263 26.45 -25.47 32.89
N VAL B 264 26.22 -24.56 31.96
CA VAL B 264 27.26 -23.62 31.64
C VAL B 264 26.66 -22.29 31.37
N GLN B 265 27.46 -21.24 31.53
CA GLN B 265 27.02 -19.87 31.31
C GLN B 265 28.12 -18.99 30.69
N HIS B 266 27.66 -17.97 29.98
CA HIS B 266 28.52 -17.03 29.24
C HIS B 266 29.47 -16.38 30.18
N LEU B 267 30.75 -16.39 29.85
CA LEU B 267 31.72 -15.74 30.66
C LEU B 267 31.84 -14.30 30.15
N THR B 268 31.24 -13.36 30.84
CA THR B 268 31.35 -11.99 30.47
C THR B 268 32.70 -11.44 30.93
N PRO B 269 33.16 -10.35 30.31
CA PRO B 269 34.36 -9.67 30.82
C PRO B 269 34.29 -9.39 32.30
N GLU B 270 33.13 -8.90 32.76
CA GLU B 270 32.97 -8.60 34.20
C GLU B 270 33.12 -9.82 35.06
N LEU B 271 32.52 -10.96 34.68
CA LEU B 271 32.71 -12.17 35.43
C LEU B 271 34.16 -12.69 35.29
N ALA B 272 34.78 -12.55 34.09
CA ALA B 272 36.13 -13.11 33.98
C ALA B 272 37.01 -12.40 35.01
N GLN B 273 36.86 -11.09 35.06
CA GLN B 273 37.66 -10.29 35.97
C GLN B 273 37.31 -10.52 37.40
N ALA B 274 36.01 -10.60 37.70
CA ALA B 274 35.61 -10.84 39.07
C ALA B 274 36.15 -12.19 39.56
N MET B 275 36.43 -13.12 38.64
CA MET B 275 37.05 -14.38 39.01
C MET B 275 38.58 -14.46 38.84
N GLY B 276 39.24 -13.34 38.53
CA GLY B 276 40.68 -13.27 38.49
C GLY B 276 41.34 -13.69 37.18
N TYR B 277 40.65 -13.44 36.07
CA TYR B 277 41.12 -13.62 34.73
C TYR B 277 41.09 -12.25 34.05
N PRO B 278 41.93 -12.05 33.03
CA PRO B 278 41.94 -10.87 32.19
C PRO B 278 40.59 -10.57 31.56
N GLU B 279 40.24 -9.30 31.42
CA GLU B 279 38.97 -8.98 30.78
C GLU B 279 38.64 -9.74 29.48
N ASP B 280 39.65 -10.01 28.65
CA ASP B 280 39.37 -10.66 27.37
C ASP B 280 39.47 -12.18 27.42
N PHE B 281 39.66 -12.77 28.60
CA PHE B 281 39.74 -14.23 28.68
C PHE B 281 38.41 -14.84 28.26
N GLN B 282 38.50 -15.97 27.56
CA GLN B 282 37.34 -16.60 26.94
C GLN B 282 37.14 -18.05 27.37
N GLY B 283 35.93 -18.53 27.26
CA GLY B 283 35.63 -19.85 27.76
C GLY B 283 34.26 -19.87 28.32
N ALA B 284 33.85 -21.05 28.77
CA ALA B 284 32.49 -21.31 29.22
C ALA B 284 32.51 -21.52 30.74
N LEU B 285 31.82 -20.65 31.50
CA LEU B 285 31.75 -20.77 32.97
C LEU B 285 30.78 -21.89 33.38
N VAL B 286 31.24 -22.82 34.20
CA VAL B 286 30.40 -23.88 34.66
C VAL B 286 29.56 -23.39 35.85
N SER B 287 28.24 -23.40 35.68
CA SER B 287 27.36 -22.79 36.70
C SER B 287 26.92 -23.84 37.72
N GLN B 288 26.95 -25.12 37.32
CA GLN B 288 26.65 -26.25 38.22
C GLN B 288 27.05 -27.58 37.64
N VAL B 289 27.34 -28.50 38.53
CA VAL B 289 27.69 -29.88 38.20
C VAL B 289 26.79 -30.76 39.04
N ASN B 290 25.91 -31.54 38.41
CA ASN B 290 24.96 -32.30 39.26
C ASN B 290 25.65 -33.46 39.92
N PRO B 291 25.30 -33.78 41.16
CA PRO B 291 25.92 -34.91 41.81
C PRO B 291 25.60 -36.23 41.11
N ASN B 292 26.50 -37.20 41.21
CA ASN B 292 26.36 -38.49 40.53
C ASN B 292 26.23 -38.38 39.00
N SER B 293 26.72 -37.26 38.44
CA SER B 293 26.77 -37.09 36.99
C SER B 293 28.10 -37.53 36.39
N PRO B 294 28.10 -37.74 35.09
CA PRO B 294 29.39 -37.98 34.47
C PRO B 294 30.39 -36.80 34.65
N ALA B 295 29.88 -35.59 34.72
CA ALA B 295 30.74 -34.45 34.92
C ALA B 295 31.32 -34.45 36.35
N GLU B 296 30.53 -34.92 37.30
CA GLU B 296 31.01 -34.97 38.66
C GLU B 296 32.07 -36.05 38.83
N LEU B 297 31.85 -37.20 38.24
CA LEU B 297 32.91 -38.24 38.21
C LEU B 297 34.23 -37.73 37.60
N ALA B 298 34.13 -37.01 36.50
CA ALA B 298 35.34 -36.54 35.88
C ALA B 298 36.03 -35.48 36.72
N GLY B 299 35.34 -34.96 37.76
CA GLY B 299 35.94 -33.99 38.66
C GLY B 299 35.75 -32.53 38.29
N LEU B 300 34.83 -32.23 37.39
CA LEU B 300 34.49 -30.85 37.08
C LEU B 300 33.75 -30.20 38.24
N LYS B 301 33.89 -28.87 38.35
CA LYS B 301 33.30 -28.16 39.46
C LYS B 301 32.72 -26.86 39.03
N ALA B 302 31.71 -26.44 39.81
CA ALA B 302 31.14 -25.12 39.63
C ALA B 302 32.27 -24.08 39.71
N GLY B 303 32.21 -23.12 38.82
CA GLY B 303 33.22 -22.07 38.74
C GLY B 303 34.42 -22.41 37.85
N ASP B 304 34.56 -23.65 37.40
CA ASP B 304 35.57 -23.93 36.40
C ASP B 304 35.21 -23.23 35.10
N ILE B 305 36.19 -22.86 34.30
CA ILE B 305 36.00 -22.28 32.98
C ILE B 305 36.49 -23.31 31.97
N ILE B 306 35.58 -23.81 31.14
CA ILE B 306 35.92 -24.76 30.12
C ILE B 306 36.58 -24.02 28.96
N THR B 307 37.80 -24.43 28.62
CA THR B 307 38.53 -23.86 27.47
C THR B 307 38.70 -24.84 26.30
N GLN B 308 38.35 -26.10 26.49
CA GLN B 308 38.42 -27.04 25.39
C GLN B 308 37.65 -28.32 25.69
N ILE B 309 36.89 -28.75 24.72
CA ILE B 309 36.31 -30.07 24.76
C ILE B 309 36.85 -30.82 23.54
N ASN B 310 37.33 -32.03 23.77
CA ASN B 310 38.01 -32.86 22.77
C ASN B 310 39.04 -32.08 21.97
N ASP B 311 38.70 -31.67 20.74
CA ASP B 311 39.67 -30.85 19.99
C ASP B 311 39.17 -29.47 19.64
N THR B 312 38.02 -29.09 20.21
CA THR B 312 37.43 -27.79 19.94
C THR B 312 37.77 -26.84 21.06
N LYS B 313 38.36 -25.73 20.69
CA LYS B 313 38.77 -24.70 21.65
C LYS B 313 37.46 -23.95 21.97
N ILE B 314 37.18 -23.73 23.25
CA ILE B 314 35.91 -23.12 23.67
C ILE B 314 36.17 -21.67 24.01
N THR B 315 35.51 -20.78 23.29
CA THR B 315 35.50 -19.34 23.59
C THR B 315 34.10 -18.73 23.90
N GLN B 316 33.02 -19.48 23.63
CA GLN B 316 31.61 -19.04 23.82
C GLN B 316 30.85 -20.18 24.51
N ALA B 317 30.03 -19.88 25.52
CA ALA B 317 29.31 -20.94 26.23
C ALA B 317 28.38 -21.77 25.32
N THR B 318 27.84 -21.15 24.29
CA THR B 318 26.92 -21.82 23.40
C THR B 318 27.60 -22.96 22.60
N GLN B 319 28.90 -22.85 22.32
CA GLN B 319 29.64 -23.99 21.72
C GLN B 319 29.66 -25.23 22.58
N VAL B 320 29.74 -25.06 23.89
CA VAL B 320 29.76 -26.20 24.76
C VAL B 320 28.44 -26.90 24.68
N LYS B 321 27.42 -26.08 24.85
CA LYS B 321 26.03 -26.51 24.95
C LYS B 321 25.73 -27.37 23.73
N THR B 322 26.19 -26.93 22.54
CA THR B 322 26.04 -27.76 21.34
C THR B 322 27.09 -28.86 21.36
N THR B 323 28.38 -28.65 21.08
CA THR B 323 29.38 -29.78 21.09
C THR B 323 29.00 -31.00 22.00
N ILE B 324 28.62 -30.75 23.26
CA ILE B 324 28.27 -31.84 24.17
C ILE B 324 26.95 -32.54 23.76
N SER B 325 25.95 -31.68 23.51
CA SER B 325 24.59 -32.05 23.08
C SER B 325 24.65 -33.25 22.19
N LEU B 326 25.36 -33.15 21.09
CA LEU B 326 25.32 -34.18 20.06
C LEU B 326 26.09 -35.43 20.37
N LEU B 327 27.12 -35.32 21.17
CA LEU B 327 28.04 -36.43 21.47
C LEU B 327 27.31 -37.71 21.95
N ARG B 328 27.82 -38.88 21.54
CA ARG B 328 27.10 -40.19 21.60
C ARG B 328 27.46 -41.10 22.80
N VAL B 329 26.48 -41.85 23.31
CA VAL B 329 26.67 -42.51 24.63
C VAL B 329 27.81 -43.47 24.56
N GLY B 330 28.65 -43.49 25.59
CA GLY B 330 29.89 -44.25 25.51
C GLY B 330 31.09 -43.45 25.04
N SER B 331 30.88 -42.28 24.41
CA SER B 331 32.01 -41.41 23.99
C SER B 331 32.83 -40.95 25.18
N THR B 332 34.15 -41.11 25.15
CA THR B 332 35.00 -40.44 26.11
C THR B 332 35.15 -38.98 25.63
N VAL B 333 35.20 -38.05 26.60
CA VAL B 333 35.27 -36.65 26.26
C VAL B 333 36.35 -36.00 27.08
N LYS B 334 37.30 -35.38 26.39
CA LYS B 334 38.38 -34.69 27.06
C LYS B 334 37.89 -33.28 27.30
N ILE B 335 38.02 -32.81 28.54
CA ILE B 335 37.57 -31.46 28.92
C ILE B 335 38.70 -30.70 29.56
N ILE B 336 39.08 -29.56 28.99
CA ILE B 336 40.15 -28.80 29.64
C ILE B 336 39.58 -27.62 30.37
N VAL B 337 40.14 -27.30 31.50
CA VAL B 337 39.47 -26.39 32.36
C VAL B 337 40.45 -25.51 33.09
N GLU B 338 39.95 -24.36 33.49
CA GLU B 338 40.78 -23.44 34.16
C GLU B 338 40.16 -23.25 35.54
N ARG B 339 40.93 -23.49 36.59
CA ARG B 339 40.40 -23.50 37.95
C ARG B 339 41.34 -22.75 38.86
N ASP B 340 40.90 -21.54 39.23
CA ASP B 340 41.70 -20.58 39.98
C ASP B 340 43.02 -20.45 39.26
N ASN B 341 42.95 -20.10 37.98
CA ASN B 341 44.12 -19.88 37.11
C ASN B 341 45.08 -21.02 36.78
N LYS B 342 44.73 -22.24 37.19
CA LYS B 342 45.50 -23.47 36.97
C LYS B 342 44.75 -24.34 35.98
N PRO B 343 45.38 -24.72 34.87
CA PRO B 343 44.66 -25.54 33.94
C PRO B 343 44.59 -26.97 34.46
N LEU B 344 43.51 -27.69 34.12
CA LEU B 344 43.34 -29.12 34.47
C LEU B 344 42.78 -29.84 33.26
N THR B 345 43.11 -31.11 33.09
CA THR B 345 42.51 -31.91 32.02
C THR B 345 41.71 -33.00 32.67
N LEU B 346 40.49 -33.15 32.18
CA LEU B 346 39.56 -34.04 32.81
C LEU B 346 39.03 -34.86 31.71
N SER B 347 38.40 -35.94 32.09
CA SER B 347 37.99 -36.98 31.19
C SER B 347 36.68 -37.61 31.76
N ALA B 348 35.66 -37.57 30.92
CA ALA B 348 34.32 -37.95 31.31
C ALA B 348 33.74 -38.86 30.24
N VAL B 349 32.91 -39.83 30.63
CA VAL B 349 32.20 -40.70 29.65
C VAL B 349 30.70 -40.36 29.58
N VAL B 350 30.18 -40.11 28.38
CA VAL B 350 28.78 -39.78 28.23
C VAL B 350 28.05 -41.01 28.70
N THR B 351 26.90 -40.87 29.37
CA THR B 351 26.10 -42.03 29.72
C THR B 351 24.69 -41.99 29.17
N ASP B 352 24.00 -43.12 29.28
CA ASP B 352 22.65 -43.23 28.74
C ASP B 352 21.74 -42.63 29.74
N ILE B 353 20.87 -41.76 29.26
CA ILE B 353 19.98 -41.04 30.13
C ILE B 353 19.09 -41.99 30.89
N LYS B 354 18.55 -43.02 30.23
CA LYS B 354 17.71 -43.97 30.98
C LYS B 354 18.54 -44.82 31.90
N SER B 355 19.81 -45.07 31.58
CA SER B 355 20.63 -45.83 32.51
C SER B 355 20.93 -45.04 33.75
N HIS B 356 21.32 -43.79 33.58
CA HIS B 356 21.55 -42.88 34.69
C HIS B 356 20.35 -42.73 35.61
N GLU B 357 19.17 -42.51 35.04
CA GLU B 357 17.95 -42.43 35.80
C GLU B 357 17.69 -43.70 36.56
N GLN B 358 17.92 -44.85 35.93
CA GLN B 358 17.74 -46.17 36.57
C GLN B 358 18.70 -46.40 37.71
N LYS B 359 19.92 -45.92 37.58
CA LYS B 359 20.91 -46.07 38.63
C LYS B 359 20.41 -45.34 39.83
N LEU B 360 20.29 -44.01 39.69
CA LEU B 360 19.72 -43.11 40.71
C LEU B 360 18.52 -43.71 41.44
N GLN B 361 17.53 -44.18 40.70
CA GLN B 361 16.34 -44.80 41.30
C GLN B 361 16.78 -45.96 42.16
N SER B 362 17.29 -47.02 41.53
CA SER B 362 17.92 -48.17 42.23
C SER B 362 18.83 -47.82 43.45
N ASN B 363 19.58 -46.73 43.40
CA ASN B 363 20.37 -46.34 44.57
C ASN B 363 19.49 -45.88 45.73
N ASN B 364 18.54 -44.99 45.44
CA ASN B 364 17.76 -44.22 46.43
C ASN B 364 16.27 -44.55 46.22
N PRO B 365 15.87 -45.81 46.43
CA PRO B 365 14.65 -46.41 45.80
C PRO B 365 13.27 -45.89 46.24
N PHE B 366 13.18 -45.26 47.42
CA PHE B 366 11.89 -44.76 47.90
C PHE B 366 11.75 -43.24 47.80
N LEU B 367 12.84 -42.51 48.02
CA LEU B 367 12.76 -41.07 48.20
C LEU B 367 13.24 -40.31 46.97
N TYR B 368 13.67 -41.05 45.94
CA TYR B 368 14.17 -40.41 44.75
C TYR B 368 13.03 -39.59 44.10
N GLY B 369 13.34 -38.33 43.75
CA GLY B 369 12.44 -37.43 43.03
C GLY B 369 11.66 -36.61 44.05
N LEU B 370 11.93 -36.80 45.31
CA LEU B 370 11.21 -36.07 46.30
C LEU B 370 12.11 -34.96 46.84
N ALA B 371 11.54 -33.75 46.86
CA ALA B 371 12.16 -32.62 47.56
C ALA B 371 11.60 -32.57 48.97
N LEU B 372 12.47 -32.46 49.97
CA LEU B 372 12.13 -32.70 51.37
C LEU B 372 12.79 -31.76 52.36
N ARG B 373 12.05 -31.33 53.40
CA ARG B 373 12.68 -30.59 54.53
C ARG B 373 12.00 -30.81 55.90
N ALA B 374 12.79 -30.63 56.94
CA ALA B 374 12.33 -30.73 58.32
C ALA B 374 11.16 -29.78 58.53
N PHE B 375 10.26 -30.18 59.41
CA PHE B 375 9.00 -29.50 59.63
C PHE B 375 8.70 -29.69 61.10
N GLU B 376 8.49 -28.57 61.77
CA GLU B 376 7.94 -28.55 63.11
C GLU B 376 6.94 -27.45 63.16
N GLN B 377 5.70 -27.76 63.46
CA GLN B 377 4.70 -26.78 63.43
C GLN B 377 3.50 -27.22 64.22
N GLU B 378 2.98 -26.36 65.09
CA GLU B 378 1.68 -26.59 65.71
C GLU B 378 0.60 -26.58 64.63
N SER B 379 -0.14 -27.67 64.44
CA SER B 379 -1.09 -27.73 63.31
C SER B 379 -2.42 -28.28 63.66
N PRO B 380 -3.28 -27.44 64.24
CA PRO B 380 -4.62 -27.92 64.61
C PRO B 380 -5.27 -28.73 63.46
N PRO B 381 -5.85 -29.89 63.78
CA PRO B 381 -6.18 -30.41 65.10
C PRO B 381 -5.22 -31.50 65.59
N HIS B 382 -3.99 -31.57 65.05
CA HIS B 382 -3.05 -32.66 65.33
C HIS B 382 -2.06 -32.34 66.44
N GLY B 383 -2.06 -31.11 66.97
CA GLY B 383 -1.13 -30.78 68.04
C GLY B 383 0.20 -30.45 67.47
N ASN B 384 1.28 -30.70 68.17
CA ASN B 384 2.56 -30.43 67.61
C ASN B 384 3.10 -31.49 66.59
N VAL B 385 3.11 -31.12 65.31
CA VAL B 385 3.43 -32.02 64.22
C VAL B 385 4.87 -31.85 63.84
N ILE B 386 5.63 -32.95 64.03
CA ILE B 386 7.04 -33.07 63.73
C ILE B 386 7.24 -34.13 62.64
N GLY B 387 8.09 -33.87 61.64
CA GLY B 387 8.03 -34.65 60.40
C GLY B 387 8.89 -34.12 59.32
N VAL B 388 8.86 -34.78 58.15
CA VAL B 388 9.43 -34.16 57.00
C VAL B 388 8.41 -33.88 55.93
N GLN B 389 8.57 -32.72 55.33
CA GLN B 389 7.57 -32.15 54.48
C GLN B 389 8.08 -32.38 53.13
N VAL B 390 7.19 -32.82 52.25
CA VAL B 390 7.54 -33.06 50.95
C VAL B 390 7.16 -31.80 50.24
N VAL B 391 8.18 -31.08 49.84
CA VAL B 391 8.03 -29.79 49.18
C VAL B 391 7.68 -30.01 47.71
N GLY B 392 8.31 -31.00 47.12
CA GLY B 392 8.10 -31.35 45.71
C GLY B 392 8.20 -32.84 45.50
N ALA B 393 7.54 -33.33 44.46
CA ALA B 393 7.54 -34.72 44.19
C ALA B 393 7.48 -34.87 42.71
N SER B 394 8.48 -35.45 42.15
CA SER B 394 8.45 -35.64 40.75
C SER B 394 7.37 -36.68 40.36
N GLU B 395 6.74 -36.46 39.24
CA GLU B 395 5.61 -37.30 38.86
C GLU B 395 6.01 -38.73 38.45
N ASN B 396 7.26 -38.95 38.10
CA ASN B 396 7.77 -40.31 37.83
C ASN B 396 8.48 -40.95 39.08
N SER B 397 8.29 -40.38 40.24
CA SER B 397 8.91 -40.94 41.46
C SER B 397 8.09 -42.13 41.99
N ALA B 398 8.71 -42.95 42.80
CA ALA B 398 8.03 -44.08 43.47
C ALA B 398 7.07 -43.48 44.53
N GLY B 399 7.42 -42.33 45.08
CA GLY B 399 6.54 -41.60 45.99
C GLY B 399 5.24 -41.12 45.41
N TRP B 400 5.33 -40.41 44.28
CA TRP B 400 4.15 -39.93 43.61
C TRP B 400 3.30 -41.15 43.23
N ARG B 401 3.88 -42.22 42.71
CA ARG B 401 3.11 -43.43 42.44
C ARG B 401 2.33 -43.91 43.69
N ALA B 402 2.96 -43.92 44.85
CA ALA B 402 2.29 -44.34 46.07
C ALA B 402 1.19 -43.37 46.53
N GLY B 403 1.14 -42.15 45.97
CA GLY B 403 0.16 -41.15 46.46
C GLY B 403 0.65 -39.97 47.27
N ILE B 404 1.96 -39.88 47.51
CA ILE B 404 2.54 -38.73 48.17
C ILE B 404 2.37 -37.55 47.24
N ARG B 405 2.00 -36.39 47.80
CA ARG B 405 1.90 -35.13 47.11
C ARG B 405 2.53 -33.99 47.87
N PRO B 406 2.93 -32.93 47.14
CA PRO B 406 3.61 -31.82 47.74
C PRO B 406 2.75 -31.23 48.81
N GLY B 407 3.35 -30.75 49.89
CA GLY B 407 2.52 -30.38 51.03
C GLY B 407 2.28 -31.47 52.08
N ASP B 408 2.42 -32.77 51.70
CA ASP B 408 2.29 -33.84 52.69
C ASP B 408 3.43 -33.76 53.69
N ILE B 409 3.13 -34.17 54.94
CA ILE B 409 4.08 -34.30 55.98
C ILE B 409 4.22 -35.78 56.37
N ILE B 410 5.40 -36.34 56.15
CA ILE B 410 5.69 -37.66 56.55
C ILE B 410 5.94 -37.57 58.02
N ILE B 411 5.08 -38.16 58.83
CA ILE B 411 5.34 -38.20 60.28
C ILE B 411 5.83 -39.54 60.83
N SER B 412 5.67 -40.65 60.13
CA SER B 412 6.39 -41.85 60.58
C SER B 412 6.78 -42.62 59.36
N ALA B 413 7.75 -43.48 59.54
CA ALA B 413 8.24 -44.35 58.48
C ALA B 413 8.61 -45.73 59.07
N ASN B 414 8.19 -46.79 58.39
CA ASN B 414 8.22 -48.12 59.03
C ASN B 414 7.92 -48.09 60.52
N LYS B 415 6.80 -47.50 60.84
CA LYS B 415 6.28 -47.40 62.20
C LYS B 415 7.20 -46.67 63.17
N LYS B 416 8.12 -45.89 62.67
CA LYS B 416 8.99 -45.13 63.57
C LYS B 416 8.82 -43.65 63.30
N PRO B 417 8.96 -42.79 64.35
CA PRO B 417 8.86 -41.35 64.14
C PRO B 417 10.02 -40.80 63.25
N VAL B 418 9.70 -39.76 62.51
CA VAL B 418 10.58 -39.08 61.62
C VAL B 418 10.71 -37.65 62.15
N THR B 419 11.95 -37.19 62.36
CA THR B 419 12.27 -35.83 62.81
C THR B 419 12.92 -34.98 61.72
N ASP B 420 14.11 -35.29 61.33
CA ASP B 420 14.68 -34.56 60.19
C ASP B 420 14.74 -35.44 58.94
N VAL B 421 15.17 -34.82 57.86
CA VAL B 421 15.44 -35.50 56.63
C VAL B 421 16.34 -36.75 56.78
N LYS B 422 17.41 -36.62 57.58
CA LYS B 422 18.37 -37.74 57.76
C LYS B 422 17.68 -38.98 58.35
N SER B 423 16.70 -38.73 59.23
CA SER B 423 16.15 -39.82 60.00
C SER B 423 15.26 -40.58 59.06
N LEU B 424 14.68 -39.88 58.08
CA LEU B 424 13.81 -40.52 57.13
C LEU B 424 14.68 -41.33 56.18
N GLN B 425 15.83 -40.78 55.81
CA GLN B 425 16.76 -41.41 54.86
C GLN B 425 17.29 -42.73 55.43
N THR B 426 17.60 -42.73 56.71
CA THR B 426 18.10 -43.89 57.42
C THR B 426 17.04 -44.93 57.52
N ILE B 427 15.85 -44.59 58.02
CA ILE B 427 14.77 -45.57 57.98
C ILE B 427 14.49 -46.13 56.60
N ALA B 428 14.47 -45.28 55.58
CA ALA B 428 14.42 -45.70 54.17
C ALA B 428 15.43 -46.80 53.79
N GLN B 429 16.55 -46.85 54.47
CA GLN B 429 17.56 -47.90 54.16
C GLN B 429 17.21 -49.23 54.82
N GLU B 430 16.15 -49.30 55.62
CA GLU B 430 15.81 -50.59 56.24
C GLU B 430 15.57 -51.63 55.13
N LYS B 431 16.31 -52.73 55.17
CA LYS B 431 16.63 -53.39 53.86
C LYS B 431 15.36 -54.08 53.32
N LYS B 432 14.63 -53.38 52.44
CA LYS B 432 13.28 -53.81 52.10
C LYS B 432 12.88 -53.65 50.61
N LYS B 433 11.66 -54.08 50.34
CA LYS B 433 11.05 -53.85 49.03
C LYS B 433 10.00 -52.73 49.12
N GLU B 434 9.76 -52.22 50.31
CA GLU B 434 8.70 -51.28 50.53
C GLU B 434 9.05 -50.39 51.69
N LEU B 435 8.50 -49.19 51.68
CA LEU B 435 8.64 -48.27 52.75
C LEU B 435 7.24 -47.90 53.14
N LEU B 436 6.92 -48.15 54.40
CA LEU B 436 5.64 -47.75 54.94
C LEU B 436 5.73 -46.33 55.50
N VAL B 437 4.88 -45.47 55.00
CA VAL B 437 4.88 -44.07 55.39
C VAL B 437 3.47 -43.63 55.86
N GLN B 438 3.45 -42.89 56.96
CA GLN B 438 2.23 -42.25 57.41
C GLN B 438 2.31 -40.76 57.04
N VAL B 439 1.44 -40.33 56.12
CA VAL B 439 1.40 -38.98 55.68
C VAL B 439 0.19 -38.22 56.24
N LEU B 440 0.50 -37.03 56.72
CA LEU B 440 -0.49 -36.14 57.19
C LEU B 440 -0.76 -35.18 56.01
N ARG B 441 -2.04 -35.02 55.66
CA ARG B 441 -2.42 -34.04 54.62
C ARG B 441 -3.59 -33.11 55.11
N GLY B 442 -3.34 -31.81 55.20
CA GLY B 442 -4.31 -30.94 55.87
C GLY B 442 -4.77 -31.51 57.22
N PRO B 443 -6.08 -31.75 57.38
CA PRO B 443 -6.56 -32.23 58.66
C PRO B 443 -6.63 -33.78 58.77
N GLY B 444 -6.40 -34.51 57.66
CA GLY B 444 -6.24 -35.96 57.70
C GLY B 444 -4.81 -36.61 57.61
N SER B 445 -4.83 -37.95 57.57
CA SER B 445 -3.65 -38.79 57.56
C SER B 445 -3.89 -40.02 56.72
N MET B 446 -2.84 -40.73 56.41
CA MET B 446 -3.00 -41.92 55.67
C MET B 446 -1.69 -42.66 55.65
N TYR B 447 -1.78 -43.99 55.65
CA TYR B 447 -0.64 -44.82 55.39
C TYR B 447 -0.54 -45.07 53.92
N LEU B 448 0.70 -45.00 53.43
CA LEU B 448 0.98 -45.27 52.04
C LEU B 448 2.20 -46.18 52.03
N LEU B 449 2.29 -47.00 51.01
CA LEU B 449 3.39 -47.89 50.84
C LEU B 449 4.12 -47.54 49.59
N VAL B 450 5.38 -47.16 49.71
CA VAL B 450 6.20 -46.86 48.58
C VAL B 450 7.02 -48.04 48.20
N ILE B 451 6.97 -48.39 46.90
CA ILE B 451 7.58 -49.60 46.35
C ILE B 451 8.39 -49.27 45.08
N MET C 18 38.02 -8.98 1.50
CA MET C 18 36.56 -9.35 1.55
C MET C 18 35.78 -8.31 2.37
N PRO C 19 34.75 -7.67 1.75
CA PRO C 19 34.10 -6.55 2.44
C PRO C 19 33.18 -6.98 3.65
N SER C 20 33.16 -6.13 4.67
CA SER C 20 32.42 -6.41 5.89
C SER C 20 32.27 -5.13 6.68
N MET C 21 31.18 -5.06 7.44
CA MET C 21 30.99 -4.01 8.46
C MET C 21 31.55 -4.49 9.80
N ALA C 22 31.97 -5.73 9.86
CA ALA C 22 32.37 -6.36 11.12
C ALA C 22 33.44 -5.53 11.83
N PRO C 23 34.41 -5.01 11.07
CA PRO C 23 35.48 -4.34 11.81
C PRO C 23 35.03 -3.03 12.49
N VAL C 24 34.31 -2.18 11.80
CA VAL C 24 33.87 -0.98 12.52
C VAL C 24 32.84 -1.36 13.61
N LEU C 25 31.99 -2.35 13.36
CA LEU C 25 30.96 -2.72 14.35
C LEU C 25 31.58 -3.28 15.65
N LYS C 26 32.58 -4.15 15.55
CA LYS C 26 33.23 -4.71 16.72
C LYS C 26 33.72 -3.60 17.68
N ASN C 27 34.28 -2.54 17.12
CA ASN C 27 34.83 -1.46 17.94
C ASN C 27 33.82 -0.51 18.56
N ILE C 28 32.71 -0.24 17.90
CA ILE C 28 31.74 0.72 18.43
C ILE C 28 30.60 0.11 19.24
N MET C 29 30.50 -1.21 19.25
CA MET C 29 29.42 -1.90 19.96
C MET C 29 29.33 -1.69 21.49
N PRO C 30 30.47 -1.59 22.19
CA PRO C 30 30.35 -1.34 23.64
C PRO C 30 29.74 0.03 24.01
N ALA C 31 29.64 0.93 23.01
CA ALA C 31 29.11 2.25 23.22
C ALA C 31 27.61 2.17 23.27
N ILE C 32 27.02 1.05 22.89
CA ILE C 32 25.59 0.93 22.86
C ILE C 32 25.09 0.08 24.01
N VAL C 33 24.11 0.59 24.71
CA VAL C 33 23.68 -0.02 25.93
C VAL C 33 22.20 -0.38 25.89
N ASN C 34 21.83 -1.25 26.81
CA ASN C 34 20.40 -1.54 27.06
C ASN C 34 19.92 -0.63 28.17
N VAL C 35 18.71 -0.06 27.99
CA VAL C 35 18.15 0.80 29.00
C VAL C 35 16.86 0.24 29.50
N ALA C 36 16.85 -0.22 30.76
CA ALA C 36 15.68 -0.87 31.32
C ALA C 36 15.03 0.01 32.37
N VAL C 37 13.71 0.12 32.28
CA VAL C 37 12.90 1.07 33.04
C VAL C 37 11.73 0.38 33.73
N GLN C 38 11.48 0.76 34.97
CA GLN C 38 10.32 0.28 35.73
C GLN C 38 9.65 1.47 36.35
N GLY C 39 8.33 1.53 36.27
CA GLY C 39 7.61 2.64 36.88
C GLY C 39 6.14 2.42 37.02
N TYR C 40 5.43 3.50 37.34
CA TYR C 40 3.95 3.51 37.37
C TYR C 40 3.44 4.66 36.52
N LEU C 41 2.60 4.36 35.54
CA LEU C 41 1.82 5.41 34.83
C LEU C 41 0.66 5.92 35.73
N PRO C 42 0.28 7.23 35.60
CA PRO C 42 -0.98 7.78 36.21
C PRO C 42 -2.22 7.64 35.34
N LYS C 74 1.12 0.24 36.62
CA LYS C 74 2.46 -0.36 36.86
C LYS C 74 3.11 -0.96 35.60
N PHE C 75 4.32 -0.54 35.25
CA PHE C 75 4.92 -1.01 33.97
C PHE C 75 6.43 -1.25 33.95
N GLU C 76 6.83 -1.88 32.85
CA GLU C 76 8.23 -2.18 32.53
C GLU C 76 8.43 -1.80 31.06
N SER C 77 9.64 -1.36 30.69
CA SER C 77 9.95 -1.10 29.26
C SER C 77 11.43 -0.90 28.96
N ILE C 78 11.88 -1.53 27.87
CA ILE C 78 13.29 -1.53 27.41
C ILE C 78 13.53 -0.72 26.15
N GLY C 79 14.72 -0.13 26.06
CA GLY C 79 15.18 0.46 24.86
C GLY C 79 16.67 0.44 24.94
N SER C 80 17.30 1.23 24.10
CA SER C 80 18.72 1.30 24.05
C SER C 80 19.22 2.73 24.34
N GLY C 81 20.52 2.87 24.55
CA GLY C 81 21.18 4.16 24.75
C GLY C 81 22.54 4.16 24.08
N VAL C 82 23.10 5.32 23.91
CA VAL C 82 24.44 5.43 23.39
C VAL C 82 25.25 6.25 24.36
N ILE C 83 26.49 5.80 24.57
CA ILE C 83 27.40 6.48 25.47
C ILE C 83 28.06 7.54 24.64
N ILE C 84 27.91 8.79 25.02
CA ILE C 84 28.55 9.86 24.22
C ILE C 84 29.71 10.48 24.94
N ASP C 85 29.76 10.29 26.26
CA ASP C 85 30.91 10.77 26.99
C ASP C 85 31.41 9.69 27.91
N PRO C 86 32.51 9.02 27.53
CA PRO C 86 32.91 7.87 28.31
C PRO C 86 33.53 8.24 29.66
N ASN C 87 34.12 9.41 29.76
CA ASN C 87 34.80 9.88 30.98
C ASN C 87 33.83 10.30 32.07
N ASN C 88 32.68 10.82 31.67
CA ASN C 88 31.63 11.27 32.59
C ASN C 88 30.42 10.35 32.60
N GLY C 89 30.37 9.39 31.67
CA GLY C 89 29.28 8.39 31.71
C GLY C 89 27.92 8.96 31.30
N VAL C 90 27.97 9.80 30.29
CA VAL C 90 26.77 10.38 29.82
C VAL C 90 26.22 9.46 28.77
N ILE C 91 24.96 9.08 28.91
CA ILE C 91 24.28 8.30 27.90
C ILE C 91 23.09 9.04 27.29
N ILE C 92 22.96 8.99 25.95
CA ILE C 92 21.75 9.48 25.35
C ILE C 92 20.80 8.34 24.98
N THR C 93 19.51 8.58 25.15
CA THR C 93 18.43 7.62 24.75
C THR C 93 17.20 8.48 24.35
N ASN C 94 16.04 7.89 24.03
CA ASN C 94 14.81 8.69 23.83
C ASN C 94 14.05 8.98 25.14
N ASP C 95 13.53 10.20 25.24
CA ASP C 95 12.66 10.57 26.32
C ASP C 95 11.53 9.58 26.53
N HIS C 96 10.95 9.03 25.45
CA HIS C 96 9.82 8.12 25.60
C HIS C 96 10.22 6.80 26.23
N VAL C 97 11.52 6.49 26.15
CA VAL C 97 11.99 5.27 26.75
C VAL C 97 11.94 5.45 28.23
N ILE C 98 12.34 6.64 28.70
CA ILE C 98 12.43 6.83 30.15
C ILE C 98 11.32 7.61 30.85
N ARG C 99 10.30 8.10 30.16
CA ARG C 99 9.23 8.89 30.83
C ARG C 99 8.61 8.06 31.91
N ASN C 100 8.16 8.68 33.00
CA ASN C 100 7.41 7.96 34.06
C ASN C 100 8.22 6.87 34.80
N ALA C 101 9.54 6.98 34.77
CA ALA C 101 10.41 5.97 35.35
C ALA C 101 10.56 6.18 36.84
N SER C 102 10.40 5.10 37.61
CA SER C 102 10.90 5.08 38.99
C SER C 102 12.39 4.62 39.00
N LEU C 103 12.72 3.65 38.14
CA LEU C 103 14.06 3.03 38.15
C LEU C 103 14.52 2.83 36.72
N ILE C 104 15.78 3.20 36.49
CA ILE C 104 16.48 3.09 35.24
C ILE C 104 17.81 2.36 35.42
N THR C 105 17.93 1.23 34.73
CA THR C 105 19.12 0.34 34.76
C THR C 105 19.73 0.23 33.36
N VAL C 106 21.03 0.42 33.28
CA VAL C 106 21.82 0.39 32.08
C VAL C 106 22.65 -0.89 32.09
N THR C 107 22.64 -1.64 31.00
CA THR C 107 23.36 -2.91 30.94
C THR C 107 24.38 -2.74 29.88
N LEU C 108 25.64 -2.83 30.23
CA LEU C 108 26.70 -2.70 29.25
C LEU C 108 27.04 -4.04 28.64
N GLN C 109 27.76 -3.97 27.57
CA GLN C 109 28.17 -5.14 26.83
C GLN C 109 29.08 -6.01 27.71
N ASP C 110 29.92 -5.37 28.53
CA ASP C 110 30.83 -6.09 29.43
C ASP C 110 30.12 -6.76 30.57
N GLY C 111 28.80 -6.52 30.69
CA GLY C 111 27.89 -7.26 31.57
C GLY C 111 27.46 -6.48 32.80
N ARG C 112 28.18 -5.42 33.12
CA ARG C 112 27.78 -4.57 34.24
C ARG C 112 26.32 -4.05 34.05
N ARG C 113 25.48 -4.29 35.06
CA ARG C 113 24.17 -3.68 35.19
C ARG C 113 24.19 -2.56 36.25
N LEU C 114 23.91 -1.33 35.84
CA LEU C 114 24.16 -0.10 36.67
C LEU C 114 22.91 0.74 36.83
N LYS C 115 22.81 1.33 38.02
CA LYS C 115 21.78 2.29 38.35
C LYS C 115 22.13 3.57 37.59
N ALA C 116 21.24 4.04 36.70
CA ALA C 116 21.47 5.30 35.96
C ALA C 116 20.66 6.47 36.54
N ARG C 117 21.21 7.68 36.48
CA ARG C 117 20.47 8.91 36.88
C ARG C 117 19.95 9.67 35.65
N LEU C 118 18.72 10.16 35.69
CA LEU C 118 18.22 11.12 34.70
C LEU C 118 18.83 12.51 34.93
N ILE C 119 19.67 13.02 34.04
CA ILE C 119 20.05 14.40 34.10
C ILE C 119 18.84 15.26 33.69
N GLY C 120 18.21 14.86 32.59
CA GLY C 120 16.96 15.47 32.17
C GLY C 120 16.46 15.00 30.84
N GLY C 121 15.25 15.40 30.51
CA GLY C 121 14.57 14.96 29.32
C GLY C 121 13.91 16.07 28.58
N ASP C 122 13.60 15.83 27.31
CA ASP C 122 12.89 16.81 26.51
C ASP C 122 11.92 16.14 25.58
N SER C 123 10.63 16.25 25.90
CA SER C 123 9.66 15.49 25.19
C SER C 123 9.47 15.89 23.72
N GLU C 124 9.92 17.06 23.32
CA GLU C 124 9.61 17.54 21.99
C GLU C 124 10.61 17.00 21.03
N THR C 125 11.88 17.08 21.38
CA THR C 125 12.89 16.45 20.58
C THR C 125 13.02 14.93 20.82
N ASP C 126 12.26 14.38 21.77
CA ASP C 126 12.29 12.96 22.22
C ASP C 126 13.71 12.41 22.55
N LEU C 127 14.47 13.22 23.26
CA LEU C 127 15.77 12.89 23.75
C LEU C 127 15.81 12.97 25.28
N ALA C 128 16.72 12.21 25.90
CA ALA C 128 16.94 12.21 27.34
C ALA C 128 18.41 11.87 27.61
N VAL C 129 18.93 12.35 28.75
CA VAL C 129 20.35 12.27 29.08
C VAL C 129 20.44 11.56 30.41
N LEU C 130 21.35 10.57 30.46
CA LEU C 130 21.45 9.70 31.64
C LEU C 130 22.88 9.73 32.02
N LYS C 131 23.14 9.41 33.28
CA LYS C 131 24.51 9.37 33.80
C LYS C 131 24.64 8.10 34.58
N ILE C 132 25.71 7.40 34.29
CA ILE C 132 26.15 6.25 35.10
C ILE C 132 27.52 6.66 35.70
N ASP C 133 27.85 6.12 36.89
CA ASP C 133 29.14 6.30 37.55
C ASP C 133 29.85 4.98 37.32
N ALA C 134 30.76 5.00 36.37
CA ALA C 134 31.57 3.85 36.11
C ALA C 134 32.71 4.25 35.26
N LYS C 135 33.72 3.41 35.31
CA LYS C 135 34.93 3.60 34.54
C LYS C 135 34.97 2.49 33.50
N ASN C 136 36.01 2.55 32.69
CA ASN C 136 36.21 1.57 31.66
C ASN C 136 35.00 1.52 30.71
N LEU C 137 34.73 2.69 30.18
CA LEU C 137 33.61 2.93 29.29
C LEU C 137 34.10 3.31 27.94
N LYS C 138 33.34 2.88 26.93
CA LYS C 138 33.65 3.20 25.56
C LYS C 138 32.50 3.98 24.89
N SER C 139 32.91 4.83 23.94
CA SER C 139 32.03 5.67 23.13
C SER C 139 32.54 5.51 21.71
N LEU C 140 32.39 6.50 20.85
CA LEU C 140 32.64 6.31 19.44
C LEU C 140 32.69 7.66 18.81
N VAL C 141 33.25 7.79 17.62
CA VAL C 141 33.40 9.13 17.08
C VAL C 141 32.05 9.72 16.69
N ILE C 142 31.80 10.92 17.15
CA ILE C 142 30.56 11.59 16.88
C ILE C 142 30.71 12.38 15.61
N GLY C 143 29.92 12.06 14.58
CA GLY C 143 30.02 12.68 13.29
C GLY C 143 29.12 13.87 13.08
N ASP C 144 28.90 14.17 11.81
CA ASP C 144 28.18 15.35 11.42
C ASP C 144 27.03 14.95 10.54
N SER C 145 25.82 15.21 11.02
CA SER C 145 24.65 14.74 10.37
C SER C 145 24.29 15.57 9.15
N ASP C 146 24.76 16.82 9.08
CA ASP C 146 24.48 17.67 7.88
C ASP C 146 25.21 17.16 6.65
N LYS C 147 26.29 16.40 6.85
CA LYS C 147 27.05 15.77 5.75
C LYS C 147 26.38 14.47 5.21
N LEU C 148 25.19 14.12 5.73
CA LEU C 148 24.51 12.91 5.29
C LEU C 148 23.86 13.15 3.95
N GLU C 149 23.79 12.13 3.12
CA GLU C 149 23.08 12.21 1.86
C GLU C 149 22.28 10.95 1.65
N VAL C 150 21.11 11.10 1.04
CA VAL C 150 20.32 9.98 0.62
C VAL C 150 21.26 9.03 -0.13
N GLY C 151 21.19 7.73 0.18
CA GLY C 151 22.03 6.73 -0.49
C GLY C 151 23.27 6.35 0.27
N ASP C 152 23.63 7.06 1.33
CA ASP C 152 24.76 6.63 2.17
C ASP C 152 24.38 5.39 2.91
N PHE C 153 25.32 4.46 3.07
CA PHE C 153 25.11 3.27 3.88
C PHE C 153 25.18 3.56 5.37
N VAL C 154 24.38 2.83 6.13
CA VAL C 154 24.26 3.06 7.59
C VAL C 154 23.95 1.75 8.31
N VAL C 155 24.31 1.66 9.58
CA VAL C 155 23.90 0.55 10.41
C VAL C 155 23.19 1.15 11.54
N ALA C 156 22.03 0.57 11.82
CA ALA C 156 21.30 0.87 13.02
C ALA C 156 21.58 -0.23 14.02
N ILE C 157 22.08 0.19 15.18
CA ILE C 157 22.39 -0.71 16.29
C ILE C 157 21.43 -0.49 17.46
N GLY C 158 20.84 -1.58 17.94
CA GLY C 158 19.84 -1.51 18.97
C GLY C 158 18.74 -2.54 18.80
N ASN C 159 18.38 -3.17 19.89
CA ASN C 159 17.35 -4.20 19.84
C ASN C 159 15.98 -3.61 19.56
N PRO C 160 15.10 -4.38 18.90
CA PRO C 160 13.69 -4.03 18.78
C PRO C 160 12.89 -4.41 20.01
N PHE C 161 11.67 -3.88 20.13
CA PHE C 161 10.80 -4.13 21.29
C PHE C 161 10.69 -5.63 21.59
N GLY C 162 10.88 -5.99 22.86
CA GLY C 162 10.70 -7.38 23.30
C GLY C 162 11.84 -8.34 22.96
N LEU C 163 12.65 -7.97 21.95
CA LEU C 163 13.78 -8.81 21.50
C LEU C 163 14.94 -8.54 22.46
N ASN C 164 14.61 -8.26 23.73
CA ASN C 164 15.51 -7.56 24.65
C ASN C 164 15.44 -8.11 26.10
N GLN C 170 23.00 -6.62 21.48
CA GLN C 170 22.42 -5.50 20.67
C GLN C 170 22.47 -5.70 19.16
N SER C 171 21.33 -5.93 18.53
CA SER C 171 21.26 -6.22 17.09
C SER C 171 21.70 -5.06 16.17
N ALA C 172 22.30 -5.41 15.03
CA ALA C 172 22.67 -4.51 13.96
C ALA C 172 21.85 -4.81 12.71
N THR C 173 21.33 -3.75 12.04
CA THR C 173 20.79 -3.85 10.67
C THR C 173 21.49 -2.83 9.75
N PHE C 174 21.60 -3.20 8.46
CA PHE C 174 22.31 -2.43 7.45
C PHE C 174 21.32 -1.87 6.39
N GLY C 175 21.56 -0.67 5.90
CA GLY C 175 20.81 -0.19 4.77
C GLY C 175 21.32 1.15 4.31
N ILE C 176 20.47 1.93 3.63
CA ILE C 176 20.87 3.29 3.23
C ILE C 176 20.03 4.36 3.90
N VAL C 177 20.55 5.57 3.93
CA VAL C 177 19.74 6.70 4.28
C VAL C 177 18.77 6.75 3.12
N SER C 178 17.52 6.86 3.46
CA SER C 178 16.46 6.75 2.52
C SER C 178 15.77 8.09 2.17
N ALA C 179 15.78 9.05 3.10
CA ALA C 179 15.26 10.41 2.91
C ALA C 179 15.66 11.28 4.09
N LEU C 180 15.81 12.57 3.87
CA LEU C 180 16.11 13.50 4.96
C LEU C 180 14.94 14.44 5.12
N LYS C 181 14.83 15.03 6.32
CA LYS C 181 13.95 16.21 6.60
C LYS C 181 12.53 15.94 7.14
N ARG C 182 12.14 14.66 7.28
CA ARG C 182 10.80 14.25 7.81
C ARG C 182 10.44 14.94 9.14
N ASN C 192 11.35 15.85 12.21
CA ASN C 192 12.55 16.09 11.36
C ASN C 192 13.63 14.91 11.29
N PHE C 193 13.17 13.69 11.02
CA PHE C 193 14.07 12.54 11.10
C PHE C 193 14.95 12.22 9.87
N ILE C 194 16.13 11.68 10.13
CA ILE C 194 16.77 10.87 9.15
C ILE C 194 15.86 9.66 9.03
N GLN C 195 15.54 9.30 7.81
CA GLN C 195 14.82 8.08 7.48
C GLN C 195 15.73 7.13 6.69
N THR C 196 15.50 5.85 6.86
CA THR C 196 16.43 4.78 6.54
C THR C 196 15.61 3.53 6.18
N ASP C 197 16.18 2.55 5.47
CA ASP C 197 15.54 1.23 5.32
C ASP C 197 16.30 0.16 6.10
N ALA C 198 17.01 0.60 7.15
CA ALA C 198 17.72 -0.21 8.09
C ALA C 198 16.81 -0.35 9.31
N ALA C 199 15.90 -1.28 9.30
CA ALA C 199 15.06 -1.45 10.47
C ALA C 199 14.66 -2.91 10.64
N ILE C 200 14.56 -3.36 11.87
CA ILE C 200 14.11 -4.73 12.18
C ILE C 200 13.09 -4.69 13.33
N GLY C 201 12.09 -5.52 13.25
CA GLY C 201 11.15 -5.66 14.33
C GLY C 201 10.37 -4.42 14.75
N GLY C 202 10.11 -3.50 13.80
CA GLY C 202 9.48 -2.22 14.14
C GLY C 202 10.46 -1.06 14.46
N GLY C 203 11.76 -1.37 14.45
CA GLY C 203 12.79 -0.37 14.74
C GLY C 203 13.22 -0.32 16.18
N ASN C 204 14.30 0.42 16.36
CA ASN C 204 14.83 0.60 17.69
C ASN C 204 14.65 2.01 18.21
N SER C 205 14.53 2.09 19.54
CA SER C 205 14.44 3.33 20.27
C SER C 205 15.64 3.47 21.16
N GLY C 206 16.49 4.45 20.84
CA GLY C 206 17.48 4.99 21.78
C GLY C 206 18.86 4.70 21.39
N GLY C 207 19.01 3.82 20.40
CA GLY C 207 20.29 3.28 20.05
C GLY C 207 20.95 4.10 19.00
N ALA C 208 22.03 3.59 18.47
CA ALA C 208 22.86 4.32 17.54
C ALA C 208 22.55 4.10 16.09
N LEU C 209 22.71 5.16 15.31
CA LEU C 209 22.80 5.09 13.87
C LEU C 209 24.16 5.55 13.45
N VAL C 210 24.88 4.72 12.71
CA VAL C 210 26.20 5.09 12.31
C VAL C 210 26.34 5.02 10.84
N ASN C 211 27.30 5.76 10.30
CA ASN C 211 27.66 5.69 8.89
C ASN C 211 28.66 4.59 8.59
N ALA C 212 29.01 4.46 7.32
CA ALA C 212 29.98 3.42 6.93
C ALA C 212 31.29 3.48 7.73
N LYS C 213 31.70 4.63 8.23
CA LYS C 213 32.98 4.71 8.94
C LYS C 213 32.81 4.32 10.42
N GLY C 214 31.57 4.19 10.89
CA GLY C 214 31.33 3.87 12.28
C GLY C 214 31.04 5.05 13.18
N GLU C 215 30.80 6.21 12.59
CA GLU C 215 30.56 7.42 13.34
C GLU C 215 29.05 7.59 13.60
N LEU C 216 28.74 8.15 14.74
CA LEU C 216 27.40 8.27 15.20
C LEU C 216 26.86 9.45 14.42
N ILE C 217 25.78 9.23 13.69
CA ILE C 217 25.15 10.25 12.92
C ILE C 217 23.72 10.43 13.37
N GLY C 218 23.22 9.62 14.31
CA GLY C 218 21.86 9.74 14.81
C GLY C 218 21.51 8.80 15.95
N ILE C 219 20.40 9.06 16.63
CA ILE C 219 19.90 8.27 17.74
C ILE C 219 18.59 7.68 17.22
N ASN C 220 18.46 6.35 17.25
CA ASN C 220 17.34 5.72 16.57
C ASN C 220 16.03 6.08 17.28
N THR C 221 14.90 6.15 16.57
CA THR C 221 13.64 6.23 17.28
C THR C 221 12.55 5.39 16.62
N ALA C 222 11.83 4.56 17.37
CA ALA C 222 10.70 3.76 16.82
C ALA C 222 9.38 4.42 17.08
N ILE C 223 8.66 4.73 16.00
CA ILE C 223 7.25 5.10 16.08
C ILE C 223 6.42 3.87 16.50
N GLY C 229 4.79 5.11 8.40
CA GLY C 229 6.18 4.89 8.76
C GLY C 229 6.36 3.40 8.91
N ASN C 230 6.03 2.69 7.85
CA ASN C 230 5.59 1.33 7.92
C ASN C 230 6.78 0.37 8.07
N VAL C 231 6.57 -0.88 7.67
CA VAL C 231 7.58 -1.90 7.84
C VAL C 231 8.79 -1.57 7.01
N GLY C 232 9.97 -1.94 7.55
CA GLY C 232 11.23 -1.80 6.88
C GLY C 232 11.76 -0.39 6.93
N ILE C 233 11.08 0.54 7.58
CA ILE C 233 11.59 1.93 7.55
C ILE C 233 12.13 2.30 8.91
N GLY C 234 13.31 2.91 8.93
CA GLY C 234 13.88 3.31 10.20
C GLY C 234 13.95 4.81 10.28
N PHE C 235 14.14 5.28 11.50
CA PHE C 235 14.09 6.71 11.79
C PHE C 235 15.13 7.03 12.87
N ALA C 236 15.89 8.09 12.63
CA ALA C 236 16.85 8.52 13.59
C ALA C 236 16.76 10.08 13.78
N ILE C 237 17.15 10.53 14.97
CA ILE C 237 17.21 11.94 15.29
C ILE C 237 18.62 12.37 15.03
N PRO C 238 18.83 13.40 14.21
CA PRO C 238 20.21 13.65 13.70
C PRO C 238 21.23 14.08 14.77
N ILE C 239 22.46 13.61 14.64
CA ILE C 239 23.35 13.82 15.73
C ILE C 239 23.53 15.32 16.08
N ASN C 240 23.59 16.19 15.07
CA ASN C 240 23.93 17.61 15.35
C ASN C 240 22.86 18.19 16.25
N MET C 241 21.59 17.88 16.00
CA MET C 241 20.63 18.40 16.93
C MET C 241 20.81 17.75 18.33
N VAL C 242 21.20 16.48 18.40
CA VAL C 242 21.34 15.80 19.69
C VAL C 242 22.44 16.42 20.54
N LYS C 243 23.60 16.62 19.96
CA LYS C 243 24.68 17.39 20.63
C LYS C 243 24.07 18.62 21.39
N ASP C 244 23.25 19.41 20.72
CA ASP C 244 22.86 20.72 21.29
C ASP C 244 21.87 20.52 22.41
N VAL C 245 20.92 19.59 22.27
CA VAL C 245 19.98 19.45 23.36
C VAL C 245 20.68 18.79 24.52
N ALA C 246 21.75 18.03 24.25
CA ALA C 246 22.54 17.38 25.31
C ALA C 246 23.33 18.35 26.20
N GLN C 247 24.12 19.25 25.59
CA GLN C 247 24.89 20.22 26.38
C GLN C 247 23.95 21.08 27.22
N GLN C 248 22.82 21.50 26.63
CA GLN C 248 21.83 22.28 27.36
C GLN C 248 21.16 21.50 28.47
N ILE C 249 20.83 20.23 28.23
CA ILE C 249 20.32 19.44 29.33
C ILE C 249 21.39 19.32 30.45
N ILE C 250 22.65 19.30 30.09
CA ILE C 250 23.70 18.93 31.03
C ILE C 250 23.98 20.15 31.86
N LYS C 251 24.05 21.30 31.20
CA LYS C 251 24.24 22.56 31.86
C LYS C 251 23.05 22.91 32.75
N PHE C 252 21.83 22.81 32.24
CA PHE C 252 20.68 23.39 32.96
C PHE C 252 19.64 22.46 33.51
N GLY C 253 19.68 21.18 33.13
CA GLY C 253 18.67 20.19 33.58
C GLY C 253 17.43 20.01 32.71
N SER C 254 17.26 20.88 31.73
CA SER C 254 16.12 20.85 30.79
C SER C 254 16.26 21.94 29.76
N ILE C 255 15.43 21.89 28.71
CA ILE C 255 15.42 22.97 27.73
C ILE C 255 14.34 23.98 28.17
N HIS C 256 14.68 25.26 28.15
CA HIS C 256 13.72 26.33 28.45
C HIS C 256 13.60 27.19 27.21
N ARG C 257 12.75 26.77 26.30
CA ARG C 257 12.59 27.47 25.06
C ARG C 257 11.88 28.80 25.29
N GLY C 258 12.36 29.80 24.58
CA GLY C 258 11.74 31.12 24.50
C GLY C 258 11.34 31.58 23.11
N LEU C 259 10.87 32.82 23.04
CA LEU C 259 10.20 33.35 21.87
C LEU C 259 11.19 34.07 20.99
N MET C 260 11.11 33.81 19.69
CA MET C 260 11.83 34.55 18.70
C MET C 260 10.84 35.37 17.88
N GLY C 261 9.86 34.67 17.31
CA GLY C 261 8.77 35.27 16.57
C GLY C 261 8.97 35.22 15.07
N ILE C 262 9.72 34.26 14.61
CA ILE C 262 9.88 33.99 13.16
C ILE C 262 8.90 32.98 12.58
N PHE C 263 8.77 33.00 11.27
CA PHE C 263 8.32 31.87 10.51
C PHE C 263 9.24 31.82 9.31
N VAL C 264 9.62 30.64 8.90
CA VAL C 264 10.64 30.50 7.86
C VAL C 264 10.14 29.41 6.99
N GLN C 265 10.58 29.38 5.73
CA GLN C 265 10.20 28.31 4.81
C GLN C 265 11.39 27.89 3.96
N HIS C 266 11.27 26.74 3.33
CA HIS C 266 12.36 26.26 2.49
C HIS C 266 12.48 27.16 1.28
N LEU C 267 13.72 27.58 0.97
CA LEU C 267 14.02 28.46 -0.17
C LEU C 267 14.34 27.71 -1.47
N THR C 268 13.31 27.45 -2.27
CA THR C 268 13.45 26.71 -3.49
C THR C 268 14.28 27.45 -4.53
N PRO C 269 14.63 26.74 -5.62
CA PRO C 269 15.28 27.43 -6.74
C PRO C 269 14.48 28.64 -7.19
N GLU C 270 13.20 28.38 -7.49
CA GLU C 270 12.31 29.39 -8.08
C GLU C 270 12.23 30.64 -7.21
N LEU C 271 12.04 30.42 -5.91
CA LEU C 271 11.90 31.51 -4.96
C LEU C 271 13.18 32.32 -5.00
N ALA C 272 14.30 31.59 -4.98
CA ALA C 272 15.60 32.20 -5.25
C ALA C 272 15.51 33.21 -6.41
N GLN C 273 15.07 32.74 -7.57
CA GLN C 273 15.12 33.62 -8.76
C GLN C 273 14.11 34.73 -8.53
N ALA C 274 12.85 34.33 -8.40
CA ALA C 274 11.72 35.27 -8.29
C ALA C 274 11.91 36.39 -7.27
N MET C 275 12.75 36.17 -6.26
CA MET C 275 13.07 37.21 -5.27
C MET C 275 14.32 38.08 -5.61
N GLY C 276 14.99 37.78 -6.74
CA GLY C 276 16.16 38.55 -7.21
C GLY C 276 17.49 38.06 -6.67
N TYR C 277 17.67 36.75 -6.63
CA TYR C 277 18.92 36.14 -6.17
C TYR C 277 19.30 35.06 -7.17
N PRO C 278 20.56 34.63 -7.15
CA PRO C 278 20.94 33.51 -8.01
C PRO C 278 20.22 32.25 -7.61
N GLU C 279 19.81 31.46 -8.59
CA GLU C 279 19.25 30.13 -8.33
C GLU C 279 20.03 29.39 -7.26
N ASP C 280 21.36 29.46 -7.40
CA ASP C 280 22.25 28.63 -6.61
C ASP C 280 22.16 29.00 -5.13
N PHE C 281 21.69 30.22 -4.85
CA PHE C 281 21.63 30.78 -3.48
C PHE C 281 20.90 29.85 -2.49
N GLN C 282 21.32 29.95 -1.24
CA GLN C 282 20.85 29.09 -0.18
C GLN C 282 20.76 29.87 1.12
N GLY C 283 19.78 29.47 1.93
CA GLY C 283 19.35 30.26 3.07
C GLY C 283 17.95 29.85 3.49
N ALA C 284 17.36 30.68 4.33
CA ALA C 284 16.04 30.40 4.88
C ALA C 284 15.21 31.63 4.66
N LEU C 285 14.11 31.48 3.93
CA LEU C 285 13.19 32.61 3.65
C LEU C 285 12.21 32.86 4.81
N VAL C 286 12.35 34.05 5.39
CA VAL C 286 11.52 34.53 6.48
C VAL C 286 10.20 34.98 5.89
N SER C 287 9.14 34.24 6.20
CA SER C 287 7.82 34.52 5.69
C SER C 287 6.95 35.38 6.63
N GLN C 288 7.42 35.66 7.86
CA GLN C 288 6.66 36.45 8.83
C GLN C 288 7.54 36.78 10.03
N VAL C 289 7.45 38.01 10.50
CA VAL C 289 8.10 38.42 11.73
C VAL C 289 6.97 38.92 12.62
N ASN C 290 6.70 38.28 13.74
CA ASN C 290 5.58 38.74 14.58
C ASN C 290 5.83 40.15 15.15
N PRO C 291 4.78 41.00 15.22
CA PRO C 291 4.95 42.35 15.82
C PRO C 291 5.22 42.35 17.32
N ASN C 292 6.11 43.24 17.75
CA ASN C 292 6.60 43.32 19.14
C ASN C 292 7.37 42.10 19.64
N SER C 293 7.88 41.28 18.71
CA SER C 293 8.66 40.11 19.08
C SER C 293 10.13 40.46 19.07
N PRO C 294 10.97 39.63 19.71
CA PRO C 294 12.42 39.72 19.66
C PRO C 294 13.03 39.86 18.29
N ALA C 295 12.47 39.15 17.33
CA ALA C 295 12.89 39.24 15.93
C ALA C 295 12.63 40.65 15.38
N GLU C 296 11.48 41.24 15.72
CA GLU C 296 11.20 42.56 15.20
C GLU C 296 12.04 43.64 15.92
N LEU C 297 12.15 43.55 17.25
CA LEU C 297 12.99 44.42 18.10
C LEU C 297 14.46 44.45 17.62
N ALA C 298 14.94 43.33 17.11
CA ALA C 298 16.28 43.22 16.56
C ALA C 298 16.28 43.59 15.07
N GLY C 299 15.12 43.97 14.54
CA GLY C 299 15.04 44.52 13.19
C GLY C 299 14.76 43.62 11.99
N LEU C 300 14.38 42.36 12.21
CA LEU C 300 14.09 41.41 11.10
C LEU C 300 12.86 41.81 10.30
N LYS C 301 12.74 41.35 9.06
CA LYS C 301 11.54 41.63 8.23
C LYS C 301 11.24 40.44 7.33
N ALA C 302 9.98 40.34 6.91
CA ALA C 302 9.54 39.30 6.02
C ALA C 302 10.25 39.45 4.69
N GLY C 303 10.58 38.32 4.07
CA GLY C 303 11.25 38.32 2.76
C GLY C 303 12.77 38.31 2.83
N ASP C 304 13.34 38.83 3.90
CA ASP C 304 14.77 38.60 4.15
C ASP C 304 15.06 37.13 4.07
N ILE C 305 16.28 36.81 3.63
CA ILE C 305 16.80 35.46 3.64
C ILE C 305 17.86 35.42 4.71
N ILE C 306 17.84 34.35 5.52
CA ILE C 306 18.79 34.16 6.62
C ILE C 306 19.91 33.29 6.07
N THR C 307 21.14 33.79 6.18
CA THR C 307 22.33 33.15 5.54
C THR C 307 23.05 32.31 6.57
N GLN C 308 23.29 32.89 7.75
CA GLN C 308 23.82 32.18 8.90
C GLN C 308 23.13 32.67 10.19
N ILE C 309 22.99 31.78 11.18
CA ILE C 309 22.57 32.14 12.55
C ILE C 309 23.72 31.91 13.52
N ASN C 310 23.99 32.87 14.40
CA ASN C 310 25.04 32.74 15.42
C ASN C 310 26.39 32.38 14.76
N ASP C 311 26.76 31.11 14.78
CA ASP C 311 27.91 30.65 14.02
C ASP C 311 27.50 29.70 12.88
N THR C 312 26.39 28.96 13.02
CA THR C 312 26.03 27.99 11.98
C THR C 312 25.63 28.72 10.72
N LYS C 313 26.03 28.12 9.60
CA LYS C 313 25.73 28.60 8.27
C LYS C 313 24.47 27.88 7.88
N ILE C 314 23.51 28.65 7.36
CA ILE C 314 22.20 28.13 7.01
C ILE C 314 22.09 27.94 5.52
N THR C 315 21.64 26.76 5.12
CA THR C 315 21.38 26.42 3.73
C THR C 315 19.94 25.86 3.49
N GLN C 316 19.30 25.30 4.53
CA GLN C 316 17.86 24.92 4.47
C GLN C 316 17.04 25.48 5.65
N ALA C 317 15.72 25.42 5.50
CA ALA C 317 14.82 26.00 6.49
C ALA C 317 14.78 25.21 7.81
N THR C 318 14.69 23.89 7.71
CA THR C 318 14.62 23.06 8.91
C THR C 318 15.76 23.39 9.89
N GLN C 319 16.94 23.72 9.37
CA GLN C 319 18.06 24.12 10.22
C GLN C 319 17.78 25.33 11.11
N VAL C 320 16.94 26.26 10.64
CA VAL C 320 16.67 27.46 11.41
C VAL C 320 15.71 27.12 12.51
N LYS C 321 14.61 26.48 12.10
CA LYS C 321 13.57 26.03 13.00
C LYS C 321 14.23 25.35 14.19
N THR C 322 15.01 24.30 13.95
CA THR C 322 15.60 23.53 15.07
C THR C 322 16.45 24.45 15.93
N THR C 323 17.54 24.97 15.37
CA THR C 323 18.49 25.86 16.06
C THR C 323 17.91 26.93 17.01
N ILE C 324 16.79 27.53 16.66
CA ILE C 324 16.23 28.63 17.46
C ILE C 324 15.36 28.09 18.55
N SER C 325 14.43 27.23 18.15
CA SER C 325 13.60 26.44 19.07
C SER C 325 14.36 26.04 20.34
N LEU C 326 15.60 25.59 20.21
CA LEU C 326 16.38 25.23 21.41
C LEU C 326 16.94 26.44 22.16
N LEU C 327 17.25 27.52 21.44
CA LEU C 327 17.90 28.71 22.04
C LEU C 327 17.21 29.20 23.32
N ARG C 328 18.03 29.64 24.28
CA ARG C 328 17.59 29.90 25.66
C ARG C 328 17.18 31.34 25.94
N VAL C 329 16.20 31.50 26.83
CA VAL C 329 15.84 32.81 27.39
C VAL C 329 17.09 33.56 27.80
N GLY C 330 17.21 34.80 27.37
CA GLY C 330 18.37 35.63 27.67
C GLY C 330 19.47 35.60 26.61
N SER C 331 19.57 34.48 25.87
CA SER C 331 20.61 34.31 24.86
C SER C 331 20.53 35.44 23.88
N THR C 332 21.66 36.04 23.55
CA THR C 332 21.75 36.98 22.44
C THR C 332 22.09 36.12 21.23
N VAL C 333 21.62 36.52 20.05
CA VAL C 333 21.76 35.68 18.87
C VAL C 333 22.04 36.51 17.63
N LYS C 334 23.15 36.15 16.98
CA LYS C 334 23.65 36.78 15.76
C LYS C 334 22.77 36.31 14.61
N ILE C 335 22.17 37.23 13.88
CA ILE C 335 21.45 36.85 12.67
C ILE C 335 21.99 37.61 11.47
N ILE C 336 22.72 36.89 10.64
CA ILE C 336 23.22 37.41 9.38
C ILE C 336 22.20 37.00 8.31
N VAL C 337 22.11 37.81 7.28
CA VAL C 337 20.92 37.87 6.48
C VAL C 337 21.23 38.65 5.24
N GLU C 338 20.52 38.36 4.15
CA GLU C 338 20.58 39.24 3.00
C GLU C 338 19.19 39.85 2.73
N ARG C 339 19.11 41.18 2.85
CA ARG C 339 17.91 41.97 2.57
C ARG C 339 18.05 42.75 1.23
N ASP C 340 17.51 42.15 0.17
CA ASP C 340 17.55 42.70 -1.21
C ASP C 340 18.91 42.55 -1.92
N ASN C 341 19.89 41.97 -1.21
CA ASN C 341 21.31 41.86 -1.60
C ASN C 341 22.21 42.90 -0.93
N LYS C 342 21.74 43.46 0.19
CA LYS C 342 22.53 44.32 1.07
C LYS C 342 22.63 43.58 2.43
N PRO C 343 23.67 42.73 2.58
CA PRO C 343 24.01 42.02 3.84
C PRO C 343 23.95 42.86 5.13
N LEU C 344 23.14 42.39 6.08
CA LEU C 344 22.94 43.03 7.38
C LEU C 344 23.11 42.01 8.51
N THR C 345 23.42 42.51 9.69
CA THR C 345 23.73 41.63 10.83
C THR C 345 22.98 42.11 12.08
N LEU C 346 22.02 41.31 12.55
CA LEU C 346 21.14 41.73 13.63
C LEU C 346 21.41 40.98 14.90
N SER C 347 20.86 41.52 15.98
CA SER C 347 20.99 40.91 17.30
C SER C 347 19.64 40.98 18.00
N ALA C 348 19.07 39.80 18.26
CA ALA C 348 17.81 39.69 18.98
C ALA C 348 18.11 39.10 20.32
N VAL C 349 17.19 39.28 21.26
CA VAL C 349 17.31 38.72 22.59
C VAL C 349 16.04 37.91 22.85
N VAL C 350 16.18 36.60 22.76
CA VAL C 350 15.14 35.66 23.11
C VAL C 350 14.45 36.04 24.43
N THR C 351 13.12 35.99 24.49
CA THR C 351 12.39 36.33 25.71
C THR C 351 11.60 35.19 26.25
N ASP C 352 11.29 35.27 27.52
CA ASP C 352 10.38 34.35 28.05
C ASP C 352 8.99 34.55 27.43
N ILE C 353 8.38 33.43 27.01
CA ILE C 353 7.09 33.41 26.34
C ILE C 353 5.98 34.04 27.18
N LYS C 354 5.87 33.60 28.44
CA LYS C 354 4.83 34.10 29.33
C LYS C 354 5.12 35.49 29.89
N SER C 355 6.27 36.06 29.54
CA SER C 355 6.55 37.44 29.90
C SER C 355 6.33 38.36 28.68
N HIS C 356 6.48 37.80 27.49
CA HIS C 356 6.07 38.46 26.28
C HIS C 356 4.54 38.55 26.23
N GLU C 357 3.85 37.59 26.81
CA GLU C 357 2.40 37.64 26.81
C GLU C 357 1.91 38.72 27.79
N GLN C 358 2.47 38.73 29.00
CA GLN C 358 2.24 39.80 29.95
C GLN C 358 2.48 41.16 29.35
N LYS C 359 3.51 41.27 28.53
CA LYS C 359 3.84 42.54 27.88
C LYS C 359 2.74 43.04 26.96
N LEU C 360 2.26 42.16 26.07
CA LEU C 360 1.15 42.47 25.16
C LEU C 360 -0.12 42.84 25.92
N GLN C 361 -0.44 42.13 27.01
CA GLN C 361 -1.66 42.43 27.74
C GLN C 361 -1.57 43.85 28.28
N SER C 362 -0.52 44.13 29.07
CA SER C 362 -0.36 45.45 29.68
C SER C 362 -0.28 46.57 28.64
N ASN C 363 0.26 46.28 27.46
CA ASN C 363 0.32 47.28 26.38
C ASN C 363 -1.06 47.54 25.72
N ASN C 364 -2.08 46.78 26.09
CA ASN C 364 -3.31 46.73 25.31
C ASN C 364 -4.37 46.02 26.17
N PRO C 365 -4.74 46.66 27.29
CA PRO C 365 -5.37 45.99 28.42
C PRO C 365 -6.77 45.51 28.19
N PHE C 366 -7.49 46.11 27.23
CA PHE C 366 -8.86 45.70 27.05
C PHE C 366 -9.04 44.82 25.80
N LEU C 367 -8.23 45.06 24.75
CA LEU C 367 -8.51 44.42 23.46
C LEU C 367 -7.59 43.27 23.11
N TYR C 368 -6.56 43.07 23.95
CA TYR C 368 -5.58 42.02 23.75
C TYR C 368 -6.30 40.71 23.52
N GLY C 369 -5.82 39.97 22.56
CA GLY C 369 -6.32 38.65 22.32
C GLY C 369 -7.62 38.60 21.57
N LEU C 370 -8.08 39.72 21.03
CA LEU C 370 -9.36 39.69 20.32
C LEU C 370 -9.16 39.84 18.81
N ALA C 371 -9.78 38.98 18.01
CA ALA C 371 -9.82 39.22 16.56
C ALA C 371 -11.09 40.01 16.30
N LEU C 372 -10.96 41.07 15.52
CA LEU C 372 -11.99 42.09 15.39
C LEU C 372 -12.14 42.50 13.95
N ARG C 373 -13.36 42.71 13.47
CA ARG C 373 -13.53 43.32 12.15
C ARG C 373 -14.72 44.23 12.14
N ALA C 374 -14.79 45.11 11.15
CA ALA C 374 -15.94 46.02 10.96
C ALA C 374 -17.13 45.23 10.50
N PHE C 375 -18.30 45.64 10.95
CA PHE C 375 -19.57 44.91 10.80
C PHE C 375 -20.66 45.89 10.54
N GLU C 376 -21.51 45.55 9.58
CA GLU C 376 -22.63 46.40 9.18
C GLU C 376 -23.64 45.47 8.51
N GLN C 377 -24.75 45.22 9.16
CA GLN C 377 -25.62 44.22 8.69
C GLN C 377 -27.00 44.43 9.26
N GLU C 378 -28.02 44.42 8.39
CA GLU C 378 -29.39 44.36 8.84
C GLU C 378 -29.62 43.09 9.64
N SER C 379 -30.17 43.18 10.84
CA SER C 379 -30.13 42.02 11.75
C SER C 379 -31.28 41.82 12.75
N PRO C 380 -32.40 41.29 12.25
CA PRO C 380 -33.52 41.10 13.18
C PRO C 380 -33.09 40.37 14.47
N PRO C 381 -33.53 40.86 15.63
CA PRO C 381 -34.49 41.96 15.80
C PRO C 381 -33.85 43.31 15.97
N HIS C 382 -32.57 43.44 15.68
CA HIS C 382 -31.90 44.65 16.08
C HIS C 382 -32.06 45.79 15.09
N GLY C 383 -32.54 45.50 13.89
CA GLY C 383 -32.59 46.53 12.87
C GLY C 383 -31.19 46.66 12.31
N ASN C 384 -30.84 47.79 11.76
CA ASN C 384 -29.53 47.99 11.28
C ASN C 384 -28.54 48.06 12.43
N VAL C 385 -27.46 47.27 12.33
CA VAL C 385 -26.40 47.20 13.32
C VAL C 385 -25.06 47.57 12.70
N ILE C 386 -24.45 48.66 13.19
CA ILE C 386 -23.10 49.08 12.78
C ILE C 386 -22.23 48.87 14.00
N GLY C 387 -21.08 48.21 13.81
CA GLY C 387 -20.27 47.86 14.98
C GLY C 387 -19.00 47.11 14.66
N VAL C 388 -18.28 46.69 15.70
CA VAL C 388 -17.14 45.80 15.53
C VAL C 388 -17.51 44.39 15.97
N GLN C 389 -17.34 43.43 15.08
CA GLN C 389 -17.67 42.05 15.38
C GLN C 389 -16.44 41.35 15.99
N VAL C 390 -16.64 40.61 17.06
CA VAL C 390 -15.54 39.85 17.64
C VAL C 390 -15.45 38.52 16.90
N VAL C 391 -14.42 38.34 16.11
CA VAL C 391 -14.37 37.19 15.22
C VAL C 391 -13.65 36.07 15.95
N GLY C 392 -12.80 36.43 16.90
CA GLY C 392 -12.17 35.46 17.79
C GLY C 392 -11.85 36.10 19.13
N ALA C 393 -11.79 35.31 20.18
CA ALA C 393 -11.34 35.79 21.47
C ALA C 393 -10.49 34.74 22.14
N SER C 394 -9.28 35.11 22.55
CA SER C 394 -8.44 34.24 23.38
C SER C 394 -9.00 34.09 24.81
N GLU C 395 -9.05 32.85 25.25
CA GLU C 395 -9.67 32.52 26.56
C GLU C 395 -8.84 33.14 27.72
N ASN C 396 -7.56 33.36 27.46
CA ASN C 396 -6.65 33.99 28.39
C ASN C 396 -6.69 35.52 28.40
N SER C 397 -7.79 36.13 28.03
CA SER C 397 -7.85 37.57 27.89
C SER C 397 -8.83 38.24 28.84
N ALA C 398 -8.58 39.52 29.09
CA ALA C 398 -9.43 40.35 29.93
C ALA C 398 -10.85 40.38 29.34
N GLY C 399 -10.91 40.37 28.02
CA GLY C 399 -12.15 40.38 27.29
C GLY C 399 -12.95 39.12 27.53
N TRP C 400 -12.33 37.97 27.34
CA TRP C 400 -13.00 36.70 27.57
C TRP C 400 -13.55 36.66 28.98
N ARG C 401 -12.73 37.12 29.94
CA ARG C 401 -13.10 37.05 31.33
C ARG C 401 -14.26 37.93 31.65
N ALA C 402 -14.35 39.09 31.03
CA ALA C 402 -15.55 39.92 31.24
C ALA C 402 -16.78 39.37 30.48
N GLY C 403 -16.61 38.33 29.66
CA GLY C 403 -17.76 37.69 29.02
C GLY C 403 -17.86 37.80 27.50
N ILE C 404 -17.00 38.60 26.84
CA ILE C 404 -17.05 38.72 25.39
C ILE C 404 -16.83 37.38 24.79
N ARG C 405 -17.64 37.00 23.79
CA ARG C 405 -17.45 35.74 23.07
C ARG C 405 -17.47 35.97 21.59
N PRO C 406 -16.88 35.05 20.81
CA PRO C 406 -16.88 35.27 19.37
C PRO C 406 -18.28 35.36 18.87
N GLY C 407 -18.47 36.19 17.87
CA GLY C 407 -19.81 36.48 17.37
C GLY C 407 -20.45 37.67 18.07
N ASP C 408 -19.93 38.17 19.18
CA ASP C 408 -20.56 39.36 19.74
C ASP C 408 -20.28 40.55 18.84
N ILE C 409 -21.20 41.49 18.79
CA ILE C 409 -20.99 42.73 18.07
C ILE C 409 -20.94 43.87 19.08
N ILE C 410 -19.80 44.56 19.12
CA ILE C 410 -19.61 45.66 20.02
C ILE C 410 -20.18 46.88 19.33
N ILE C 411 -21.22 47.48 19.91
CA ILE C 411 -21.88 48.65 19.30
C ILE C 411 -21.64 49.94 20.07
N SER C 412 -21.21 49.87 21.33
CA SER C 412 -20.62 51.05 22.00
C SER C 412 -19.55 50.69 23.03
N ALA C 413 -18.66 51.64 23.26
CA ALA C 413 -17.59 51.57 24.25
C ALA C 413 -17.59 52.89 25.07
N ASN C 414 -17.68 52.77 26.40
CA ASN C 414 -17.75 53.94 27.33
C ASN C 414 -18.83 54.94 26.90
N LYS C 415 -20.06 54.43 26.81
CA LYS C 415 -21.22 55.14 26.24
C LYS C 415 -20.90 55.93 24.97
N LYS C 416 -19.98 55.46 24.13
CA LYS C 416 -19.81 56.10 22.82
C LYS C 416 -19.97 55.03 21.73
N PRO C 417 -20.57 55.42 20.60
CA PRO C 417 -20.75 54.42 19.53
C PRO C 417 -19.51 53.97 18.75
N VAL C 418 -19.50 52.67 18.46
CA VAL C 418 -18.38 52.04 17.82
C VAL C 418 -18.84 51.78 16.41
N THR C 419 -18.03 52.18 15.46
CA THR C 419 -18.33 51.96 14.07
C THR C 419 -17.28 51.00 13.50
N ASP C 420 -16.09 51.48 13.19
CA ASP C 420 -15.02 50.58 12.73
C ASP C 420 -14.05 50.19 13.86
N VAL C 421 -13.07 49.36 13.54
CA VAL C 421 -12.11 48.90 14.52
C VAL C 421 -11.27 50.04 15.16
N LYS C 422 -10.79 50.96 14.33
CA LYS C 422 -9.99 52.07 14.79
C LYS C 422 -10.78 52.87 15.82
N SER C 423 -12.06 53.11 15.57
CA SER C 423 -12.89 53.82 16.56
C SER C 423 -12.91 53.10 17.90
N LEU C 424 -13.11 51.78 17.89
CA LEU C 424 -13.01 51.01 19.14
C LEU C 424 -11.60 51.12 19.76
N GLN C 425 -10.57 51.03 18.93
CA GLN C 425 -9.19 51.12 19.47
C GLN C 425 -8.95 52.48 20.13
N THR C 426 -9.48 53.52 19.53
CA THR C 426 -9.31 54.87 20.05
C THR C 426 -9.99 55.06 21.38
N ILE C 427 -11.21 54.59 21.57
CA ILE C 427 -11.86 54.62 22.89
C ILE C 427 -11.12 53.76 23.89
N ALA C 428 -10.56 52.63 23.49
CA ALA C 428 -9.84 51.78 24.45
C ALA C 428 -8.71 52.57 25.09
N GLN C 429 -7.98 53.32 24.27
CA GLN C 429 -6.81 54.09 24.72
C GLN C 429 -7.15 55.11 25.80
N GLU C 430 -8.43 55.47 26.01
CA GLU C 430 -8.82 56.36 27.11
C GLU C 430 -8.32 55.76 28.40
N LYS C 431 -7.22 56.36 28.90
CA LYS C 431 -6.49 55.85 30.07
C LYS C 431 -7.43 55.63 31.25
N LYS C 432 -7.86 54.37 31.42
CA LYS C 432 -8.86 54.06 32.42
C LYS C 432 -8.66 52.71 33.06
N LYS C 433 -9.38 52.49 34.14
CA LYS C 433 -9.33 51.21 34.82
C LYS C 433 -10.17 50.19 34.06
N GLU C 434 -11.10 50.69 33.25
CA GLU C 434 -12.21 49.91 32.79
C GLU C 434 -12.66 50.29 31.38
N LEU C 435 -13.24 49.30 30.70
CA LEU C 435 -13.89 49.48 29.44
C LEU C 435 -15.25 48.81 29.55
N LEU C 436 -16.26 49.63 29.35
CA LEU C 436 -17.65 49.30 29.39
C LEU C 436 -18.11 49.17 27.97
N VAL C 437 -18.58 47.99 27.63
CA VAL C 437 -18.89 47.66 26.27
C VAL C 437 -20.31 47.12 26.20
N GLN C 438 -21.08 47.63 25.26
CA GLN C 438 -22.37 47.06 24.99
C GLN C 438 -22.24 46.13 23.81
N VAL C 439 -22.60 44.88 23.96
CA VAL C 439 -22.59 44.01 22.81
C VAL C 439 -24.01 43.54 22.36
N LEU C 440 -24.18 43.37 21.05
CA LEU C 440 -25.34 42.62 20.58
C LEU C 440 -24.92 41.17 20.58
N ARG C 441 -25.81 40.25 21.00
CA ARG C 441 -25.49 38.82 21.00
C ARG C 441 -26.69 37.98 20.54
N GLY C 442 -26.63 37.52 19.28
CA GLY C 442 -27.80 37.04 18.53
C GLY C 442 -28.97 38.00 18.67
N PRO C 443 -30.09 37.51 19.21
CA PRO C 443 -31.26 38.38 19.41
C PRO C 443 -31.11 39.29 20.62
N GLY C 444 -30.09 38.98 21.44
CA GLY C 444 -29.88 39.60 22.76
C GLY C 444 -28.90 40.77 22.83
N SER C 445 -28.67 41.25 24.05
CA SER C 445 -27.66 42.25 24.31
C SER C 445 -27.15 42.08 25.71
N MET C 446 -25.88 42.45 25.93
CA MET C 446 -25.28 42.56 27.26
C MET C 446 -24.39 43.80 27.34
N TYR C 447 -24.36 44.38 28.53
CA TYR C 447 -23.35 45.31 28.92
C TYR C 447 -22.29 44.45 29.54
N LEU C 448 -21.04 44.74 29.21
CA LEU C 448 -19.91 44.03 29.82
C LEU C 448 -18.89 45.08 30.20
N LEU C 449 -18.15 44.80 31.26
CA LEU C 449 -17.11 45.68 31.77
C LEU C 449 -15.82 44.88 31.68
N VAL C 450 -14.85 45.40 30.93
CA VAL C 450 -13.54 44.77 30.79
C VAL C 450 -12.64 45.52 31.72
N ILE C 451 -11.96 44.77 32.57
CA ILE C 451 -10.90 45.33 33.42
C ILE C 451 -9.66 44.39 33.50
N PRO D 19 32.38 5.12 -0.32
CA PRO D 19 31.45 4.01 -0.73
C PRO D 19 29.95 4.36 -0.44
N SER D 20 29.17 4.58 -1.51
CA SER D 20 27.82 5.18 -1.37
C SER D 20 27.04 5.18 -2.67
N MET D 21 25.73 5.25 -2.53
CA MET D 21 24.86 5.33 -3.70
C MET D 21 24.48 6.79 -3.91
N ALA D 22 24.86 7.65 -2.95
CA ALA D 22 24.58 9.08 -3.05
C ALA D 22 24.96 9.66 -4.41
N PRO D 23 26.21 9.44 -4.86
CA PRO D 23 26.67 9.92 -6.16
C PRO D 23 25.67 9.68 -7.28
N VAL D 24 25.29 8.42 -7.46
CA VAL D 24 24.42 8.09 -8.56
C VAL D 24 22.99 8.58 -8.31
N LEU D 25 22.47 8.47 -7.08
CA LEU D 25 21.10 8.96 -6.77
C LEU D 25 20.90 10.49 -6.88
N LYS D 26 21.89 11.28 -6.50
CA LYS D 26 21.83 12.71 -6.53
C LYS D 26 21.48 13.21 -7.97
N ASN D 27 22.07 12.61 -9.02
CA ASN D 27 21.77 13.05 -10.36
C ASN D 27 20.40 12.63 -10.82
N ILE D 28 19.92 11.48 -10.38
CA ILE D 28 18.73 10.93 -11.02
C ILE D 28 17.42 11.24 -10.27
N MET D 29 17.57 11.61 -9.03
CA MET D 29 16.44 11.80 -8.16
C MET D 29 15.35 12.79 -8.72
N PRO D 30 15.77 13.86 -9.43
CA PRO D 30 14.74 14.73 -9.97
C PRO D 30 13.85 14.03 -11.02
N ALA D 31 14.29 12.86 -11.50
CA ALA D 31 13.54 12.17 -12.54
C ALA D 31 12.31 11.47 -11.98
N ILE D 32 12.25 11.32 -10.64
CA ILE D 32 11.08 10.61 -10.02
C ILE D 32 10.12 11.64 -9.44
N VAL D 33 8.84 11.46 -9.71
CA VAL D 33 7.87 12.43 -9.36
C VAL D 33 6.76 11.84 -8.52
N ASN D 34 6.03 12.69 -7.80
CA ASN D 34 4.77 12.27 -7.14
C ASN D 34 3.59 12.36 -8.15
N VAL D 35 2.65 11.41 -8.12
CA VAL D 35 1.48 11.45 -8.99
C VAL D 35 0.26 11.36 -8.09
N ALA D 36 -0.55 12.43 -8.05
CA ALA D 36 -1.80 12.49 -7.26
C ALA D 36 -2.98 12.67 -8.17
N VAL D 37 -4.01 11.91 -7.90
CA VAL D 37 -5.13 11.80 -8.77
C VAL D 37 -6.36 12.00 -7.94
N GLN D 38 -7.34 12.67 -8.53
CA GLN D 38 -8.70 12.73 -7.97
C GLN D 38 -9.74 12.36 -9.03
N GLY D 39 -10.87 11.80 -8.58
CA GLY D 39 -11.98 11.46 -9.46
C GLY D 39 -13.07 10.72 -8.73
N TYR D 40 -14.01 10.13 -9.50
CA TYR D 40 -15.13 9.31 -8.93
C TYR D 40 -15.28 7.91 -9.56
N LEU D 41 -16.15 7.09 -8.97
CA LEU D 41 -16.30 5.64 -9.31
C LEU D 41 -17.53 5.30 -10.18
N LYS D 74 -16.41 9.69 -4.35
CA LYS D 74 -15.19 10.40 -4.76
C LYS D 74 -13.95 9.77 -4.10
N PHE D 75 -12.80 9.78 -4.79
CA PHE D 75 -11.56 9.18 -4.26
C PHE D 75 -10.29 9.97 -4.56
N GLU D 76 -9.35 9.90 -3.62
CA GLU D 76 -7.96 10.26 -3.81
C GLU D 76 -7.09 8.98 -4.04
N SER D 77 -6.20 9.02 -5.02
CA SER D 77 -5.26 7.89 -5.28
C SER D 77 -3.89 8.50 -5.45
N ILE D 78 -2.84 7.84 -4.98
CA ILE D 78 -1.50 8.44 -5.06
C ILE D 78 -0.35 7.45 -5.33
N GLY D 79 0.60 7.87 -6.17
CA GLY D 79 1.77 7.06 -6.48
C GLY D 79 2.91 7.93 -6.96
N SER D 80 3.87 7.32 -7.62
CA SER D 80 4.97 7.98 -8.27
C SER D 80 4.97 7.78 -9.79
N GLY D 81 5.93 8.40 -10.45
CA GLY D 81 6.05 8.29 -11.87
C GLY D 81 7.48 8.59 -12.19
N VAL D 82 7.89 8.34 -13.44
CA VAL D 82 9.31 8.54 -13.80
C VAL D 82 9.39 9.29 -15.08
N ILE D 83 10.14 10.36 -15.13
CA ILE D 83 10.30 11.12 -16.36
C ILE D 83 11.30 10.37 -17.23
N ILE D 84 10.81 9.83 -18.34
CA ILE D 84 11.65 9.14 -19.32
C ILE D 84 12.06 10.01 -20.51
N ASP D 85 11.29 11.08 -20.79
CA ASP D 85 11.73 12.11 -21.80
C ASP D 85 11.66 13.54 -21.27
N PRO D 86 12.81 14.13 -20.98
CA PRO D 86 12.85 15.43 -20.33
C PRO D 86 12.44 16.59 -21.26
N ASN D 87 12.63 16.41 -22.56
CA ASN D 87 12.31 17.47 -23.51
C ASN D 87 10.85 17.61 -23.78
N ASN D 88 10.16 16.46 -23.86
CA ASN D 88 8.73 16.43 -24.14
C ASN D 88 7.93 16.28 -22.85
N GLY D 89 8.64 16.10 -21.74
CA GLY D 89 7.97 15.88 -20.46
C GLY D 89 7.12 14.62 -20.41
N VAL D 90 7.61 13.54 -21.00
CA VAL D 90 6.90 12.26 -20.95
C VAL D 90 7.20 11.53 -19.62
N ILE D 91 6.15 11.16 -18.89
CA ILE D 91 6.29 10.45 -17.64
C ILE D 91 5.60 9.08 -17.70
N ILE D 92 6.23 8.06 -17.11
CA ILE D 92 5.60 6.73 -16.93
C ILE D 92 5.16 6.44 -15.51
N THR D 93 3.97 5.89 -15.34
CA THR D 93 3.50 5.43 -14.02
C THR D 93 2.68 4.16 -14.23
N ASN D 94 2.10 3.61 -13.17
CA ASN D 94 1.26 2.44 -13.32
C ASN D 94 -0.09 2.93 -13.75
N ASP D 95 -0.76 2.13 -14.59
CA ASP D 95 -2.10 2.38 -14.95
C ASP D 95 -2.99 2.43 -13.74
N HIS D 96 -2.78 1.58 -12.72
CA HIS D 96 -3.74 1.59 -11.62
C HIS D 96 -3.64 2.88 -10.76
N VAL D 97 -2.53 3.59 -10.84
CA VAL D 97 -2.43 4.84 -10.09
C VAL D 97 -3.41 5.87 -10.65
N ILE D 98 -3.49 5.94 -11.99
CA ILE D 98 -4.25 6.96 -12.74
C ILE D 98 -5.62 6.60 -13.26
N ARG D 99 -6.14 5.40 -12.98
CA ARG D 99 -7.46 5.02 -13.55
C ARG D 99 -8.56 5.81 -12.88
N ASN D 100 -9.60 6.15 -13.66
CA ASN D 100 -10.79 6.88 -13.21
C ASN D 100 -10.51 8.35 -12.80
N ALA D 101 -9.35 8.88 -13.15
CA ALA D 101 -8.93 10.20 -12.71
C ALA D 101 -9.70 11.30 -13.43
N SER D 102 -10.17 12.32 -12.71
CA SER D 102 -10.52 13.59 -13.38
C SER D 102 -9.39 14.60 -13.28
N LEU D 103 -8.57 14.55 -12.22
CA LEU D 103 -7.41 15.45 -12.13
C LEU D 103 -6.18 14.61 -11.83
N ILE D 104 -5.09 14.94 -12.51
CA ILE D 104 -3.85 14.30 -12.25
C ILE D 104 -2.79 15.36 -12.05
N THR D 105 -2.12 15.33 -10.92
CA THR D 105 -1.13 16.35 -10.61
C THR D 105 0.19 15.72 -10.25
N VAL D 106 1.24 16.20 -10.89
CA VAL D 106 2.58 15.74 -10.73
C VAL D 106 3.37 16.75 -9.89
N THR D 107 4.10 16.26 -8.90
CA THR D 107 4.93 17.10 -8.08
C THR D 107 6.37 16.72 -8.32
N LEU D 108 7.16 17.68 -8.81
CA LEU D 108 8.62 17.56 -8.98
C LEU D 108 9.44 17.70 -7.70
N GLN D 109 10.67 17.20 -7.70
CA GLN D 109 11.57 17.27 -6.50
C GLN D 109 11.68 18.73 -5.99
N ASP D 110 11.90 19.63 -6.93
CA ASP D 110 12.00 21.04 -6.66
C ASP D 110 10.62 21.71 -6.27
N GLY D 111 9.55 20.92 -5.99
CA GLY D 111 8.30 21.41 -5.34
C GLY D 111 7.17 21.96 -6.25
N ARG D 112 7.51 22.28 -7.50
CA ARG D 112 6.55 22.57 -8.54
C ARG D 112 5.50 21.46 -8.70
N ARG D 113 4.25 21.87 -8.82
CA ARG D 113 3.19 20.97 -9.15
C ARG D 113 2.58 21.34 -10.54
N LEU D 114 2.39 20.34 -11.40
CA LEU D 114 1.93 20.52 -12.78
C LEU D 114 0.74 19.63 -13.06
N LYS D 115 -0.23 20.14 -13.80
CA LYS D 115 -1.37 19.34 -14.25
C LYS D 115 -0.82 18.43 -15.31
N ALA D 116 -1.07 17.13 -15.16
CA ALA D 116 -0.57 16.16 -16.14
C ALA D 116 -1.69 15.80 -17.06
N ARG D 117 -1.37 15.49 -18.32
CA ARG D 117 -2.36 14.89 -19.19
C ARG D 117 -2.08 13.40 -19.55
N LEU D 118 -3.14 12.60 -19.56
CA LEU D 118 -3.05 11.16 -19.88
C LEU D 118 -2.85 10.96 -21.37
N ILE D 119 -1.72 10.39 -21.78
CA ILE D 119 -1.56 10.01 -23.16
C ILE D 119 -2.29 8.68 -23.40
N GLY D 120 -2.30 7.81 -22.41
CA GLY D 120 -2.98 6.53 -22.53
C GLY D 120 -2.32 5.51 -21.59
N GLY D 121 -3.09 4.51 -21.22
CA GLY D 121 -2.52 3.40 -20.51
C GLY D 121 -2.87 2.05 -21.08
N ASP D 122 -2.39 1.02 -20.40
CA ASP D 122 -2.70 -0.36 -20.72
C ASP D 122 -2.82 -1.18 -19.43
N SER D 123 -4.01 -1.64 -19.10
CA SER D 123 -4.21 -2.30 -17.83
C SER D 123 -3.59 -3.68 -17.68
N GLU D 124 -3.38 -4.41 -18.78
CA GLU D 124 -2.68 -5.69 -18.70
C GLU D 124 -1.27 -5.53 -18.20
N THR D 125 -0.53 -4.57 -18.72
CA THR D 125 0.83 -4.34 -18.26
C THR D 125 0.95 -3.35 -17.09
N ASP D 126 -0.19 -2.86 -16.63
CA ASP D 126 -0.27 -1.81 -15.62
C ASP D 126 0.66 -0.64 -15.84
N LEU D 127 0.69 -0.14 -17.07
CA LEU D 127 1.47 1.01 -17.43
C LEU D 127 0.59 2.15 -17.96
N ALA D 128 1.09 3.38 -17.79
CA ALA D 128 0.44 4.55 -18.36
C ALA D 128 1.43 5.66 -18.64
N VAL D 129 1.19 6.41 -19.73
CA VAL D 129 2.04 7.54 -20.14
C VAL D 129 1.34 8.89 -19.91
N LEU D 130 2.05 9.76 -19.21
CA LEU D 130 1.51 11.08 -18.85
C LEU D 130 2.37 12.12 -19.53
N LYS D 131 1.81 13.30 -19.74
CA LYS D 131 2.55 14.41 -20.36
C LYS D 131 2.47 15.62 -19.43
N ILE D 132 3.62 16.20 -19.17
CA ILE D 132 3.63 17.52 -18.58
C ILE D 132 4.41 18.42 -19.47
N ASP D 133 3.97 19.67 -19.44
CA ASP D 133 4.42 20.70 -20.33
C ASP D 133 5.16 21.66 -19.41
N ALA D 134 6.46 21.36 -19.26
CA ALA D 134 7.38 22.19 -18.49
C ALA D 134 8.81 21.93 -18.94
N LYS D 135 9.74 22.68 -18.33
CA LYS D 135 11.15 22.59 -18.64
C LYS D 135 11.96 22.64 -17.35
N ASN D 136 13.29 22.64 -17.51
CA ASN D 136 14.18 22.30 -16.42
C ASN D 136 13.69 20.96 -15.81
N LEU D 137 13.41 20.04 -16.73
CA LEU D 137 13.06 18.68 -16.41
C LEU D 137 14.32 17.82 -16.55
N LYS D 138 14.48 16.91 -15.61
CA LYS D 138 15.57 15.95 -15.68
C LYS D 138 15.01 14.52 -15.89
N SER D 139 15.79 13.67 -16.55
CA SER D 139 15.47 12.24 -16.71
C SER D 139 16.69 11.45 -16.30
N LEU D 140 16.86 10.24 -16.85
CA LEU D 140 18.03 9.41 -16.50
C LEU D 140 18.28 8.37 -17.56
N VAL D 141 19.41 7.67 -17.56
CA VAL D 141 19.68 6.83 -18.72
C VAL D 141 18.77 5.62 -18.63
N ILE D 142 18.04 5.37 -19.71
CA ILE D 142 17.22 4.17 -19.76
C ILE D 142 18.18 3.02 -19.98
N GLY D 143 17.98 1.91 -19.28
CA GLY D 143 18.91 0.77 -19.33
C GLY D 143 18.27 -0.41 -19.99
N ASP D 144 18.88 -1.57 -19.78
CA ASP D 144 18.42 -2.82 -20.41
C ASP D 144 18.07 -3.87 -19.37
N SER D 145 16.80 -4.26 -19.36
CA SER D 145 16.31 -5.15 -18.34
C SER D 145 16.71 -6.57 -18.59
N ASP D 146 17.01 -6.91 -19.84
CA ASP D 146 17.43 -8.31 -20.15
C ASP D 146 18.78 -8.65 -19.55
N LYS D 147 19.53 -7.64 -19.16
CA LYS D 147 20.92 -7.77 -18.64
C LYS D 147 21.00 -8.01 -17.10
N LEU D 148 19.85 -8.03 -16.45
CA LEU D 148 19.81 -8.16 -14.98
C LEU D 148 20.05 -9.60 -14.56
N GLU D 149 20.86 -9.76 -13.53
CA GLU D 149 21.02 -11.03 -12.84
C GLU D 149 20.66 -10.93 -11.36
N VAL D 150 20.17 -12.06 -10.85
CA VAL D 150 19.80 -12.22 -9.46
C VAL D 150 21.05 -11.97 -8.69
N GLY D 151 21.00 -11.11 -7.67
CA GLY D 151 22.23 -10.70 -6.94
C GLY D 151 22.71 -9.32 -7.31
N ASP D 152 22.25 -8.79 -8.44
CA ASP D 152 22.58 -7.37 -8.73
C ASP D 152 21.97 -6.41 -7.70
N PHE D 153 22.74 -5.38 -7.39
CA PHE D 153 22.34 -4.32 -6.50
C PHE D 153 21.38 -3.36 -7.18
N VAL D 154 20.34 -3.00 -6.43
CA VAL D 154 19.27 -2.14 -6.91
C VAL D 154 18.87 -1.07 -5.88
N VAL D 155 18.34 0.04 -6.38
CA VAL D 155 17.75 1.11 -5.59
C VAL D 155 16.38 1.33 -6.20
N ALA D 156 15.35 1.15 -5.38
CA ALA D 156 13.96 1.50 -5.69
C ALA D 156 13.69 2.92 -5.14
N ILE D 157 13.19 3.81 -5.97
CA ILE D 157 12.89 5.19 -5.58
C ILE D 157 11.42 5.45 -5.74
N GLY D 158 10.79 5.88 -4.64
CA GLY D 158 9.35 6.04 -4.65
C GLY D 158 8.71 5.83 -3.28
N ASN D 159 7.95 6.82 -2.83
CA ASN D 159 7.25 6.69 -1.58
C ASN D 159 6.23 5.56 -1.55
N PRO D 160 6.21 4.79 -0.45
CA PRO D 160 5.14 3.85 -0.16
C PRO D 160 3.85 4.56 0.18
N PHE D 161 2.73 3.85 0.23
CA PHE D 161 1.45 4.42 0.72
C PHE D 161 1.58 5.23 2.02
N GLY D 162 2.17 4.63 3.06
CA GLY D 162 2.30 5.32 4.38
C GLY D 162 2.70 6.78 4.24
N LEU D 163 3.84 7.02 3.57
CA LEU D 163 4.28 8.34 3.20
C LEU D 163 3.52 8.84 1.96
N ASN D 168 8.07 17.50 -1.24
CA ASN D 168 8.09 16.26 -2.03
C ASN D 168 9.42 15.51 -1.99
N SER D 169 9.46 14.45 -1.19
CA SER D 169 10.67 13.65 -1.10
C SER D 169 10.36 12.18 -1.44
N GLN D 170 11.06 11.68 -2.46
CA GLN D 170 10.88 10.27 -2.87
C GLN D 170 11.91 9.42 -2.16
N SER D 171 11.44 8.45 -1.38
CA SER D 171 12.29 7.67 -0.56
C SER D 171 13.07 6.70 -1.44
N ALA D 172 14.34 6.47 -1.10
CA ALA D 172 15.13 5.45 -1.79
C ALA D 172 15.30 4.25 -0.86
N THR D 173 15.23 3.04 -1.43
CA THR D 173 15.64 1.86 -0.68
C THR D 173 16.49 0.90 -1.48
N PHE D 174 17.33 0.17 -0.76
CA PHE D 174 18.47 -0.59 -1.31
C PHE D 174 18.31 -2.11 -1.07
N GLY D 175 18.77 -2.88 -2.04
CA GLY D 175 18.73 -4.34 -1.99
C GLY D 175 19.23 -4.98 -3.25
N ILE D 176 18.77 -6.20 -3.54
CA ILE D 176 19.24 -6.90 -4.74
C ILE D 176 18.09 -7.35 -5.58
N VAL D 177 18.39 -7.71 -6.82
CA VAL D 177 17.41 -8.47 -7.60
C VAL D 177 17.36 -9.87 -6.97
N SER D 178 16.15 -10.32 -6.60
CA SER D 178 15.95 -11.59 -5.86
C SER D 178 15.58 -12.74 -6.72
N ALA D 179 15.03 -12.44 -7.88
CA ALA D 179 14.42 -13.42 -8.75
C ALA D 179 13.84 -12.67 -9.97
N LEU D 180 13.94 -13.32 -11.13
CA LEU D 180 13.56 -12.78 -12.42
C LEU D 180 12.38 -13.58 -12.88
N LYS D 181 11.56 -12.94 -13.73
CA LYS D 181 10.45 -13.61 -14.41
C LYS D 181 9.53 -14.31 -13.43
N PHE D 193 7.79 -9.91 -13.98
CA PHE D 193 8.24 -9.10 -12.83
C PHE D 193 9.64 -9.40 -12.36
N ILE D 194 10.40 -8.34 -12.17
CA ILE D 194 11.59 -8.40 -11.44
C ILE D 194 11.18 -8.42 -9.94
N GLN D 195 11.75 -9.32 -9.16
CA GLN D 195 11.54 -9.32 -7.72
C GLN D 195 12.82 -8.91 -7.08
N THR D 196 12.68 -8.06 -6.05
CA THR D 196 13.77 -7.42 -5.32
C THR D 196 13.54 -7.60 -3.81
N ASP D 197 14.52 -7.34 -2.95
CA ASP D 197 14.26 -7.17 -1.52
C ASP D 197 14.45 -5.68 -1.08
N ALA D 198 14.31 -4.78 -2.03
CA ALA D 198 14.35 -3.32 -1.80
C ALA D 198 12.92 -2.88 -1.76
N ALA D 199 12.31 -2.95 -0.60
CA ALA D 199 10.96 -2.54 -0.45
C ALA D 199 10.75 -1.89 0.90
N ILE D 200 10.02 -0.80 0.92
CA ILE D 200 9.63 -0.15 2.14
C ILE D 200 8.11 0.00 2.16
N GLY D 201 7.53 -0.10 3.35
CA GLY D 201 6.10 -0.02 3.58
C GLY D 201 5.11 -0.55 2.57
N GLY D 202 5.22 -1.82 2.22
CA GLY D 202 4.31 -2.42 1.26
C GLY D 202 4.73 -2.14 -0.19
N GLY D 203 5.73 -1.29 -0.39
CA GLY D 203 6.26 -1.04 -1.71
C GLY D 203 5.74 0.23 -2.37
N ASN D 204 6.35 0.55 -3.50
CA ASN D 204 5.95 1.70 -4.31
C ASN D 204 5.33 1.34 -5.66
N SER D 205 4.30 2.09 -6.02
CA SER D 205 3.65 1.99 -7.31
C SER D 205 4.07 3.18 -8.19
N GLY D 206 4.80 2.92 -9.31
CA GLY D 206 5.05 3.91 -10.36
C GLY D 206 6.41 4.54 -10.38
N GLY D 207 7.19 4.33 -9.35
CA GLY D 207 8.51 4.93 -9.29
C GLY D 207 9.59 4.11 -9.97
N ALA D 208 10.85 4.51 -9.83
CA ALA D 208 11.98 3.89 -10.54
C ALA D 208 12.53 2.69 -9.77
N LEU D 209 13.03 1.72 -10.54
CA LEU D 209 14.03 0.75 -10.08
C LEU D 209 15.20 1.04 -10.96
N VAL D 210 16.32 1.31 -10.34
CA VAL D 210 17.57 1.45 -11.02
C VAL D 210 18.65 0.50 -10.49
N ASN D 211 19.67 0.27 -11.34
CA ASN D 211 20.83 -0.53 -11.02
C ASN D 211 21.85 0.39 -10.44
N ALA D 212 23.05 -0.15 -10.24
CA ALA D 212 24.06 0.47 -9.39
C ALA D 212 24.72 1.65 -10.04
N LYS D 213 24.72 1.68 -11.36
CA LYS D 213 25.22 2.84 -12.11
C LYS D 213 24.11 3.87 -12.22
N GLY D 214 22.89 3.51 -11.80
CA GLY D 214 21.81 4.50 -11.71
C GLY D 214 20.99 4.61 -13.00
N GLU D 215 21.02 3.57 -13.80
CA GLU D 215 20.20 3.52 -15.00
C GLU D 215 18.86 2.93 -14.67
N LEU D 216 17.80 3.42 -15.30
CA LEU D 216 16.49 2.87 -15.10
C LEU D 216 16.43 1.46 -15.69
N ILE D 217 16.04 0.49 -14.85
CA ILE D 217 15.89 -0.90 -15.28
C ILE D 217 14.50 -1.48 -15.04
N GLY D 218 13.64 -0.77 -14.32
CA GLY D 218 12.23 -1.16 -14.17
C GLY D 218 11.37 -0.06 -13.54
N ILE D 219 10.06 -0.25 -13.57
CA ILE D 219 9.08 0.64 -12.99
C ILE D 219 8.41 -0.08 -11.85
N ASN D 220 8.44 0.53 -10.65
CA ASN D 220 8.07 -0.19 -9.47
C ASN D 220 6.58 -0.48 -9.53
N THR D 221 6.11 -1.59 -8.94
CA THR D 221 4.66 -1.81 -8.78
C THR D 221 4.35 -2.44 -7.43
N ALA D 222 3.30 -1.98 -6.75
CA ALA D 222 3.01 -2.45 -5.39
C ALA D 222 1.89 -3.45 -5.46
N ILE D 223 2.12 -4.65 -4.95
CA ILE D 223 1.11 -5.75 -4.94
C ILE D 223 0.71 -6.03 -3.47
N VAL D 231 5.93 -9.12 1.90
CA VAL D 231 6.56 -8.31 2.94
C VAL D 231 8.11 -8.27 2.89
N GLY D 232 8.68 -7.09 2.71
CA GLY D 232 10.10 -6.92 2.44
C GLY D 232 10.47 -7.26 0.98
N ILE D 233 9.49 -7.60 0.14
CA ILE D 233 9.72 -7.98 -1.26
C ILE D 233 9.27 -6.86 -2.20
N GLY D 234 10.14 -6.42 -3.10
CA GLY D 234 9.69 -5.45 -4.13
C GLY D 234 9.50 -6.07 -5.54
N PHE D 235 8.68 -5.39 -6.32
CA PHE D 235 8.34 -5.78 -7.64
C PHE D 235 8.51 -4.61 -8.55
N ALA D 236 9.02 -4.89 -9.76
CA ALA D 236 9.07 -3.91 -10.85
C ALA D 236 8.82 -4.54 -12.25
N ILE D 237 8.26 -3.71 -13.13
CA ILE D 237 7.94 -4.07 -14.48
C ILE D 237 9.16 -3.72 -15.26
N PRO D 238 9.73 -4.70 -16.01
CA PRO D 238 11.06 -4.59 -16.70
C PRO D 238 11.08 -3.47 -17.72
N ILE D 239 12.15 -2.70 -17.75
CA ILE D 239 12.15 -1.47 -18.51
C ILE D 239 11.98 -1.73 -20.04
N ASN D 240 12.68 -2.74 -20.57
CA ASN D 240 12.52 -3.17 -22.00
C ASN D 240 11.08 -3.24 -22.41
N MET D 241 10.24 -3.87 -21.62
CA MET D 241 8.84 -3.89 -22.01
C MET D 241 8.11 -2.52 -21.80
N VAL D 242 8.62 -1.67 -20.90
CA VAL D 242 8.06 -0.35 -20.71
C VAL D 242 8.35 0.55 -21.94
N LYS D 243 9.58 0.54 -22.45
CA LYS D 243 9.88 1.25 -23.71
C LYS D 243 8.78 0.99 -24.74
N ASP D 244 8.48 -0.28 -24.93
CA ASP D 244 7.56 -0.71 -25.96
C ASP D 244 6.16 -0.22 -25.78
N VAL D 245 5.64 -0.36 -24.56
CA VAL D 245 4.26 0.04 -24.42
C VAL D 245 4.22 1.56 -24.48
N ALA D 246 5.32 2.20 -24.10
CA ALA D 246 5.37 3.66 -24.09
C ALA D 246 5.38 4.17 -25.52
N GLN D 247 6.36 3.71 -26.31
CA GLN D 247 6.49 4.07 -27.71
C GLN D 247 5.17 3.87 -28.40
N GLN D 248 4.53 2.73 -28.17
CA GLN D 248 3.24 2.45 -28.78
C GLN D 248 2.08 3.27 -28.20
N ILE D 249 2.12 3.63 -26.92
CA ILE D 249 1.08 4.53 -26.40
C ILE D 249 1.29 5.95 -26.96
N ILE D 250 2.55 6.36 -27.11
CA ILE D 250 2.83 7.67 -27.68
C ILE D 250 2.25 7.80 -29.11
N LYS D 251 2.59 6.85 -29.98
CA LYS D 251 2.13 6.80 -31.39
C LYS D 251 0.61 6.60 -31.63
N PHE D 252 -0.03 5.67 -30.89
CA PHE D 252 -1.40 5.23 -31.16
C PHE D 252 -2.43 5.48 -30.04
N GLY D 253 -1.96 5.97 -28.88
CA GLY D 253 -2.85 6.20 -27.72
C GLY D 253 -3.25 4.96 -26.89
N SER D 254 -2.95 3.76 -27.40
CA SER D 254 -3.19 2.50 -26.64
C SER D 254 -2.59 1.29 -27.34
N ILE D 255 -2.65 0.13 -26.68
CA ILE D 255 -2.16 -1.13 -27.27
C ILE D 255 -3.32 -1.88 -27.83
N HIS D 256 -3.11 -2.41 -29.03
CA HIS D 256 -4.13 -3.13 -29.77
C HIS D 256 -3.49 -4.48 -30.06
N ARG D 257 -3.81 -5.41 -29.19
CA ARG D 257 -3.19 -6.70 -29.26
C ARG D 257 -3.87 -7.49 -30.36
N GLY D 258 -3.07 -8.26 -31.10
CA GLY D 258 -3.59 -9.21 -32.08
C GLY D 258 -3.14 -10.63 -31.78
N LEU D 259 -3.43 -11.53 -32.70
CA LEU D 259 -3.34 -12.97 -32.44
C LEU D 259 -2.25 -13.57 -33.30
N MET D 260 -1.45 -14.44 -32.69
CA MET D 260 -0.52 -15.31 -33.41
C MET D 260 -1.02 -16.78 -33.41
N GLY D 261 -1.57 -17.21 -32.27
CA GLY D 261 -2.02 -18.60 -32.02
C GLY D 261 -0.93 -19.63 -31.69
N ILE D 262 -0.01 -19.24 -30.84
CA ILE D 262 1.19 -19.97 -30.54
C ILE D 262 1.20 -20.17 -29.04
N PHE D 263 1.21 -21.41 -28.57
CA PHE D 263 1.46 -21.72 -27.18
C PHE D 263 2.87 -22.17 -27.04
N VAL D 264 3.57 -21.75 -25.99
CA VAL D 264 4.98 -22.04 -25.90
C VAL D 264 5.38 -22.41 -24.48
N GLN D 265 6.42 -23.20 -24.32
CA GLN D 265 6.90 -23.55 -22.97
C GLN D 265 8.40 -23.51 -22.87
N HIS D 266 8.87 -23.40 -21.63
CA HIS D 266 10.30 -23.33 -21.31
C HIS D 266 11.00 -24.55 -21.88
N LEU D 267 12.14 -24.32 -22.53
CA LEU D 267 12.97 -25.39 -23.06
C LEU D 267 14.04 -25.71 -21.99
N THR D 268 13.77 -26.81 -21.27
CA THR D 268 14.66 -27.34 -20.25
C THR D 268 15.73 -28.15 -20.97
N PRO D 269 16.84 -28.40 -20.29
CA PRO D 269 17.95 -29.28 -20.76
C PRO D 269 17.51 -30.66 -21.25
N GLU D 270 16.67 -31.29 -20.44
CA GLU D 270 16.09 -32.60 -20.71
C GLU D 270 15.28 -32.68 -22.02
N LEU D 271 14.43 -31.67 -22.18
CA LEU D 271 13.59 -31.59 -23.35
C LEU D 271 14.49 -31.42 -24.57
N ALA D 272 15.49 -30.55 -24.44
CA ALA D 272 16.43 -30.34 -25.52
C ALA D 272 17.08 -31.66 -25.89
N GLN D 273 17.60 -32.34 -24.87
CA GLN D 273 18.30 -33.60 -25.14
C GLN D 273 17.33 -34.56 -25.76
N ALA D 274 16.17 -34.71 -25.11
CA ALA D 274 15.13 -35.61 -25.58
C ALA D 274 14.77 -35.42 -27.04
N MET D 275 14.80 -34.18 -27.54
CA MET D 275 14.40 -33.87 -28.94
C MET D 275 15.57 -33.77 -29.95
N GLY D 276 16.77 -34.13 -29.51
CA GLY D 276 17.96 -34.20 -30.40
C GLY D 276 18.81 -32.94 -30.42
N TYR D 277 18.81 -32.19 -29.32
CA TYR D 277 19.50 -30.88 -29.25
C TYR D 277 20.46 -30.78 -28.03
N PRO D 278 21.53 -29.98 -28.13
CA PRO D 278 22.47 -29.82 -27.00
C PRO D 278 21.78 -29.39 -25.73
N GLU D 279 22.35 -29.76 -24.60
CA GLU D 279 21.77 -29.42 -23.32
C GLU D 279 21.52 -27.94 -23.23
N ASP D 280 22.53 -27.14 -23.50
CA ASP D 280 22.44 -25.71 -23.13
C ASP D 280 21.64 -24.88 -24.11
N PHE D 281 21.12 -25.54 -25.14
CA PHE D 281 20.36 -24.94 -26.26
C PHE D 281 19.21 -24.09 -25.78
N GLN D 282 18.96 -23.00 -26.48
CA GLN D 282 18.05 -22.00 -25.98
C GLN D 282 16.95 -21.63 -26.97
N GLY D 283 15.78 -21.34 -26.41
CA GLY D 283 14.64 -20.94 -27.18
C GLY D 283 13.38 -21.45 -26.51
N ALA D 284 12.30 -21.38 -27.27
CA ALA D 284 10.98 -21.53 -26.75
C ALA D 284 10.39 -22.68 -27.53
N LEU D 285 10.04 -23.75 -26.82
CA LEU D 285 9.46 -24.94 -27.42
C LEU D 285 8.06 -24.62 -27.73
N VAL D 286 7.66 -24.91 -28.95
CA VAL D 286 6.27 -24.72 -29.33
C VAL D 286 5.49 -25.98 -28.97
N SER D 287 4.46 -25.86 -28.13
CA SER D 287 3.59 -26.98 -27.73
C SER D 287 2.35 -27.12 -28.56
N GLN D 288 1.88 -26.03 -29.15
CA GLN D 288 0.84 -26.17 -30.17
C GLN D 288 0.72 -24.96 -31.07
N VAL D 289 0.30 -25.23 -32.29
CA VAL D 289 -0.06 -24.22 -33.24
C VAL D 289 -1.55 -24.38 -33.51
N ASN D 290 -2.34 -23.36 -33.21
CA ASN D 290 -3.79 -23.49 -33.36
C ASN D 290 -4.24 -23.60 -34.82
N PRO D 291 -5.26 -24.43 -35.07
CA PRO D 291 -5.83 -24.55 -36.41
C PRO D 291 -6.31 -23.23 -36.97
N ASN D 292 -5.97 -22.94 -38.22
CA ASN D 292 -6.38 -21.70 -38.86
C ASN D 292 -5.83 -20.43 -38.24
N SER D 293 -4.68 -20.53 -37.56
CA SER D 293 -4.06 -19.39 -36.88
C SER D 293 -2.99 -18.80 -37.78
N PRO D 294 -2.61 -17.54 -37.54
CA PRO D 294 -1.57 -17.02 -38.41
C PRO D 294 -0.28 -17.78 -38.31
N ALA D 295 -0.02 -18.41 -37.18
CA ALA D 295 1.19 -19.17 -37.05
C ALA D 295 1.04 -20.46 -37.84
N GLU D 296 -0.16 -21.02 -37.89
CA GLU D 296 -0.36 -22.15 -38.79
C GLU D 296 -0.12 -21.78 -40.25
N LEU D 297 -0.80 -20.74 -40.72
CA LEU D 297 -0.60 -20.25 -42.09
C LEU D 297 0.88 -20.07 -42.37
N ALA D 298 1.61 -19.44 -41.46
CA ALA D 298 3.05 -19.21 -41.67
C ALA D 298 3.84 -20.52 -41.64
N GLY D 299 3.26 -21.58 -41.10
CA GLY D 299 3.86 -22.91 -41.23
C GLY D 299 4.61 -23.40 -40.00
N LEU D 300 4.39 -22.75 -38.86
CA LEU D 300 4.94 -23.19 -37.56
C LEU D 300 4.26 -24.50 -37.14
N LYS D 301 5.03 -25.37 -36.49
CA LYS D 301 4.55 -26.66 -36.04
C LYS D 301 4.98 -26.91 -34.59
N ALA D 302 4.16 -27.70 -33.88
CA ALA D 302 4.45 -28.14 -32.54
C ALA D 302 5.81 -28.83 -32.46
N GLY D 303 6.59 -28.49 -31.46
CA GLY D 303 7.94 -29.04 -31.31
C GLY D 303 9.04 -28.35 -32.08
N ASP D 304 8.68 -27.33 -32.85
CA ASP D 304 9.61 -26.31 -33.29
C ASP D 304 10.19 -25.55 -32.09
N ILE D 305 11.45 -25.16 -32.16
CA ILE D 305 12.02 -24.26 -31.11
C ILE D 305 12.30 -22.87 -31.66
N ILE D 306 11.61 -21.88 -31.13
CA ILE D 306 11.72 -20.51 -31.60
C ILE D 306 13.03 -19.93 -31.07
N THR D 307 13.92 -19.48 -31.95
CA THR D 307 15.17 -18.86 -31.51
C THR D 307 15.17 -17.36 -31.74
N GLN D 308 14.23 -16.84 -32.51
CA GLN D 308 14.21 -15.43 -32.75
C GLN D 308 12.85 -14.94 -33.29
N ILE D 309 12.44 -13.77 -32.81
CA ILE D 309 11.28 -13.09 -33.33
C ILE D 309 11.70 -11.68 -33.73
N ASN D 310 11.47 -11.35 -35.00
CA ASN D 310 11.96 -10.11 -35.57
C ASN D 310 13.44 -9.87 -35.20
N ASP D 311 13.79 -8.81 -34.43
CA ASP D 311 15.22 -8.61 -34.02
C ASP D 311 15.50 -8.90 -32.58
N THR D 312 14.51 -9.39 -31.84
CA THR D 312 14.71 -9.83 -30.47
C THR D 312 15.09 -11.26 -30.53
N LYS D 313 16.09 -11.66 -29.76
CA LYS D 313 16.62 -13.03 -29.77
C LYS D 313 15.98 -13.79 -28.59
N ILE D 314 15.54 -15.03 -28.82
CA ILE D 314 14.66 -15.71 -27.84
C ILE D 314 15.44 -16.79 -27.14
N THR D 315 15.68 -16.59 -25.85
CA THR D 315 16.42 -17.53 -25.03
C THR D 315 15.51 -18.20 -23.95
N GLN D 316 14.32 -17.61 -23.69
CA GLN D 316 13.32 -18.19 -22.77
C GLN D 316 11.87 -18.06 -23.26
N ALA D 317 11.01 -18.96 -22.83
CA ALA D 317 9.63 -19.00 -23.28
C ALA D 317 8.84 -17.71 -23.03
N THR D 318 9.06 -17.12 -21.86
CA THR D 318 8.36 -15.89 -21.44
C THR D 318 8.58 -14.69 -22.39
N GLN D 319 9.74 -14.62 -23.04
CA GLN D 319 9.97 -13.53 -23.99
C GLN D 319 9.00 -13.53 -25.17
N VAL D 320 8.58 -14.74 -25.55
CA VAL D 320 7.71 -14.90 -26.69
C VAL D 320 6.42 -14.11 -26.48
N LYS D 321 5.75 -14.32 -25.35
CA LYS D 321 4.54 -13.55 -25.06
C LYS D 321 4.81 -12.04 -25.15
N THR D 322 5.89 -11.58 -24.55
CA THR D 322 6.08 -10.16 -24.43
C THR D 322 6.47 -9.61 -25.80
N THR D 323 7.39 -10.26 -26.52
CA THR D 323 7.72 -9.76 -27.87
C THR D 323 6.55 -9.66 -28.81
N ILE D 324 5.54 -10.52 -28.66
CA ILE D 324 4.50 -10.67 -29.67
C ILE D 324 3.21 -9.97 -29.29
N SER D 325 2.81 -10.09 -28.03
CA SER D 325 1.65 -9.33 -27.49
C SER D 325 1.65 -7.87 -27.88
N LEU D 326 2.78 -7.21 -27.80
CA LEU D 326 2.81 -5.79 -28.18
C LEU D 326 2.95 -5.55 -29.70
N LEU D 327 2.94 -6.59 -30.52
CA LEU D 327 3.01 -6.41 -31.98
C LEU D 327 1.62 -6.06 -32.53
N ARG D 328 1.59 -5.11 -33.44
CA ARG D 328 0.33 -4.56 -33.98
C ARG D 328 -0.34 -5.37 -35.09
N VAL D 329 -1.68 -5.33 -35.12
CA VAL D 329 -2.38 -6.09 -36.17
C VAL D 329 -1.96 -5.52 -37.47
N GLY D 330 -1.72 -6.40 -38.44
CA GLY D 330 -1.18 -6.03 -39.74
C GLY D 330 0.32 -6.23 -39.93
N SER D 331 1.07 -6.41 -38.86
CA SER D 331 2.52 -6.57 -38.91
C SER D 331 2.96 -7.91 -39.50
N THR D 332 4.07 -7.94 -40.24
CA THR D 332 4.73 -9.17 -40.60
C THR D 332 5.76 -9.51 -39.49
N VAL D 333 5.63 -10.68 -38.89
CA VAL D 333 6.53 -11.13 -37.84
C VAL D 333 7.43 -12.25 -38.36
N LYS D 334 8.75 -12.10 -38.22
CA LYS D 334 9.65 -13.14 -38.72
C LYS D 334 10.01 -14.03 -37.56
N ILE D 335 9.62 -15.30 -37.67
CA ILE D 335 9.82 -16.26 -36.60
C ILE D 335 10.86 -17.23 -37.05
N ILE D 336 11.93 -17.32 -36.31
CA ILE D 336 13.04 -18.15 -36.71
C ILE D 336 13.09 -19.31 -35.76
N VAL D 337 13.26 -20.49 -36.32
CA VAL D 337 12.96 -21.71 -35.65
C VAL D 337 14.04 -22.70 -35.93
N GLU D 338 14.19 -23.65 -35.02
CA GLU D 338 14.91 -24.82 -35.33
C GLU D 338 13.93 -25.98 -35.34
N ARG D 339 13.96 -26.71 -36.42
CA ARG D 339 13.11 -27.86 -36.60
C ARG D 339 14.00 -28.98 -37.06
N ASP D 340 14.18 -29.96 -36.17
CA ASP D 340 15.08 -31.08 -36.41
C ASP D 340 16.48 -30.53 -36.76
N ASN D 341 16.97 -29.58 -35.97
CA ASN D 341 18.31 -29.05 -36.16
C ASN D 341 18.52 -28.35 -37.51
N LYS D 342 17.45 -28.06 -38.24
CA LYS D 342 17.50 -27.17 -39.42
C LYS D 342 16.91 -25.84 -38.94
N PRO D 343 17.52 -24.71 -39.35
CA PRO D 343 16.94 -23.41 -39.12
C PRO D 343 15.96 -23.14 -40.20
N LEU D 344 14.76 -22.71 -39.83
CA LEU D 344 13.83 -22.15 -40.82
C LEU D 344 13.42 -20.77 -40.35
N THR D 345 12.98 -19.95 -41.29
CA THR D 345 12.47 -18.62 -41.03
C THR D 345 11.07 -18.52 -41.62
N LEU D 346 10.09 -18.35 -40.75
CA LEU D 346 8.71 -18.28 -41.18
C LEU D 346 8.30 -16.84 -41.12
N SER D 347 7.25 -16.50 -41.85
CA SER D 347 6.70 -15.15 -41.78
C SER D 347 5.20 -15.20 -41.60
N ALA D 348 4.70 -14.44 -40.66
CA ALA D 348 3.31 -14.51 -40.28
C ALA D 348 2.77 -13.11 -40.07
N VAL D 349 1.48 -12.97 -40.26
CA VAL D 349 0.82 -11.67 -40.15
C VAL D 349 -0.10 -11.71 -38.98
N VAL D 350 0.14 -10.82 -37.99
CA VAL D 350 -0.69 -10.71 -36.81
C VAL D 350 -2.09 -10.32 -37.24
N THR D 351 -3.09 -11.14 -36.97
CA THR D 351 -4.47 -10.74 -37.30
C THR D 351 -5.21 -10.13 -36.16
N ASP D 352 -6.31 -9.46 -36.45
CA ASP D 352 -7.15 -8.94 -35.40
C ASP D 352 -7.85 -10.11 -34.72
N ILE D 353 -7.86 -10.11 -33.39
CA ILE D 353 -8.55 -11.18 -32.63
C ILE D 353 -10.01 -11.32 -33.04
N LYS D 354 -10.75 -10.21 -33.02
CA LYS D 354 -12.19 -10.28 -33.33
C LYS D 354 -12.37 -10.83 -34.72
N SER D 355 -11.56 -10.40 -35.67
CA SER D 355 -11.72 -10.85 -37.05
C SER D 355 -11.41 -12.31 -37.22
N HIS D 356 -10.47 -12.82 -36.42
CA HIS D 356 -10.11 -14.23 -36.47
C HIS D 356 -11.26 -15.09 -35.94
N GLU D 357 -11.76 -14.73 -34.77
CA GLU D 357 -12.88 -15.48 -34.20
C GLU D 357 -14.11 -15.37 -35.13
N GLN D 358 -14.32 -14.20 -35.70
CA GLN D 358 -15.28 -14.03 -36.77
C GLN D 358 -15.00 -15.06 -37.88
N LYS D 359 -13.77 -15.26 -38.29
CA LYS D 359 -13.50 -16.22 -39.39
C LYS D 359 -13.79 -17.64 -38.98
N LEU D 360 -13.37 -18.04 -37.78
CA LEU D 360 -13.66 -19.38 -37.26
C LEU D 360 -15.15 -19.55 -37.16
N GLN D 361 -15.83 -18.54 -36.64
CA GLN D 361 -17.32 -18.57 -36.52
C GLN D 361 -18.05 -18.88 -37.81
N SER D 362 -17.91 -18.06 -38.84
CA SER D 362 -18.71 -18.28 -40.08
C SER D 362 -18.20 -19.44 -40.97
N ASN D 363 -17.02 -19.93 -40.66
CA ASN D 363 -16.42 -21.06 -41.33
C ASN D 363 -17.02 -22.33 -40.74
N ASN D 364 -17.61 -22.21 -39.56
CA ASN D 364 -18.16 -23.36 -38.87
C ASN D 364 -19.42 -22.85 -38.15
N PRO D 365 -20.47 -22.56 -38.93
CA PRO D 365 -21.44 -21.60 -38.41
C PRO D 365 -22.33 -22.09 -37.29
N PHE D 366 -22.52 -23.41 -37.17
CA PHE D 366 -23.43 -23.94 -36.17
C PHE D 366 -22.72 -24.65 -34.99
N LEU D 367 -21.57 -25.25 -35.24
CA LEU D 367 -20.95 -26.08 -34.26
C LEU D 367 -19.78 -25.41 -33.62
N TYR D 368 -19.46 -24.20 -34.04
CA TYR D 368 -18.36 -23.50 -33.42
C TYR D 368 -18.58 -23.36 -31.89
N GLY D 369 -17.54 -23.65 -31.13
CA GLY D 369 -17.53 -23.39 -29.70
C GLY D 369 -18.02 -24.58 -28.94
N LEU D 370 -18.37 -25.65 -29.66
CA LEU D 370 -18.98 -26.81 -29.05
C LEU D 370 -17.98 -27.93 -28.94
N ALA D 371 -17.83 -28.49 -27.74
CA ALA D 371 -17.04 -29.70 -27.58
C ALA D 371 -18.02 -30.86 -27.60
N LEU D 372 -17.69 -31.90 -28.37
CA LEU D 372 -18.66 -32.90 -28.78
C LEU D 372 -18.08 -34.28 -28.77
N ARG D 373 -18.88 -35.29 -28.40
CA ARG D 373 -18.43 -36.69 -28.43
C ARG D 373 -19.56 -37.64 -28.74
N ALA D 374 -19.22 -38.75 -29.35
CA ALA D 374 -20.19 -39.81 -29.64
C ALA D 374 -20.75 -40.36 -28.32
N PHE D 375 -22.04 -40.71 -28.29
CA PHE D 375 -22.75 -41.07 -27.07
C PHE D 375 -23.75 -42.19 -27.38
N GLU D 376 -23.59 -43.33 -26.70
CA GLU D 376 -24.60 -44.41 -26.65
C GLU D 376 -24.77 -44.85 -25.22
N GLN D 377 -25.98 -44.85 -24.74
CA GLN D 377 -26.23 -45.16 -23.35
C GLN D 377 -27.69 -45.44 -23.14
N GLU D 378 -28.00 -46.51 -22.41
CA GLU D 378 -29.38 -46.70 -21.97
C GLU D 378 -29.67 -45.64 -20.94
N SER D 379 -30.78 -44.93 -21.10
CA SER D 379 -31.07 -43.75 -20.30
C SER D 379 -32.54 -43.71 -20.02
N PRO D 380 -33.02 -44.53 -19.06
CA PRO D 380 -34.43 -44.37 -18.66
C PRO D 380 -34.75 -42.90 -18.40
N PRO D 381 -35.90 -42.43 -18.91
CA PRO D 381 -36.99 -43.14 -19.59
C PRO D 381 -36.88 -43.17 -21.13
N HIS D 382 -35.76 -42.68 -21.70
CA HIS D 382 -35.69 -42.52 -23.14
C HIS D 382 -35.36 -43.75 -23.89
N GLY D 383 -34.90 -44.80 -23.20
CA GLY D 383 -34.49 -46.05 -23.85
C GLY D 383 -33.05 -45.91 -24.25
N ASN D 384 -32.67 -46.55 -25.36
CA ASN D 384 -31.29 -46.42 -25.80
C ASN D 384 -31.08 -45.11 -26.57
N VAL D 385 -30.41 -44.15 -25.94
CA VAL D 385 -30.11 -42.86 -26.53
C VAL D 385 -28.81 -42.95 -27.30
N ILE D 386 -28.90 -42.84 -28.63
CA ILE D 386 -27.73 -42.69 -29.51
C ILE D 386 -27.68 -41.26 -30.03
N GLY D 387 -26.53 -40.59 -29.89
CA GLY D 387 -26.40 -39.20 -30.37
C GLY D 387 -25.04 -38.59 -30.10
N VAL D 388 -24.96 -37.27 -30.07
CA VAL D 388 -23.72 -36.60 -29.78
C VAL D 388 -23.95 -35.74 -28.58
N GLN D 389 -23.23 -36.06 -27.52
CA GLN D 389 -23.24 -35.30 -26.29
C GLN D 389 -22.47 -34.01 -26.45
N VAL D 390 -23.06 -32.92 -25.98
CA VAL D 390 -22.39 -31.65 -25.89
C VAL D 390 -21.66 -31.60 -24.55
N VAL D 391 -20.34 -31.63 -24.63
CA VAL D 391 -19.47 -31.72 -23.47
C VAL D 391 -19.12 -30.37 -22.98
N GLY D 392 -18.95 -29.42 -23.89
CA GLY D 392 -18.70 -28.01 -23.54
C GLY D 392 -19.35 -27.14 -24.58
N ALA D 393 -19.70 -25.91 -24.21
CA ALA D 393 -20.29 -24.99 -25.11
C ALA D 393 -19.87 -23.59 -24.74
N SER D 394 -19.02 -22.99 -25.54
CA SER D 394 -18.65 -21.63 -25.32
C SER D 394 -19.83 -20.69 -25.19
N GLU D 395 -19.80 -19.81 -24.21
CA GLU D 395 -20.96 -18.92 -24.00
C GLU D 395 -21.16 -17.92 -25.09
N ASN D 396 -20.21 -17.80 -26.01
CA ASN D 396 -20.43 -16.96 -27.17
C ASN D 396 -20.80 -17.72 -28.46
N SER D 397 -21.07 -19.01 -28.39
CA SER D 397 -21.35 -19.76 -29.61
C SER D 397 -22.77 -19.54 -30.16
N ALA D 398 -23.01 -19.90 -31.42
CA ALA D 398 -24.38 -19.90 -31.91
C ALA D 398 -25.23 -20.94 -31.19
N GLY D 399 -24.62 -22.03 -30.80
CA GLY D 399 -25.28 -23.06 -30.07
C GLY D 399 -25.76 -22.62 -28.71
N TRP D 400 -24.92 -21.91 -27.99
CA TRP D 400 -25.29 -21.40 -26.66
C TRP D 400 -26.43 -20.42 -26.81
N ARG D 401 -26.30 -19.52 -27.74
CA ARG D 401 -27.37 -18.57 -28.05
C ARG D 401 -28.74 -19.23 -28.33
N ALA D 402 -28.74 -20.30 -29.15
CA ALA D 402 -29.97 -21.03 -29.46
C ALA D 402 -30.53 -21.79 -28.25
N GLY D 403 -29.73 -22.04 -27.23
CA GLY D 403 -30.27 -22.79 -26.09
C GLY D 403 -29.59 -24.06 -25.70
N ILE D 404 -28.54 -24.45 -26.44
CA ILE D 404 -27.82 -25.66 -26.11
C ILE D 404 -26.92 -25.48 -24.90
N ARG D 405 -26.84 -26.50 -24.04
CA ARG D 405 -26.03 -26.44 -22.80
C ARG D 405 -25.24 -27.72 -22.64
N PRO D 406 -24.10 -27.61 -21.95
CA PRO D 406 -23.34 -28.83 -21.70
C PRO D 406 -24.22 -29.90 -21.07
N GLY D 407 -24.01 -31.14 -21.43
CA GLY D 407 -24.88 -32.21 -20.95
C GLY D 407 -25.91 -32.63 -21.97
N ASP D 408 -26.34 -31.71 -22.85
CA ASP D 408 -27.37 -32.05 -23.81
C ASP D 408 -26.83 -33.10 -24.76
N ILE D 409 -27.75 -33.91 -25.28
CA ILE D 409 -27.45 -34.94 -26.27
C ILE D 409 -28.29 -34.55 -27.54
N ILE D 410 -27.56 -34.28 -28.63
CA ILE D 410 -28.15 -34.07 -29.90
C ILE D 410 -28.49 -35.41 -30.50
N ILE D 411 -29.77 -35.69 -30.63
CA ILE D 411 -30.16 -36.97 -31.16
C ILE D 411 -30.65 -36.85 -32.59
N SER D 412 -30.99 -35.65 -33.04
CA SER D 412 -31.23 -35.52 -34.45
C SER D 412 -30.90 -34.10 -34.92
N ALA D 413 -30.56 -34.04 -36.20
CA ALA D 413 -30.22 -32.82 -36.92
C ALA D 413 -30.86 -32.80 -38.33
N ASN D 414 -31.43 -31.65 -38.68
CA ASN D 414 -32.28 -31.50 -39.86
C ASN D 414 -33.07 -32.74 -40.13
N LYS D 415 -33.68 -33.19 -39.07
CA LYS D 415 -34.54 -34.38 -39.05
C LYS D 415 -33.93 -35.72 -39.39
N LYS D 416 -32.62 -35.89 -39.23
CA LYS D 416 -32.01 -37.17 -39.40
C LYS D 416 -31.31 -37.54 -38.12
N PRO D 417 -31.21 -38.85 -37.88
CA PRO D 417 -30.53 -39.38 -36.72
C PRO D 417 -29.05 -39.02 -36.73
N VAL D 418 -28.51 -38.81 -35.53
CA VAL D 418 -27.15 -38.43 -35.37
C VAL D 418 -26.56 -39.58 -34.62
N THR D 419 -25.43 -40.09 -35.11
CA THR D 419 -24.78 -41.21 -34.46
C THR D 419 -23.40 -40.77 -33.96
N ASP D 420 -22.44 -40.52 -34.82
CA ASP D 420 -21.15 -40.07 -34.32
C ASP D 420 -20.98 -38.58 -34.62
N VAL D 421 -19.86 -38.01 -34.23
CA VAL D 421 -19.58 -36.60 -34.43
C VAL D 421 -19.54 -36.20 -35.91
N LYS D 422 -18.93 -37.01 -36.78
CA LYS D 422 -18.89 -36.73 -38.22
C LYS D 422 -20.32 -36.66 -38.81
N SER D 423 -21.21 -37.49 -38.29
CA SER D 423 -22.57 -37.53 -38.82
C SER D 423 -23.24 -36.18 -38.56
N LEU D 424 -22.91 -35.55 -37.43
CA LEU D 424 -23.47 -34.26 -37.10
C LEU D 424 -22.80 -33.17 -37.91
N GLN D 425 -21.48 -33.23 -38.03
CA GLN D 425 -20.73 -32.29 -38.90
C GLN D 425 -21.19 -32.25 -40.36
N THR D 426 -21.50 -33.41 -40.91
CA THR D 426 -21.99 -33.55 -42.30
C THR D 426 -23.38 -32.99 -42.45
N ILE D 427 -24.31 -33.37 -41.57
CA ILE D 427 -25.60 -32.77 -41.64
C ILE D 427 -25.49 -31.28 -41.44
N ALA D 428 -24.59 -30.84 -40.55
CA ALA D 428 -24.47 -29.37 -40.28
C ALA D 428 -24.17 -28.58 -41.56
N GLN D 429 -23.41 -29.19 -42.46
CA GLN D 429 -23.10 -28.58 -43.74
C GLN D 429 -24.24 -28.58 -44.76
N GLU D 430 -25.43 -29.07 -44.43
CA GLU D 430 -26.54 -28.88 -45.33
C GLU D 430 -26.78 -27.39 -45.51
N LYS D 431 -26.92 -26.98 -46.75
CA LYS D 431 -26.51 -25.57 -47.08
C LYS D 431 -27.61 -24.63 -46.64
N LYS D 432 -27.57 -24.28 -45.35
CA LYS D 432 -28.65 -23.47 -44.79
C LYS D 432 -28.15 -22.28 -44.01
N LYS D 433 -29.13 -21.54 -43.54
CA LYS D 433 -28.89 -20.48 -42.59
C LYS D 433 -29.41 -20.90 -41.20
N GLU D 434 -29.71 -22.18 -41.03
CA GLU D 434 -30.21 -22.73 -39.79
C GLU D 434 -29.92 -24.22 -39.73
N LEU D 435 -29.61 -24.69 -38.52
CA LEU D 435 -29.50 -26.08 -38.21
C LEU D 435 -30.57 -26.36 -37.17
N LEU D 436 -31.41 -27.34 -37.50
CA LEU D 436 -32.44 -27.80 -36.63
C LEU D 436 -31.90 -28.98 -35.80
N VAL D 437 -31.92 -28.83 -34.48
CA VAL D 437 -31.41 -29.89 -33.60
C VAL D 437 -32.45 -30.31 -32.58
N GLN D 438 -32.55 -31.61 -32.37
CA GLN D 438 -33.38 -32.15 -31.32
C GLN D 438 -32.47 -32.58 -30.19
N VAL D 439 -32.65 -31.95 -29.01
CA VAL D 439 -31.78 -32.25 -27.89
C VAL D 439 -32.53 -32.88 -26.76
N LEU D 440 -31.86 -33.82 -26.14
CA LEU D 440 -32.41 -34.55 -25.03
C LEU D 440 -31.68 -33.96 -23.82
N ARG D 441 -32.45 -33.58 -22.82
CA ARG D 441 -31.86 -32.95 -21.61
C ARG D 441 -32.52 -33.51 -20.37
N GLY D 442 -31.80 -34.35 -19.67
CA GLY D 442 -32.39 -35.13 -18.60
C GLY D 442 -33.56 -35.94 -19.12
N PRO D 443 -34.77 -35.72 -18.59
CA PRO D 443 -35.92 -36.52 -19.00
C PRO D 443 -36.68 -35.88 -20.15
N GLY D 444 -36.33 -34.63 -20.48
CA GLY D 444 -36.99 -33.86 -21.53
C GLY D 444 -36.24 -33.79 -22.85
N SER D 445 -36.77 -32.99 -23.74
CA SER D 445 -36.36 -32.93 -25.08
C SER D 445 -36.86 -31.62 -25.56
N MET D 446 -36.27 -31.16 -26.65
CA MET D 446 -36.65 -29.89 -27.22
C MET D 446 -35.98 -29.72 -28.56
N TYR D 447 -36.70 -29.07 -29.47
CA TYR D 447 -36.14 -28.67 -30.71
C TYR D 447 -35.53 -27.26 -30.55
N LEU D 448 -34.32 -27.06 -31.06
CA LEU D 448 -33.72 -25.73 -31.15
C LEU D 448 -33.28 -25.44 -32.56
N LEU D 449 -33.20 -24.20 -32.90
CA LEU D 449 -32.71 -23.80 -34.18
C LEU D 449 -31.47 -23.01 -33.96
N VAL D 450 -30.37 -23.53 -34.51
CA VAL D 450 -29.14 -22.81 -34.40
C VAL D 450 -28.97 -21.93 -35.61
N ILE D 451 -28.72 -20.64 -35.41
CA ILE D 451 -28.60 -19.70 -36.50
C ILE D 451 -27.37 -18.84 -36.31
#